data_1TC3
# 
_entry.id   1TC3 
# 
_audit_conform.dict_name       mmcif_pdbx.dic 
_audit_conform.dict_version    5.386 
_audit_conform.dict_location   http://mmcif.pdb.org/dictionaries/ascii/mmcif_pdbx.dic 
# 
loop_
_database_2.database_id 
_database_2.database_code 
_database_2.pdbx_database_accession 
_database_2.pdbx_DOI 
PDB   1TC3         pdb_00001tc3 10.2210/pdb1tc3/pdb 
RCSB  PDE0128      ?            ?                   
WWPDB D_1000176606 ?            ?                   
# 
loop_
_pdbx_audit_revision_history.ordinal 
_pdbx_audit_revision_history.data_content_type 
_pdbx_audit_revision_history.major_revision 
_pdbx_audit_revision_history.minor_revision 
_pdbx_audit_revision_history.revision_date 
1 'Structure model' 1 0 1997-11-21 
2 'Structure model' 1 1 2008-05-22 
3 'Structure model' 1 2 2011-07-13 
4 'Structure model' 1 3 2024-02-14 
# 
_pdbx_audit_revision_details.ordinal             1 
_pdbx_audit_revision_details.revision_ordinal    1 
_pdbx_audit_revision_details.data_content_type   'Structure model' 
_pdbx_audit_revision_details.provider            repository 
_pdbx_audit_revision_details.type                'Initial release' 
_pdbx_audit_revision_details.description         ? 
_pdbx_audit_revision_details.details             ? 
# 
loop_
_pdbx_audit_revision_group.ordinal 
_pdbx_audit_revision_group.revision_ordinal 
_pdbx_audit_revision_group.data_content_type 
_pdbx_audit_revision_group.group 
1 2 'Structure model' 'Version format compliance' 
2 3 'Structure model' 'Version format compliance' 
3 4 'Structure model' 'Data collection'           
4 4 'Structure model' 'Database references'       
# 
loop_
_pdbx_audit_revision_category.ordinal 
_pdbx_audit_revision_category.revision_ordinal 
_pdbx_audit_revision_category.data_content_type 
_pdbx_audit_revision_category.category 
1 4 'Structure model' chem_comp_atom     
2 4 'Structure model' chem_comp_bond     
3 4 'Structure model' database_2         
4 4 'Structure model' diffrn_source      
5 4 'Structure model' struct_ref_seq_dif 
# 
loop_
_pdbx_audit_revision_item.ordinal 
_pdbx_audit_revision_item.revision_ordinal 
_pdbx_audit_revision_item.data_content_type 
_pdbx_audit_revision_item.item 
1 4 'Structure model' '_database_2.pdbx_DOI'                 
2 4 'Structure model' '_database_2.pdbx_database_accession'  
3 4 'Structure model' '_diffrn_source.pdbx_synchrotron_site' 
4 4 'Structure model' '_struct_ref_seq_dif.details'          
# 
_pdbx_database_status.status_code                     REL 
_pdbx_database_status.entry_id                        1TC3 
_pdbx_database_status.recvd_initial_deposition_date   1997-07-07 
_pdbx_database_status.deposit_site                    BNL 
_pdbx_database_status.process_site                    NDB 
_pdbx_database_status.status_code_sf                  REL 
_pdbx_database_status.status_code_mr                  ? 
_pdbx_database_status.SG_entry                        ? 
_pdbx_database_status.pdb_format_compatible           Y 
_pdbx_database_status.status_code_cs                  ? 
_pdbx_database_status.status_code_nmr_data            ? 
_pdbx_database_status.methods_development_category    ? 
# 
loop_
_audit_author.name 
_audit_author.pdbx_ordinal 
'Van Pouderoyen, G.' 1 
'Ketting, R.F.'      2 
'Perrakis, A.'       3 
'Plasterk, R.H.A.'   4 
'Sixma, T.K.'        5 
# 
_citation.id                        primary 
_citation.title                     
'Crystal structure of the specific DNA-binding domain of Tc3 transposase of C.elegans in complex with transposon DNA.' 
_citation.journal_abbrev            'EMBO J.' 
_citation.journal_volume            16 
_citation.page_first                6044 
_citation.page_last                 6054 
_citation.year                      1997 
_citation.journal_id_ASTM           EMJODG 
_citation.country                   UK 
_citation.journal_id_ISSN           0261-4189 
_citation.journal_id_CSD            0897 
_citation.book_publisher            ? 
_citation.pdbx_database_id_PubMed   9312061 
_citation.pdbx_database_id_DOI      10.1093/emboj/16.19.6044 
# 
loop_
_citation_author.citation_id 
_citation_author.name 
_citation_author.ordinal 
_citation_author.identifier_ORCID 
primary 'van Pouderoyen, G.' 1 ? 
primary 'Ketting, R.F.'      2 ? 
primary 'Perrakis, A.'       3 ? 
primary 'Plasterk, R.H.'     4 ? 
primary 'Sixma, T.K.'        5 ? 
# 
loop_
_entity.id 
_entity.type 
_entity.src_method 
_entity.pdbx_description 
_entity.formula_weight 
_entity.pdbx_number_of_molecules 
_entity.pdbx_ec 
_entity.pdbx_mutation 
_entity.pdbx_fragment 
_entity.details 
1 polymer syn 
;DNA (5'-D(*AP*GP*GP*GP*GP*GP*GP*GP*TP*CP*CP*TP*AP*TP*AP*GP*A P*AP*CP*TP*T)-3')
;
6543.232 1  ? ?                      ?                                              ? 
2 polymer syn 
;DNA (5'-D(*AP*GP*TP*TP*CP*TP*AP*TP*AP*GP*GP*AP*CP*CP*CP*CP*C P*CP*CP*T)-3')
;
6029.904 1  ? ?                      ?                                              ? 
3 polymer man 'PROTEIN (TC3 TRANSPOSASE)'                                                      5813.720 1  ? 
'C-TERMINAL 6-HIS TAG' 'SPECIFIC DNA BINDING DOMAIN, RESIDUES 2 - 52' ? 
4 water   nat water                                                                            18.015   49 ? ? ? ? 
# 
loop_
_entity_poly.entity_id 
_entity_poly.type 
_entity_poly.nstd_linkage 
_entity_poly.nstd_monomer 
_entity_poly.pdbx_seq_one_letter_code 
_entity_poly.pdbx_seq_one_letter_code_can 
_entity_poly.pdbx_strand_id 
_entity_poly.pdbx_target_identifier 
1 polydeoxyribonucleotide no no 
;(DA)(DG)(DG)(DG)(DG)(DG)(DG)(DG)(DT)(DC)(DC)(DT)(DA)(DT)(DA)(DG)(DA)(DA)(DC)(DT)
(DT)
;
AGGGGGGGTCCTATAGAACTT                               A ? 
2 polydeoxyribonucleotide no no '(DA)(DG)(DT)(DT)(DC)(DT)(DA)(DT)(DA)(DG)(DG)(DA)(DC)(DC)(DC)(DC)(DC)(DC)(DC)(DT)'      
AGTTCTATAGGACCCCCCCT                                B ? 
3 'polypeptide(L)'        no no PRGSALSDTERAQLDVMKLLNVSLHEMSRKISRSRHCIRVYLKDPVSYGTS                                     
PRGSALSDTERAQLDVMKLLNVSLHEMSRKISRSRHCIRVYLKDPVSYGTS C ? 
# 
_pdbx_entity_nonpoly.entity_id   4 
_pdbx_entity_nonpoly.name        water 
_pdbx_entity_nonpoly.comp_id     HOH 
# 
loop_
_entity_poly_seq.entity_id 
_entity_poly_seq.num 
_entity_poly_seq.mon_id 
_entity_poly_seq.hetero 
1 1  DA  n 
1 2  DG  n 
1 3  DG  n 
1 4  DG  n 
1 5  DG  n 
1 6  DG  n 
1 7  DG  n 
1 8  DG  n 
1 9  DT  n 
1 10 DC  n 
1 11 DC  n 
1 12 DT  n 
1 13 DA  n 
1 14 DT  n 
1 15 DA  n 
1 16 DG  n 
1 17 DA  n 
1 18 DA  n 
1 19 DC  n 
1 20 DT  n 
1 21 DT  n 
2 1  DA  n 
2 2  DG  n 
2 3  DT  n 
2 4  DT  n 
2 5  DC  n 
2 6  DT  n 
2 7  DA  n 
2 8  DT  n 
2 9  DA  n 
2 10 DG  n 
2 11 DG  n 
2 12 DA  n 
2 13 DC  n 
2 14 DC  n 
2 15 DC  n 
2 16 DC  n 
2 17 DC  n 
2 18 DC  n 
2 19 DC  n 
2 20 DT  n 
3 1  PRO n 
3 2  ARG n 
3 3  GLY n 
3 4  SER n 
3 5  ALA n 
3 6  LEU n 
3 7  SER n 
3 8  ASP n 
3 9  THR n 
3 10 GLU n 
3 11 ARG n 
3 12 ALA n 
3 13 GLN n 
3 14 LEU n 
3 15 ASP n 
3 16 VAL n 
3 17 MET n 
3 18 LYS n 
3 19 LEU n 
3 20 LEU n 
3 21 ASN n 
3 22 VAL n 
3 23 SER n 
3 24 LEU n 
3 25 HIS n 
3 26 GLU n 
3 27 MET n 
3 28 SER n 
3 29 ARG n 
3 30 LYS n 
3 31 ILE n 
3 32 SER n 
3 33 ARG n 
3 34 SER n 
3 35 ARG n 
3 36 HIS n 
3 37 CYS n 
3 38 ILE n 
3 39 ARG n 
3 40 VAL n 
3 41 TYR n 
3 42 LEU n 
3 43 LYS n 
3 44 ASP n 
3 45 PRO n 
3 46 VAL n 
3 47 SER n 
3 48 TYR n 
3 49 GLY n 
3 50 THR n 
3 51 SER n 
# 
_entity_src_gen.entity_id                          3 
_entity_src_gen.pdbx_src_id                        1 
_entity_src_gen.pdbx_alt_source_flag               sample 
_entity_src_gen.pdbx_seq_type                      ? 
_entity_src_gen.pdbx_beg_seq_num                   ? 
_entity_src_gen.pdbx_end_seq_num                   ? 
_entity_src_gen.gene_src_common_name               ? 
_entity_src_gen.gene_src_genus                     Caenorhabditis 
_entity_src_gen.pdbx_gene_src_gene                 TC3A 
_entity_src_gen.gene_src_species                   ? 
_entity_src_gen.gene_src_strain                    BERGERAC 
_entity_src_gen.gene_src_tissue                    ? 
_entity_src_gen.gene_src_tissue_fraction           ? 
_entity_src_gen.gene_src_details                   ? 
_entity_src_gen.pdbx_gene_src_fragment             ? 
_entity_src_gen.pdbx_gene_src_scientific_name      'Caenorhabditis elegans' 
_entity_src_gen.pdbx_gene_src_ncbi_taxonomy_id     6239 
_entity_src_gen.pdbx_gene_src_variant              TR679 
_entity_src_gen.pdbx_gene_src_cell_line            ? 
_entity_src_gen.pdbx_gene_src_atcc                 ? 
_entity_src_gen.pdbx_gene_src_organ                ? 
_entity_src_gen.pdbx_gene_src_organelle            NUCLEUS 
_entity_src_gen.pdbx_gene_src_cell                 ? 
_entity_src_gen.pdbx_gene_src_cellular_location    ? 
_entity_src_gen.host_org_common_name               ? 
_entity_src_gen.pdbx_host_org_scientific_name      'Escherichia coli' 
_entity_src_gen.pdbx_host_org_ncbi_taxonomy_id     562 
_entity_src_gen.host_org_genus                     Escherichia 
_entity_src_gen.pdbx_host_org_gene                 'TC3A N1-65' 
_entity_src_gen.pdbx_host_org_organ                ? 
_entity_src_gen.host_org_species                   ? 
_entity_src_gen.pdbx_host_org_tissue               ? 
_entity_src_gen.pdbx_host_org_tissue_fraction      ? 
_entity_src_gen.pdbx_host_org_strain               'BL21 (DE3) PLYSS' 
_entity_src_gen.pdbx_host_org_variant              ? 
_entity_src_gen.pdbx_host_org_cell_line            ? 
_entity_src_gen.pdbx_host_org_atcc                 ? 
_entity_src_gen.pdbx_host_org_culture_collection   ? 
_entity_src_gen.pdbx_host_org_cell                 ? 
_entity_src_gen.pdbx_host_org_organelle            ? 
_entity_src_gen.pdbx_host_org_cellular_location    CYTOPLASM 
_entity_src_gen.pdbx_host_org_vector_type          PET3C 
_entity_src_gen.pdbx_host_org_vector               ? 
_entity_src_gen.host_org_details                   ? 
_entity_src_gen.expression_system_id               ? 
_entity_src_gen.plasmid_name                       PRP1200 
_entity_src_gen.plasmid_details                    ? 
_entity_src_gen.pdbx_description                   ? 
# 
loop_
_chem_comp.id 
_chem_comp.type 
_chem_comp.mon_nstd_flag 
_chem_comp.name 
_chem_comp.pdbx_synonyms 
_chem_comp.formula 
_chem_comp.formula_weight 
ALA 'L-peptide linking' y ALANINE                              ? 'C3 H7 N O2'      89.093  
ARG 'L-peptide linking' y ARGININE                             ? 'C6 H15 N4 O2 1'  175.209 
ASN 'L-peptide linking' y ASPARAGINE                           ? 'C4 H8 N2 O3'     132.118 
ASP 'L-peptide linking' y 'ASPARTIC ACID'                      ? 'C4 H7 N O4'      133.103 
CYS 'L-peptide linking' y CYSTEINE                             ? 'C3 H7 N O2 S'    121.158 
DA  'DNA linking'       y "2'-DEOXYADENOSINE-5'-MONOPHOSPHATE" ? 'C10 H14 N5 O6 P' 331.222 
DC  'DNA linking'       y "2'-DEOXYCYTIDINE-5'-MONOPHOSPHATE"  ? 'C9 H14 N3 O7 P'  307.197 
DG  'DNA linking'       y "2'-DEOXYGUANOSINE-5'-MONOPHOSPHATE" ? 'C10 H14 N5 O7 P' 347.221 
DT  'DNA linking'       y "THYMIDINE-5'-MONOPHOSPHATE"         ? 'C10 H15 N2 O8 P' 322.208 
GLN 'L-peptide linking' y GLUTAMINE                            ? 'C5 H10 N2 O3'    146.144 
GLU 'L-peptide linking' y 'GLUTAMIC ACID'                      ? 'C5 H9 N O4'      147.129 
GLY 'peptide linking'   y GLYCINE                              ? 'C2 H5 N O2'      75.067  
HIS 'L-peptide linking' y HISTIDINE                            ? 'C6 H10 N3 O2 1'  156.162 
HOH non-polymer         . WATER                                ? 'H2 O'            18.015  
ILE 'L-peptide linking' y ISOLEUCINE                           ? 'C6 H13 N O2'     131.173 
LEU 'L-peptide linking' y LEUCINE                              ? 'C6 H13 N O2'     131.173 
LYS 'L-peptide linking' y LYSINE                               ? 'C6 H15 N2 O2 1'  147.195 
MET 'L-peptide linking' y METHIONINE                           ? 'C5 H11 N O2 S'   149.211 
PRO 'L-peptide linking' y PROLINE                              ? 'C5 H9 N O2'      115.130 
SER 'L-peptide linking' y SERINE                               ? 'C3 H7 N O3'      105.093 
THR 'L-peptide linking' y THREONINE                            ? 'C4 H9 N O3'      119.119 
TYR 'L-peptide linking' y TYROSINE                             ? 'C9 H11 N O3'     181.189 
VAL 'L-peptide linking' y VALINE                               ? 'C5 H11 N O2'     117.146 
# 
loop_
_pdbx_poly_seq_scheme.asym_id 
_pdbx_poly_seq_scheme.entity_id 
_pdbx_poly_seq_scheme.seq_id 
_pdbx_poly_seq_scheme.mon_id 
_pdbx_poly_seq_scheme.ndb_seq_num 
_pdbx_poly_seq_scheme.pdb_seq_num 
_pdbx_poly_seq_scheme.auth_seq_num 
_pdbx_poly_seq_scheme.pdb_mon_id 
_pdbx_poly_seq_scheme.auth_mon_id 
_pdbx_poly_seq_scheme.pdb_strand_id 
_pdbx_poly_seq_scheme.pdb_ins_code 
_pdbx_poly_seq_scheme.hetero 
A 1 1  DA  1  1   1   DA  A   A . n 
A 1 2  DG  2  2   2   DG  G   A . n 
A 1 3  DG  3  3   3   DG  G   A . n 
A 1 4  DG  4  4   4   DG  G   A . n 
A 1 5  DG  5  5   5   DG  G   A . n 
A 1 6  DG  6  6   6   DG  G   A . n 
A 1 7  DG  7  7   7   DG  G   A . n 
A 1 8  DG  8  8   8   DG  G   A . n 
A 1 9  DT  9  9   9   DT  T   A . n 
A 1 10 DC  10 10  10  DC  C   A . n 
A 1 11 DC  11 11  11  DC  C   A . n 
A 1 12 DT  12 12  12  DT  T   A . n 
A 1 13 DA  13 13  13  DA  A   A . n 
A 1 14 DT  14 14  14  DT  T   A . n 
A 1 15 DA  15 15  15  DA  A   A . n 
A 1 16 DG  16 16  16  DG  G   A . n 
A 1 17 DA  17 17  17  DA  A   A . n 
A 1 18 DA  18 18  18  DA  A   A . n 
A 1 19 DC  19 19  19  DC  C   A . n 
A 1 20 DT  20 20  20  DT  T   A . n 
A 1 21 DT  21 21  21  DT  T   A . n 
B 2 1  DA  1  101 101 DA  A   B . n 
B 2 2  DG  2  102 102 DG  G   B . n 
B 2 3  DT  3  103 103 DT  T   B . n 
B 2 4  DT  4  104 104 DT  T   B . n 
B 2 5  DC  5  105 105 DC  C   B . n 
B 2 6  DT  6  106 106 DT  T   B . n 
B 2 7  DA  7  107 107 DA  A   B . n 
B 2 8  DT  8  108 108 DT  T   B . n 
B 2 9  DA  9  109 109 DA  A   B . n 
B 2 10 DG  10 110 110 DG  G   B . n 
B 2 11 DG  11 111 111 DG  G   B . n 
B 2 12 DA  12 112 112 DA  A   B . n 
B 2 13 DC  13 113 113 DC  C   B . n 
B 2 14 DC  14 114 114 DC  C   B . n 
B 2 15 DC  15 115 115 DC  C   B . n 
B 2 16 DC  16 116 116 DC  C   B . n 
B 2 17 DC  17 117 117 DC  C   B . n 
B 2 18 DC  18 118 118 DC  C   B . n 
B 2 19 DC  19 119 119 DC  C   B . n 
B 2 20 DT  20 120 120 DT  T   B . n 
C 3 1  PRO 1  202 202 PRO PRO C . n 
C 3 2  ARG 2  203 203 ARG ARG C . n 
C 3 3  GLY 3  204 204 GLY GLY C . n 
C 3 4  SER 4  205 205 SER SER C . n 
C 3 5  ALA 5  206 206 ALA ALA C . n 
C 3 6  LEU 6  207 207 LEU LEU C . n 
C 3 7  SER 7  208 208 SER SER C . n 
C 3 8  ASP 8  209 209 ASP ASP C . n 
C 3 9  THR 9  210 210 THR THR C . n 
C 3 10 GLU 10 211 211 GLU GLU C . n 
C 3 11 ARG 11 212 212 ARG ARG C . n 
C 3 12 ALA 12 213 213 ALA ALA C . n 
C 3 13 GLN 13 214 214 GLN GLN C . n 
C 3 14 LEU 14 215 215 LEU LEU C . n 
C 3 15 ASP 15 216 216 ASP ASP C . n 
C 3 16 VAL 16 217 217 VAL VAL C . n 
C 3 17 MET 17 218 218 MET MET C . n 
C 3 18 LYS 18 219 219 LYS LYS C . n 
C 3 19 LEU 19 220 220 LEU LEU C . n 
C 3 20 LEU 20 221 221 LEU LEU C . n 
C 3 21 ASN 21 222 222 ASN ASN C . n 
C 3 22 VAL 22 223 223 VAL VAL C . n 
C 3 23 SER 23 224 224 SER SER C . n 
C 3 24 LEU 24 225 225 LEU LEU C . n 
C 3 25 HIS 25 226 226 HIS HIS C . n 
C 3 26 GLU 26 227 227 GLU GLU C . n 
C 3 27 MET 27 228 228 MET MET C . n 
C 3 28 SER 28 229 229 SER SER C . n 
C 3 29 ARG 29 230 230 ARG ARG C . n 
C 3 30 LYS 30 231 231 LYS LYS C . n 
C 3 31 ILE 31 232 232 ILE ILE C . n 
C 3 32 SER 32 233 233 SER SER C . n 
C 3 33 ARG 33 234 234 ARG ARG C . n 
C 3 34 SER 34 235 235 SER SER C . n 
C 3 35 ARG 35 236 236 ARG ARG C . n 
C 3 36 HIS 36 237 237 HIS HIS C . n 
C 3 37 CYS 37 238 238 CYS CYS C . n 
C 3 38 ILE 38 239 239 ILE ILE C . n 
C 3 39 ARG 39 240 240 ARG ARG C . n 
C 3 40 VAL 40 241 241 VAL VAL C . n 
C 3 41 TYR 41 242 242 TYR TYR C . n 
C 3 42 LEU 42 243 243 LEU LEU C . n 
C 3 43 LYS 43 244 244 LYS LYS C . n 
C 3 44 ASP 44 245 245 ASP ASP C . n 
C 3 45 PRO 45 246 246 PRO PRO C . n 
C 3 46 VAL 46 247 247 VAL VAL C . n 
C 3 47 SER 47 248 248 SER SER C . n 
C 3 48 TYR 48 249 249 TYR TYR C . n 
C 3 49 GLY 49 250 250 GLY GLY C . n 
C 3 50 THR 50 251 251 THR THR C . n 
C 3 51 SER 51 252 252 SER SER C . n 
# 
loop_
_pdbx_nonpoly_scheme.asym_id 
_pdbx_nonpoly_scheme.entity_id 
_pdbx_nonpoly_scheme.mon_id 
_pdbx_nonpoly_scheme.ndb_seq_num 
_pdbx_nonpoly_scheme.pdb_seq_num 
_pdbx_nonpoly_scheme.auth_seq_num 
_pdbx_nonpoly_scheme.pdb_mon_id 
_pdbx_nonpoly_scheme.auth_mon_id 
_pdbx_nonpoly_scheme.pdb_strand_id 
_pdbx_nonpoly_scheme.pdb_ins_code 
D 4 HOH 1  302 302 HOH HOH A . 
D 4 HOH 2  306 306 HOH HOH A . 
D 4 HOH 3  307 307 HOH HOH A . 
D 4 HOH 4  308 308 HOH HOH A . 
D 4 HOH 5  309 309 HOH HOH A . 
D 4 HOH 6  312 312 HOH HOH A . 
D 4 HOH 7  314 314 HOH HOH A . 
D 4 HOH 8  315 315 HOH HOH A . 
D 4 HOH 9  316 316 HOH HOH A . 
D 4 HOH 10 318 318 HOH HOH A . 
D 4 HOH 11 319 319 HOH HOH A . 
D 4 HOH 12 322 322 HOH HOH A . 
D 4 HOH 13 324 324 HOH HOH A . 
D 4 HOH 14 326 326 HOH HOH A . 
D 4 HOH 15 328 328 HOH HOH A . 
D 4 HOH 16 329 329 HOH HOH A . 
D 4 HOH 17 332 332 HOH HOH A . 
D 4 HOH 18 333 333 HOH HOH A . 
D 4 HOH 19 334 334 HOH HOH A . 
D 4 HOH 20 336 336 HOH HOH A . 
D 4 HOH 21 346 346 HOH HOH A . 
E 4 HOH 1  305 305 HOH HOH B . 
E 4 HOH 2  310 310 HOH HOH B . 
E 4 HOH 3  313 313 HOH HOH B . 
E 4 HOH 4  320 320 HOH HOH B . 
E 4 HOH 5  323 323 HOH HOH B . 
E 4 HOH 6  339 339 HOH HOH B . 
E 4 HOH 7  341 341 HOH HOH B . 
E 4 HOH 8  343 343 HOH HOH B . 
E 4 HOH 9  344 344 HOH HOH B . 
E 4 HOH 10 345 345 HOH HOH B . 
F 4 HOH 1  301 301 HOH HOH C . 
F 4 HOH 2  303 303 HOH HOH C . 
F 4 HOH 3  304 304 HOH HOH C . 
F 4 HOH 4  311 311 HOH HOH C . 
F 4 HOH 5  317 317 HOH HOH C . 
F 4 HOH 6  321 321 HOH HOH C . 
F 4 HOH 7  325 325 HOH HOH C . 
F 4 HOH 8  327 327 HOH HOH C . 
F 4 HOH 9  330 330 HOH HOH C . 
F 4 HOH 10 331 331 HOH HOH C . 
F 4 HOH 11 335 335 HOH HOH C . 
F 4 HOH 12 337 337 HOH HOH C . 
F 4 HOH 13 338 338 HOH HOH C . 
F 4 HOH 14 340 340 HOH HOH C . 
F 4 HOH 15 342 342 HOH HOH C . 
F 4 HOH 16 347 347 HOH HOH C . 
F 4 HOH 17 348 348 HOH HOH C . 
F 4 HOH 18 349 349 HOH HOH C . 
# 
loop_
_software.name 
_software.classification 
_software.version 
_software.citation_id 
_software.pdbx_ordinal 
PHASES    phasing          .   ? 1 
TNT       refinement       5-E ? 2 
DENZO     'data reduction' .   ? 3 
SCALEPACK 'data scaling'   .   ? 4 
# 
_cell.entry_id           1TC3 
_cell.length_a           37.180 
_cell.length_b           202.790 
_cell.length_c           62.140 
_cell.angle_alpha        90.00 
_cell.angle_beta         90.00 
_cell.angle_gamma        90.00 
_cell.Z_PDB              8 
_cell.pdbx_unique_axis   ? 
# 
_symmetry.entry_id                         1TC3 
_symmetry.space_group_name_H-M             'C 2 2 21' 
_symmetry.pdbx_full_space_group_name_H-M   ? 
_symmetry.cell_setting                     ? 
_symmetry.Int_Tables_number                20 
# 
_exptl.entry_id          1TC3 
_exptl.method            'X-RAY DIFFRACTION' 
_exptl.crystals_number   1 
# 
_exptl_crystal.id                    1 
_exptl_crystal.density_meas          ? 
_exptl_crystal.density_Matthews      2.70 
_exptl_crystal.density_percent_sol   55.0000 
_exptl_crystal.description           ? 
# 
_exptl_crystal_grow.crystal_id      1 
_exptl_crystal_grow.method          'VAPOR DIFFUSION, HANGING DROP' 
_exptl_crystal_grow.temp            ? 
_exptl_crystal_grow.temp_details    ? 
_exptl_crystal_grow.pH              5.5 
_exptl_crystal_grow.pdbx_details    
;PROTEIN/DNA COMPLEX WAS CRYSTALLIZED FROM 15% MPD, 100 MM NACL, 20 MM CACL2, 10 MM DTT, 50 MM NA ACETATE PH 5.5, VAPOR DIFFUSION, HANGING DROP
;
_exptl_crystal_grow.pdbx_pH_range   ? 
# 
loop_
_exptl_crystal_grow_comp.crystal_id 
_exptl_crystal_grow_comp.id 
_exptl_crystal_grow_comp.sol_id 
_exptl_crystal_grow_comp.name 
_exptl_crystal_grow_comp.volume 
_exptl_crystal_grow_comp.conc 
_exptl_crystal_grow_comp.details 
1 1  1 WATER        ? ? ? 
1 2  1 MPD          ? ? ? 
1 3  1 NACL         ? ? ? 
1 4  1 CACL2        ? ? ? 
1 5  1 DTT          ? ? ? 
1 6  1 'NA ACETATE' ? ? ? 
1 7  2 WATER        ? ? ? 
1 8  2 MPD          ? ? ? 
1 9  2 NACL         ? ? ? 
1 10 2 CACL2        ? ? ? 
1 11 2 DTT          ? ? ? 
1 12 2 'NA ACETATE' ? ? ? 
# 
_diffrn.id                     1 
_diffrn.ambient_temp           113.00 
_diffrn.ambient_temp_details   ? 
_diffrn.crystal_id             1 
# 
_diffrn_detector.diffrn_id              1 
_diffrn_detector.detector               'IMAGE PLATE' 
_diffrn_detector.type                   MARRESEARCH 
_diffrn_detector.pdbx_collection_date   1996-08-01 
_diffrn_detector.details                'BW7A SYSTEM' 
# 
_diffrn_radiation.diffrn_id                        1 
_diffrn_radiation.wavelength_id                    1 
_diffrn_radiation.pdbx_monochromatic_or_laue_m_l   M 
_diffrn_radiation.monochromator                    'BW7A SYSTEM' 
_diffrn_radiation.pdbx_diffrn_protocol             ? 
_diffrn_radiation.pdbx_scattering_type             x-ray 
# 
_diffrn_radiation_wavelength.id           1 
_diffrn_radiation_wavelength.wavelength   . 
_diffrn_radiation_wavelength.wt           1.0 
# 
_diffrn_source.diffrn_id                   1 
_diffrn_source.source                      SYNCHROTRON 
_diffrn_source.type                        'EMBL/DESY, HAMBURG BEAMLINE BW7A' 
_diffrn_source.pdbx_synchrotron_site       'EMBL/DESY, HAMBURG' 
_diffrn_source.pdbx_synchrotron_beamline   BW7A 
_diffrn_source.pdbx_wavelength             ? 
_diffrn_source.pdbx_wavelength_list        ? 
# 
_reflns.entry_id                     1TC3 
_reflns.observed_criterion_sigma_I   0.000 
_reflns.observed_criterion_sigma_F   0.000 
_reflns.d_resolution_low             30.000 
_reflns.d_resolution_high            2.450 
_reflns.number_obs                   8089 
_reflns.number_all                   ? 
_reflns.percent_possible_obs         89.700 
_reflns.pdbx_Rmerge_I_obs            0.0550000 
_reflns.pdbx_Rsym_value              0.0550000 
_reflns.pdbx_netI_over_sigmaI        19.400 
_reflns.B_iso_Wilson_estimate        58.50 
_reflns.pdbx_redundancy              8.800 
_reflns.pdbx_diffrn_id               1 
_reflns.pdbx_ordinal                 1 
# 
_reflns_shell.d_res_high             2.450 
_reflns_shell.d_res_low              2.510 
_reflns_shell.percent_possible_all   67.00 
_reflns_shell.Rmerge_I_obs           0.5040000 
_reflns_shell.pdbx_Rsym_value        0.5040000 
_reflns_shell.meanI_over_sigI_obs    1.930 
_reflns_shell.pdbx_redundancy        3.000 
_reflns_shell.pdbx_diffrn_id         ? 
_reflns_shell.pdbx_ordinal           1 
# 
_refine.entry_id                                 1TC3 
_refine.ls_number_reflns_obs                     8071 
_refine.ls_number_reflns_all                     8071 
_refine.pdbx_ls_sigma_I                          ? 
_refine.pdbx_ls_sigma_F                          0.000 
_refine.pdbx_data_cutoff_high_absF               ? 
_refine.pdbx_data_cutoff_low_absF                ? 
_refine.pdbx_data_cutoff_high_rms_absF           ? 
_refine.ls_d_res_low                             20.000 
_refine.ls_d_res_high                            2.450 
_refine.ls_percent_reflns_obs                    89.000 
_refine.ls_R_factor_obs                          0.2340000 
_refine.ls_R_factor_all                          0.2340000 
_refine.ls_R_factor_R_work                       ? 
_refine.ls_R_factor_R_free                       0.3180000 
_refine.ls_R_factor_R_free_error                 ? 
_refine.ls_R_factor_R_free_error_details         ? 
_refine.ls_percent_reflns_R_free                 5.00 
_refine.ls_number_reflns_R_free                  372 
_refine.ls_number_parameters                     ? 
_refine.ls_number_restraints                     ? 
_refine.occupancy_min                            ? 
_refine.occupancy_max                            ? 
_refine.B_iso_mean                               ? 
_refine.aniso_B[1][1]                            ? 
_refine.aniso_B[2][2]                            ? 
_refine.aniso_B[3][3]                            ? 
_refine.aniso_B[1][2]                            ? 
_refine.aniso_B[1][3]                            ? 
_refine.aniso_B[2][3]                            ? 
_refine.solvent_model_details                    'TRONRUD ET AL.' 
_refine.solvent_model_param_ksol                 0.750 
_refine.solvent_model_param_bsol                 150.0 
_refine.pdbx_ls_cross_valid_method               'R FREE THROUGHOUT' 
_refine.details                                  'X-PLOR AND REFMAC/ARP WERE USED IN EARLIER STAGES OF REFINEMENT.' 
_refine.pdbx_starting_model                      ? 
_refine.pdbx_method_to_determine_struct          MIRAS 
_refine.pdbx_isotropic_thermal_model             'TNT BCORREL' 
_refine.pdbx_stereochemistry_target_values       'TNT PROTGEO' 
_refine.pdbx_stereochem_target_val_spec_case     ? 
_refine.pdbx_R_Free_selection_details            RANDOM 
_refine.pdbx_overall_ESU_R                       ? 
_refine.pdbx_overall_ESU_R_Free                  ? 
_refine.overall_SU_ML                            ? 
_refine.overall_SU_B                             ? 
_refine.pdbx_refine_id                           'X-RAY DIFFRACTION' 
_refine.pdbx_diffrn_id                           1 
_refine.pdbx_TLS_residual_ADP_flag               ? 
_refine.correlation_coeff_Fo_to_Fc               ? 
_refine.correlation_coeff_Fo_to_Fc_free          ? 
_refine.pdbx_solvent_vdw_probe_radii             ? 
_refine.pdbx_solvent_ion_probe_radii             ? 
_refine.pdbx_solvent_shrinkage_radii             ? 
_refine.pdbx_overall_phase_error                 ? 
_refine.overall_SU_R_Cruickshank_DPI             ? 
_refine.pdbx_overall_SU_R_free_Cruickshank_DPI   ? 
_refine.pdbx_overall_SU_R_Blow_DPI               ? 
_refine.pdbx_overall_SU_R_free_Blow_DPI          ? 
# 
_refine_hist.pdbx_refine_id                   'X-RAY DIFFRACTION' 
_refine_hist.cycle_id                         LAST 
_refine_hist.pdbx_number_atoms_protein        404 
_refine_hist.pdbx_number_atoms_nucleic_acid   834 
_refine_hist.pdbx_number_atoms_ligand         0 
_refine_hist.number_atoms_solvent             49 
_refine_hist.number_atoms_total               1287 
_refine_hist.d_res_high                       2.450 
_refine_hist.d_res_low                        20.000 
# 
loop_
_refine_ls_restr.type 
_refine_ls_restr.dev_ideal 
_refine_ls_restr.dev_ideal_target 
_refine_ls_restr.weight 
_refine_ls_restr.number 
_refine_ls_restr.pdbx_refine_id 
_refine_ls_restr.pdbx_restraint_function 
t_bond_d           0.013 ? 0.800 1343 'X-RAY DIFFRACTION' ? 
t_angle_deg        2.207 ? 1.300 1902 'X-RAY DIFFRACTION' ? 
t_dihedral_angle_d 20.44 ? 0.000 738  'X-RAY DIFFRACTION' ? 
t_incorr_chiral_ct 0     ? ?     ?    'X-RAY DIFFRACTION' ? 
t_pseud_angle      ?     ? ?     ?    'X-RAY DIFFRACTION' ? 
t_trig_c_planes    0.005 ? 2.000 7    'X-RAY DIFFRACTION' ? 
t_gen_planes       0.017 ? 5.000 101  'X-RAY DIFFRACTION' ? 
t_it               5.909 ? 1.000 1287 'X-RAY DIFFRACTION' ? 
t_nbd              0.071 ? 10.00 25   'X-RAY DIFFRACTION' ? 
# 
_pdbx_refine.entry_id                                    1TC3 
_pdbx_refine.R_factor_all_no_cutoff                      0.2340000 
_pdbx_refine.R_factor_obs_no_cutoff                      0.2340000 
_pdbx_refine.free_R_factor_no_cutoff                     0.3180000 
_pdbx_refine.free_R_val_test_set_size_perc_no_cutoff     5.00 
_pdbx_refine.free_R_val_test_set_ct_no_cutoff            372.00 
_pdbx_refine.R_factor_all_4sig_cutoff                    ? 
_pdbx_refine.R_factor_obs_4sig_cutoff                    ? 
_pdbx_refine.free_R_factor_4sig_cutoff                   ? 
_pdbx_refine.free_R_val_test_set_size_perc_4sig_cutoff   ? 
_pdbx_refine.free_R_val_test_set_ct_4sig_cutoff          ? 
_pdbx_refine.number_reflns_obs_4sig_cutoff               ? 
_pdbx_refine.pdbx_refine_id                              'X-RAY DIFFRACTION' 
_pdbx_refine.free_R_error_no_cutoff                      ? 
# 
_struct.entry_id                  1TC3 
_struct.title                     'TRANSPOSASE TC3A1-65 FROM CAENORHABDITIS ELEGANS' 
_struct.pdbx_model_details        ? 
_struct.pdbx_CASP_flag            ? 
_struct.pdbx_model_type_details   ? 
# 
_struct_keywords.entry_id        1TC3 
_struct_keywords.pdbx_keywords   'DNA BINDING PROTEIN/DNA' 
_struct_keywords.text            
'TRANSPOSASE, DNA BINDING, HELIX-TURN-HELIX, TC1/MARINER FAMILY, COMPLEX (TRANSPOSASE-DNA), DNA BINDING PROTEIN-DNA COMPLEX' 
# 
loop_
_struct_asym.id 
_struct_asym.pdbx_blank_PDB_chainid_flag 
_struct_asym.pdbx_modified 
_struct_asym.entity_id 
_struct_asym.details 
A N N 1 ? 
B N N 2 ? 
C N N 3 ? 
D N N 4 ? 
E N N 4 ? 
F N N 4 ? 
# 
loop_
_struct_ref.id 
_struct_ref.db_name 
_struct_ref.db_code 
_struct_ref.entity_id 
_struct_ref.pdbx_seq_one_letter_code 
_struct_ref.pdbx_align_begin 
_struct_ref.pdbx_db_accession 
_struct_ref.pdbx_db_isoform 
1 UNP TC3A_CAEEL 3 ? ? P34257 ? 
2 PDB 1TC3       1 ? ? 1TC3   ? 
3 PDB 1TC3       2 ? ? 1TC3   ? 
# 
loop_
_struct_ref_seq.align_id 
_struct_ref_seq.ref_id 
_struct_ref_seq.pdbx_PDB_id_code 
_struct_ref_seq.pdbx_strand_id 
_struct_ref_seq.seq_align_beg 
_struct_ref_seq.pdbx_seq_align_beg_ins_code 
_struct_ref_seq.seq_align_end 
_struct_ref_seq.pdbx_seq_align_end_ins_code 
_struct_ref_seq.pdbx_db_accession 
_struct_ref_seq.db_align_beg 
_struct_ref_seq.pdbx_db_align_beg_ins_code 
_struct_ref_seq.db_align_end 
_struct_ref_seq.pdbx_db_align_end_ins_code 
_struct_ref_seq.pdbx_auth_seq_align_beg 
_struct_ref_seq.pdbx_auth_seq_align_end 
1 1 1TC3 C 1 ? 51 ? P34257 2   ? 52  ? 202 252 
2 2 1TC3 A 1 ? 21 ? 1TC3   1   ? 21  ? 1   21  
3 3 1TC3 B 1 ? 20 ? 1TC3   101 ? 120 ? 101 120 
# 
_struct_ref_seq_dif.align_id                     1 
_struct_ref_seq_dif.pdbx_pdb_id_code             1TC3 
_struct_ref_seq_dif.mon_id                       VAL 
_struct_ref_seq_dif.pdbx_pdb_strand_id           C 
_struct_ref_seq_dif.seq_num                      40 
_struct_ref_seq_dif.pdbx_pdb_ins_code            ? 
_struct_ref_seq_dif.pdbx_seq_db_name             UNP 
_struct_ref_seq_dif.pdbx_seq_db_accession_code   P34257 
_struct_ref_seq_dif.db_mon_id                    GLU 
_struct_ref_seq_dif.pdbx_seq_db_seq_num          41 
_struct_ref_seq_dif.details                      conflict 
_struct_ref_seq_dif.pdbx_auth_seq_num            241 
_struct_ref_seq_dif.pdbx_ordinal                 1 
# 
_pdbx_struct_assembly.id                   1 
_pdbx_struct_assembly.details              author_defined_assembly 
_pdbx_struct_assembly.method_details       ? 
_pdbx_struct_assembly.oligomeric_details   trimeric 
_pdbx_struct_assembly.oligomeric_count     3 
# 
_pdbx_struct_assembly_gen.assembly_id       1 
_pdbx_struct_assembly_gen.oper_expression   1 
_pdbx_struct_assembly_gen.asym_id_list      A,B,C,D,E,F 
# 
_pdbx_struct_oper_list.id                   1 
_pdbx_struct_oper_list.type                 'identity operation' 
_pdbx_struct_oper_list.name                 1_555 
_pdbx_struct_oper_list.symmetry_operation   x,y,z 
_pdbx_struct_oper_list.matrix[1][1]         1.0000000000 
_pdbx_struct_oper_list.matrix[1][2]         0.0000000000 
_pdbx_struct_oper_list.matrix[1][3]         0.0000000000 
_pdbx_struct_oper_list.vector[1]            0.0000000000 
_pdbx_struct_oper_list.matrix[2][1]         0.0000000000 
_pdbx_struct_oper_list.matrix[2][2]         1.0000000000 
_pdbx_struct_oper_list.matrix[2][3]         0.0000000000 
_pdbx_struct_oper_list.vector[2]            0.0000000000 
_pdbx_struct_oper_list.matrix[3][1]         0.0000000000 
_pdbx_struct_oper_list.matrix[3][2]         0.0000000000 
_pdbx_struct_oper_list.matrix[3][3]         1.0000000000 
_pdbx_struct_oper_list.vector[3]            0.0000000000 
# 
_struct_biol.id   1 
# 
loop_
_struct_conf.conf_type_id 
_struct_conf.id 
_struct_conf.pdbx_PDB_helix_id 
_struct_conf.beg_label_comp_id 
_struct_conf.beg_label_asym_id 
_struct_conf.beg_label_seq_id 
_struct_conf.pdbx_beg_PDB_ins_code 
_struct_conf.end_label_comp_id 
_struct_conf.end_label_asym_id 
_struct_conf.end_label_seq_id 
_struct_conf.pdbx_end_PDB_ins_code 
_struct_conf.beg_auth_comp_id 
_struct_conf.beg_auth_asym_id 
_struct_conf.beg_auth_seq_id 
_struct_conf.end_auth_comp_id 
_struct_conf.end_auth_asym_id 
_struct_conf.end_auth_seq_id 
_struct_conf.pdbx_PDB_helix_class 
_struct_conf.details 
_struct_conf.pdbx_PDB_helix_length 
HELX_P HELX_P1 1 ASP C 8  ? LEU C 19 ? ASP C 209 LEU C 220 1 ? 12 
HELX_P HELX_P2 2 LEU C 24 ? ILE C 31 ? LEU C 225 ILE C 232 1 ? 8  
HELX_P HELX_P3 3 ARG C 35 ? LYS C 43 ? ARG C 236 LYS C 244 1 ? 9  
# 
_struct_conf_type.id          HELX_P 
_struct_conf_type.criteria    ? 
_struct_conf_type.reference   ? 
# 
loop_
_struct_conn.id 
_struct_conn.conn_type_id 
_struct_conn.pdbx_leaving_atom_flag 
_struct_conn.pdbx_PDB_id 
_struct_conn.ptnr1_label_asym_id 
_struct_conn.ptnr1_label_comp_id 
_struct_conn.ptnr1_label_seq_id 
_struct_conn.ptnr1_label_atom_id 
_struct_conn.pdbx_ptnr1_label_alt_id 
_struct_conn.pdbx_ptnr1_PDB_ins_code 
_struct_conn.pdbx_ptnr1_standard_comp_id 
_struct_conn.ptnr1_symmetry 
_struct_conn.ptnr2_label_asym_id 
_struct_conn.ptnr2_label_comp_id 
_struct_conn.ptnr2_label_seq_id 
_struct_conn.ptnr2_label_atom_id 
_struct_conn.pdbx_ptnr2_label_alt_id 
_struct_conn.pdbx_ptnr2_PDB_ins_code 
_struct_conn.ptnr1_auth_asym_id 
_struct_conn.ptnr1_auth_comp_id 
_struct_conn.ptnr1_auth_seq_id 
_struct_conn.ptnr2_auth_asym_id 
_struct_conn.ptnr2_auth_comp_id 
_struct_conn.ptnr2_auth_seq_id 
_struct_conn.ptnr2_symmetry 
_struct_conn.pdbx_ptnr3_label_atom_id 
_struct_conn.pdbx_ptnr3_label_seq_id 
_struct_conn.pdbx_ptnr3_label_comp_id 
_struct_conn.pdbx_ptnr3_label_asym_id 
_struct_conn.pdbx_ptnr3_label_alt_id 
_struct_conn.pdbx_ptnr3_PDB_ins_code 
_struct_conn.details 
_struct_conn.pdbx_dist_value 
_struct_conn.pdbx_value_order 
_struct_conn.pdbx_role 
hydrog1  hydrog ? ? A DG 2  N1 ? ? ? 1_555 B DC 19 N3 ? ? A DG 2  B DC 119 1_555 ? ? ? ? ? ? WATSON-CRICK ? ? ? 
hydrog2  hydrog ? ? A DG 2  N2 ? ? ? 1_555 B DC 19 O2 ? ? A DG 2  B DC 119 1_555 ? ? ? ? ? ? WATSON-CRICK ? ? ? 
hydrog3  hydrog ? ? A DG 2  O6 ? ? ? 1_555 B DC 19 N4 ? ? A DG 2  B DC 119 1_555 ? ? ? ? ? ? WATSON-CRICK ? ? ? 
hydrog4  hydrog ? ? A DG 3  N1 ? ? ? 1_555 B DC 18 N3 ? ? A DG 3  B DC 118 1_555 ? ? ? ? ? ? WATSON-CRICK ? ? ? 
hydrog5  hydrog ? ? A DG 3  N2 ? ? ? 1_555 B DC 18 O2 ? ? A DG 3  B DC 118 1_555 ? ? ? ? ? ? WATSON-CRICK ? ? ? 
hydrog6  hydrog ? ? A DG 3  O6 ? ? ? 1_555 B DC 18 N4 ? ? A DG 3  B DC 118 1_555 ? ? ? ? ? ? WATSON-CRICK ? ? ? 
hydrog7  hydrog ? ? A DG 4  N1 ? ? ? 1_555 B DC 17 N3 ? ? A DG 4  B DC 117 1_555 ? ? ? ? ? ? WATSON-CRICK ? ? ? 
hydrog8  hydrog ? ? A DG 4  N2 ? ? ? 1_555 B DC 17 O2 ? ? A DG 4  B DC 117 1_555 ? ? ? ? ? ? WATSON-CRICK ? ? ? 
hydrog9  hydrog ? ? A DG 4  O6 ? ? ? 1_555 B DC 17 N4 ? ? A DG 4  B DC 117 1_555 ? ? ? ? ? ? WATSON-CRICK ? ? ? 
hydrog10 hydrog ? ? A DG 5  N1 ? ? ? 1_555 B DC 16 N3 ? ? A DG 5  B DC 116 1_555 ? ? ? ? ? ? WATSON-CRICK ? ? ? 
hydrog11 hydrog ? ? A DG 5  N2 ? ? ? 1_555 B DC 16 O2 ? ? A DG 5  B DC 116 1_555 ? ? ? ? ? ? WATSON-CRICK ? ? ? 
hydrog12 hydrog ? ? A DG 5  O6 ? ? ? 1_555 B DC 16 N4 ? ? A DG 5  B DC 116 1_555 ? ? ? ? ? ? WATSON-CRICK ? ? ? 
hydrog13 hydrog ? ? A DG 6  N1 ? ? ? 1_555 B DC 15 N3 ? ? A DG 6  B DC 115 1_555 ? ? ? ? ? ? WATSON-CRICK ? ? ? 
hydrog14 hydrog ? ? A DG 6  N2 ? ? ? 1_555 B DC 15 O2 ? ? A DG 6  B DC 115 1_555 ? ? ? ? ? ? WATSON-CRICK ? ? ? 
hydrog15 hydrog ? ? A DG 6  O6 ? ? ? 1_555 B DC 15 N4 ? ? A DG 6  B DC 115 1_555 ? ? ? ? ? ? WATSON-CRICK ? ? ? 
hydrog16 hydrog ? ? A DG 7  N1 ? ? ? 1_555 B DC 14 N3 ? ? A DG 7  B DC 114 1_555 ? ? ? ? ? ? WATSON-CRICK ? ? ? 
hydrog17 hydrog ? ? A DG 7  N2 ? ? ? 1_555 B DC 14 O2 ? ? A DG 7  B DC 114 1_555 ? ? ? ? ? ? WATSON-CRICK ? ? ? 
hydrog18 hydrog ? ? A DG 7  O6 ? ? ? 1_555 B DC 14 N4 ? ? A DG 7  B DC 114 1_555 ? ? ? ? ? ? WATSON-CRICK ? ? ? 
hydrog19 hydrog ? ? A DG 8  N1 ? ? ? 1_555 B DC 13 N3 ? ? A DG 8  B DC 113 1_555 ? ? ? ? ? ? WATSON-CRICK ? ? ? 
hydrog20 hydrog ? ? A DG 8  N2 ? ? ? 1_555 B DC 13 O2 ? ? A DG 8  B DC 113 1_555 ? ? ? ? ? ? WATSON-CRICK ? ? ? 
hydrog21 hydrog ? ? A DG 8  O6 ? ? ? 1_555 B DC 13 N4 ? ? A DG 8  B DC 113 1_555 ? ? ? ? ? ? WATSON-CRICK ? ? ? 
hydrog22 hydrog ? ? A DT 9  N3 ? ? ? 1_555 B DA 12 N1 ? ? A DT 9  B DA 112 1_555 ? ? ? ? ? ? WATSON-CRICK ? ? ? 
hydrog23 hydrog ? ? A DT 9  O4 ? ? ? 1_555 B DA 12 N6 ? ? A DT 9  B DA 112 1_555 ? ? ? ? ? ? WATSON-CRICK ? ? ? 
hydrog24 hydrog ? ? A DC 10 N3 ? ? ? 1_555 B DG 11 N1 ? ? A DC 10 B DG 111 1_555 ? ? ? ? ? ? WATSON-CRICK ? ? ? 
hydrog25 hydrog ? ? A DC 10 N4 ? ? ? 1_555 B DG 11 O6 ? ? A DC 10 B DG 111 1_555 ? ? ? ? ? ? WATSON-CRICK ? ? ? 
hydrog26 hydrog ? ? A DC 10 O2 ? ? ? 1_555 B DG 11 N2 ? ? A DC 10 B DG 111 1_555 ? ? ? ? ? ? WATSON-CRICK ? ? ? 
hydrog27 hydrog ? ? A DC 11 N3 ? ? ? 1_555 B DG 10 N1 ? ? A DC 11 B DG 110 1_555 ? ? ? ? ? ? WATSON-CRICK ? ? ? 
hydrog28 hydrog ? ? A DC 11 N4 ? ? ? 1_555 B DG 10 O6 ? ? A DC 11 B DG 110 1_555 ? ? ? ? ? ? WATSON-CRICK ? ? ? 
hydrog29 hydrog ? ? A DC 11 O2 ? ? ? 1_555 B DG 10 N2 ? ? A DC 11 B DG 110 1_555 ? ? ? ? ? ? WATSON-CRICK ? ? ? 
hydrog30 hydrog ? ? A DT 12 N3 ? ? ? 1_555 B DA 9  N1 ? ? A DT 12 B DA 109 1_555 ? ? ? ? ? ? WATSON-CRICK ? ? ? 
hydrog31 hydrog ? ? A DT 12 O4 ? ? ? 1_555 B DA 9  N6 ? ? A DT 12 B DA 109 1_555 ? ? ? ? ? ? WATSON-CRICK ? ? ? 
hydrog32 hydrog ? ? A DA 13 N1 ? ? ? 1_555 B DT 8  N3 ? ? A DA 13 B DT 108 1_555 ? ? ? ? ? ? WATSON-CRICK ? ? ? 
hydrog33 hydrog ? ? A DA 13 N6 ? ? ? 1_555 B DT 8  O4 ? ? A DA 13 B DT 108 1_555 ? ? ? ? ? ? WATSON-CRICK ? ? ? 
hydrog34 hydrog ? ? A DT 14 N3 ? ? ? 1_555 B DA 7  N1 ? ? A DT 14 B DA 107 1_555 ? ? ? ? ? ? WATSON-CRICK ? ? ? 
hydrog35 hydrog ? ? A DT 14 O4 ? ? ? 1_555 B DA 7  N6 ? ? A DT 14 B DA 107 1_555 ? ? ? ? ? ? WATSON-CRICK ? ? ? 
hydrog36 hydrog ? ? A DA 15 N1 ? ? ? 1_555 B DT 6  N3 ? ? A DA 15 B DT 106 1_555 ? ? ? ? ? ? 'DA-DT PAIR' ? ? ? 
hydrog37 hydrog ? ? A DG 16 N1 ? ? ? 1_555 B DC 5  N3 ? ? A DG 16 B DC 105 1_555 ? ? ? ? ? ? WATSON-CRICK ? ? ? 
hydrog38 hydrog ? ? A DG 16 N2 ? ? ? 1_555 B DC 5  O2 ? ? A DG 16 B DC 105 1_555 ? ? ? ? ? ? WATSON-CRICK ? ? ? 
hydrog39 hydrog ? ? A DG 16 O6 ? ? ? 1_555 B DC 5  N4 ? ? A DG 16 B DC 105 1_555 ? ? ? ? ? ? WATSON-CRICK ? ? ? 
hydrog40 hydrog ? ? A DA 17 N1 ? ? ? 1_555 B DT 4  N3 ? ? A DA 17 B DT 104 1_555 ? ? ? ? ? ? WATSON-CRICK ? ? ? 
hydrog41 hydrog ? ? A DA 17 N6 ? ? ? 1_555 B DT 4  O4 ? ? A DA 17 B DT 104 1_555 ? ? ? ? ? ? WATSON-CRICK ? ? ? 
hydrog42 hydrog ? ? A DA 18 N1 ? ? ? 1_555 B DT 3  N3 ? ? A DA 18 B DT 103 1_555 ? ? ? ? ? ? WATSON-CRICK ? ? ? 
hydrog43 hydrog ? ? A DA 18 N6 ? ? ? 1_555 B DT 3  O4 ? ? A DA 18 B DT 103 1_555 ? ? ? ? ? ? WATSON-CRICK ? ? ? 
hydrog44 hydrog ? ? A DC 19 N3 ? ? ? 1_555 B DG 2  N1 ? ? A DC 19 B DG 102 1_555 ? ? ? ? ? ? WATSON-CRICK ? ? ? 
hydrog45 hydrog ? ? A DC 19 N4 ? ? ? 1_555 B DG 2  O6 ? ? A DC 19 B DG 102 1_555 ? ? ? ? ? ? WATSON-CRICK ? ? ? 
hydrog46 hydrog ? ? A DC 19 O2 ? ? ? 1_555 B DG 2  N2 ? ? A DC 19 B DG 102 1_555 ? ? ? ? ? ? WATSON-CRICK ? ? ? 
hydrog47 hydrog ? ? A DT 20 N3 ? ? ? 1_555 B DA 1  N1 ? ? A DT 20 B DA 101 1_555 ? ? ? ? ? ? WATSON-CRICK ? ? ? 
hydrog48 hydrog ? ? A DT 20 O4 ? ? ? 1_555 B DA 1  N6 ? ? A DT 20 B DA 101 1_555 ? ? ? ? ? ? WATSON-CRICK ? ? ? 
# 
_struct_conn_type.id          hydrog 
_struct_conn_type.criteria    ? 
_struct_conn_type.reference   ? 
# 
loop_
_pdbx_validate_rmsd_bond.id 
_pdbx_validate_rmsd_bond.PDB_model_num 
_pdbx_validate_rmsd_bond.auth_atom_id_1 
_pdbx_validate_rmsd_bond.auth_asym_id_1 
_pdbx_validate_rmsd_bond.auth_comp_id_1 
_pdbx_validate_rmsd_bond.auth_seq_id_1 
_pdbx_validate_rmsd_bond.PDB_ins_code_1 
_pdbx_validate_rmsd_bond.label_alt_id_1 
_pdbx_validate_rmsd_bond.auth_atom_id_2 
_pdbx_validate_rmsd_bond.auth_asym_id_2 
_pdbx_validate_rmsd_bond.auth_comp_id_2 
_pdbx_validate_rmsd_bond.auth_seq_id_2 
_pdbx_validate_rmsd_bond.PDB_ins_code_2 
_pdbx_validate_rmsd_bond.label_alt_id_2 
_pdbx_validate_rmsd_bond.bond_value 
_pdbx_validate_rmsd_bond.bond_target_value 
_pdbx_validate_rmsd_bond.bond_deviation 
_pdbx_validate_rmsd_bond.bond_standard_deviation 
_pdbx_validate_rmsd_bond.linker_flag 
1 1 "O3'" A DG 4   ? ? "C3'" A DG 4   ? ? 1.368 1.419 -0.051 0.006 N 
2 1 "O3'" A DG 5   ? ? "C3'" A DG 5   ? ? 1.359 1.419 -0.060 0.006 N 
3 1 "O3'" A DG 8   ? ? "C3'" A DG 8   ? ? 1.361 1.419 -0.058 0.006 N 
4 1 "O3'" B DC 118 ? ? "C3'" B DC 118 ? ? 1.375 1.419 -0.044 0.006 N 
# 
loop_
_pdbx_validate_rmsd_angle.id 
_pdbx_validate_rmsd_angle.PDB_model_num 
_pdbx_validate_rmsd_angle.auth_atom_id_1 
_pdbx_validate_rmsd_angle.auth_asym_id_1 
_pdbx_validate_rmsd_angle.auth_comp_id_1 
_pdbx_validate_rmsd_angle.auth_seq_id_1 
_pdbx_validate_rmsd_angle.PDB_ins_code_1 
_pdbx_validate_rmsd_angle.label_alt_id_1 
_pdbx_validate_rmsd_angle.auth_atom_id_2 
_pdbx_validate_rmsd_angle.auth_asym_id_2 
_pdbx_validate_rmsd_angle.auth_comp_id_2 
_pdbx_validate_rmsd_angle.auth_seq_id_2 
_pdbx_validate_rmsd_angle.PDB_ins_code_2 
_pdbx_validate_rmsd_angle.label_alt_id_2 
_pdbx_validate_rmsd_angle.auth_atom_id_3 
_pdbx_validate_rmsd_angle.auth_asym_id_3 
_pdbx_validate_rmsd_angle.auth_comp_id_3 
_pdbx_validate_rmsd_angle.auth_seq_id_3 
_pdbx_validate_rmsd_angle.PDB_ins_code_3 
_pdbx_validate_rmsd_angle.label_alt_id_3 
_pdbx_validate_rmsd_angle.angle_value 
_pdbx_validate_rmsd_angle.angle_target_value 
_pdbx_validate_rmsd_angle.angle_deviation 
_pdbx_validate_rmsd_angle.angle_standard_deviation 
_pdbx_validate_rmsd_angle.linker_flag 
1  1 "C3'" A DA  1   ? ? "O3'" A DA  1   ? ? P     A DG  2   ? ? 130.30 119.70 10.60  1.20 Y 
2  1 "O4'" A DG  4   ? ? "C4'" A DG  4   ? ? "C3'" A DG  4   ? ? 101.01 104.50 -3.49  0.40 N 
3  1 "O4'" A DG  4   ? ? "C1'" A DG  4   ? ? N9    A DG  4   ? ? 101.14 108.00 -6.86  0.70 N 
4  1 C8    A DG  4   ? ? N9    A DG  4   ? ? "C1'" A DG  4   ? ? 135.03 127.00 8.03   1.30 N 
5  1 C4    A DG  4   ? ? N9    A DG  4   ? ? "C1'" A DG  4   ? ? 116.56 126.50 -9.94  1.30 N 
6  1 "O5'" A DG  5   ? ? "C5'" A DG  5   ? ? "C4'" A DG  5   ? ? 104.18 109.40 -5.22  0.80 N 
7  1 "O4'" A DG  5   ? ? "C4'" A DG  5   ? ? "C3'" A DG  5   ? ? 98.24  104.50 -6.26  0.40 N 
8  1 "O4'" A DG  6   ? ? "C4'" A DG  6   ? ? "C3'" A DG  6   ? ? 98.84  104.50 -5.66  0.40 N 
9  1 "C4'" A DG  6   ? ? "C3'" A DG  6   ? ? "C2'" A DG  6   ? ? 97.09  102.20 -5.11  0.70 N 
10 1 "O4'" A DG  7   ? ? "C4'" A DG  7   ? ? "C3'" A DG  7   ? ? 99.18  104.50 -5.32  0.40 N 
11 1 "C3'" A DG  7   ? ? "C2'" A DG  7   ? ? "C1'" A DG  7   ? ? 97.17  102.40 -5.23  0.80 N 
12 1 C8    A DG  8   ? ? N9    A DG  8   ? ? "C1'" A DG  8   ? ? 139.33 127.00 12.33  1.30 N 
13 1 C4    A DG  8   ? ? N9    A DG  8   ? ? "C1'" A DG  8   ? ? 115.21 126.50 -11.29 1.30 N 
14 1 "C3'" A DG  8   ? ? "O3'" A DG  8   ? ? P     A DT  9   ? ? 112.00 119.70 -7.70  1.20 Y 
15 1 "O4'" A DC  10  ? ? "C1'" A DC  10  ? ? N1    A DC  10  ? ? 114.32 108.30 6.02   0.30 N 
16 1 "C3'" A DC  11  ? ? "C2'" A DC  11  ? ? "C1'" A DC  11  ? ? 96.29  102.40 -6.11  0.80 N 
17 1 "C3'" A DT  12  ? ? "C2'" A DT  12  ? ? "C1'" A DT  12  ? ? 95.84  102.40 -6.56  0.80 N 
18 1 "O4'" A DT  12  ? ? "C1'" A DT  12  ? ? N1    A DT  12  ? ? 112.25 108.30 3.95   0.30 N 
19 1 "C1'" A DT  14  ? ? "O4'" A DT  14  ? ? "C4'" A DT  14  ? ? 103.31 110.10 -6.79  1.00 N 
20 1 "O4'" A DT  14  ? ? "C1'" A DT  14  ? ? "C2'" A DT  14  ? ? 101.08 105.90 -4.82  0.80 N 
21 1 "O4'" A DG  16  ? ? "C1'" A DG  16  ? ? N9    A DG  16  ? ? 113.66 108.30 5.36   0.30 N 
22 1 "C1'" A DA  18  ? ? "O4'" A DA  18  ? ? "C4'" A DA  18  ? ? 98.20  110.10 -11.90 1.00 N 
23 1 "C3'" A DA  18  ? ? "O3'" A DA  18  ? ? P     A DC  19  ? ? 128.24 119.70 8.54   1.20 Y 
24 1 "O4'" A DC  19  ? ? "C1'" A DC  19  ? ? N1    A DC  19  ? ? 111.22 108.30 2.92   0.30 N 
25 1 "C3'" A DC  19  ? ? "O3'" A DC  19  ? ? P     A DT  20  ? ? 127.38 119.70 7.68   1.20 Y 
26 1 "O4'" A DT  20  ? ? "C4'" A DT  20  ? ? "C3'" A DT  20  ? ? 98.24  104.50 -6.26  0.40 N 
27 1 "C1'" A DT  20  ? ? "O4'" A DT  20  ? ? "C4'" A DT  20  ? ? 102.77 110.10 -7.33  1.00 N 
28 1 C6    A DT  20  ? ? N1    A DT  20  ? ? "C1'" A DT  20  ? ? 105.77 120.40 -14.63 1.50 N 
29 1 C2    A DT  20  ? ? N1    A DT  20  ? ? "C1'" A DT  20  ? ? 129.96 118.20 11.76  1.60 N 
30 1 "O4'" A DT  21  ? ? "C1'" A DT  21  ? ? N1    A DT  21  ? ? 111.94 108.30 3.64   0.30 N 
31 1 C8    B DG  102 ? ? N9    B DG  102 ? ? "C1'" B DG  102 ? ? 135.93 127.00 8.93   1.30 N 
32 1 C4    B DG  102 ? ? N9    B DG  102 ? ? "C1'" B DG  102 ? ? 117.71 126.50 -8.79  1.30 N 
33 1 "O4'" B DT  103 ? ? "C4'" B DT  103 ? ? "C3'" B DT  103 ? ? 101.14 104.50 -3.36  0.40 N 
34 1 "O4'" B DT  103 ? ? "C1'" B DT  103 ? ? N1    B DT  103 ? ? 114.54 108.30 6.24   0.30 N 
35 1 "O4'" B DC  105 ? ? "C4'" B DC  105 ? ? "C3'" B DC  105 ? ? 101.89 104.50 -2.61  0.40 N 
36 1 C6    B DC  105 ? ? N1    B DC  105 ? ? C2    B DC  105 ? ? 123.50 120.30 3.20   0.40 N 
37 1 "O4'" B DT  106 ? ? "C1'" B DT  106 ? ? N1    B DT  106 ? ? 114.11 108.30 5.81   0.30 N 
38 1 P     B DT  108 ? ? "O5'" B DT  108 ? ? "C5'" B DT  108 ? ? 110.86 120.90 -10.04 1.60 N 
39 1 "O4'" B DG  111 ? ? "C1'" B DG  111 ? ? N9    B DG  111 ? ? 111.35 108.30 3.05   0.30 N 
40 1 "O4'" B DC  113 ? ? "C4'" B DC  113 ? ? "C3'" B DC  113 ? ? 101.01 104.50 -3.49  0.40 N 
41 1 C6    B DC  114 ? ? N1    B DC  114 ? ? "C1'" B DC  114 ? ? 129.73 120.80 8.93   1.20 N 
42 1 C2    B DC  114 ? ? N1    B DC  114 ? ? "C1'" B DC  114 ? ? 108.34 118.80 -10.46 1.10 N 
43 1 "O4'" B DC  115 ? ? "C4'" B DC  115 ? ? "C3'" B DC  115 ? ? 100.84 104.50 -3.66  0.40 N 
44 1 P     B DC  117 ? ? "O5'" B DC  117 ? ? "C5'" B DC  117 ? ? 108.40 120.90 -12.50 1.60 N 
45 1 "O4'" B DC  117 ? ? "C1'" B DC  117 ? ? "C2'" B DC  117 ? ? 110.09 106.80 3.29   0.50 N 
46 1 "O4'" B DC  117 ? ? "C1'" B DC  117 ? ? N1    B DC  117 ? ? 110.17 108.30 1.87   0.30 N 
47 1 "O4'" B DC  118 ? ? "C1'" B DC  118 ? ? N1    B DC  118 ? ? 111.74 108.30 3.44   0.30 N 
48 1 C2    B DC  119 ? ? N1    B DC  119 ? ? "C1'" B DC  119 ? ? 111.15 118.80 -7.65  1.10 N 
49 1 NE    C ARG 230 ? ? CZ    C ARG 230 ? ? NH2   C ARG 230 ? ? 116.42 120.30 -3.88  0.50 N 
50 1 CB    C ASP 245 ? ? CG    C ASP 245 ? ? OD2   C ASP 245 ? ? 112.04 118.30 -6.26  0.90 N 
# 
loop_
_pdbx_validate_torsion.id 
_pdbx_validate_torsion.PDB_model_num 
_pdbx_validate_torsion.auth_comp_id 
_pdbx_validate_torsion.auth_asym_id 
_pdbx_validate_torsion.auth_seq_id 
_pdbx_validate_torsion.PDB_ins_code 
_pdbx_validate_torsion.label_alt_id 
_pdbx_validate_torsion.phi 
_pdbx_validate_torsion.psi 
1 1 ARG C 240 ? ? -55.37  -71.64 
2 1 ASP C 245 ? ? -172.11 89.48  
3 1 SER C 248 ? ? -48.17  -18.22 
# 
loop_
_chem_comp_atom.comp_id 
_chem_comp_atom.atom_id 
_chem_comp_atom.type_symbol 
_chem_comp_atom.pdbx_aromatic_flag 
_chem_comp_atom.pdbx_stereo_config 
_chem_comp_atom.pdbx_ordinal 
ALA N      N N N 1   
ALA CA     C N S 2   
ALA C      C N N 3   
ALA O      O N N 4   
ALA CB     C N N 5   
ALA OXT    O N N 6   
ALA H      H N N 7   
ALA H2     H N N 8   
ALA HA     H N N 9   
ALA HB1    H N N 10  
ALA HB2    H N N 11  
ALA HB3    H N N 12  
ALA HXT    H N N 13  
ARG N      N N N 14  
ARG CA     C N S 15  
ARG C      C N N 16  
ARG O      O N N 17  
ARG CB     C N N 18  
ARG CG     C N N 19  
ARG CD     C N N 20  
ARG NE     N N N 21  
ARG CZ     C N N 22  
ARG NH1    N N N 23  
ARG NH2    N N N 24  
ARG OXT    O N N 25  
ARG H      H N N 26  
ARG H2     H N N 27  
ARG HA     H N N 28  
ARG HB2    H N N 29  
ARG HB3    H N N 30  
ARG HG2    H N N 31  
ARG HG3    H N N 32  
ARG HD2    H N N 33  
ARG HD3    H N N 34  
ARG HE     H N N 35  
ARG HH11   H N N 36  
ARG HH12   H N N 37  
ARG HH21   H N N 38  
ARG HH22   H N N 39  
ARG HXT    H N N 40  
ASN N      N N N 41  
ASN CA     C N S 42  
ASN C      C N N 43  
ASN O      O N N 44  
ASN CB     C N N 45  
ASN CG     C N N 46  
ASN OD1    O N N 47  
ASN ND2    N N N 48  
ASN OXT    O N N 49  
ASN H      H N N 50  
ASN H2     H N N 51  
ASN HA     H N N 52  
ASN HB2    H N N 53  
ASN HB3    H N N 54  
ASN HD21   H N N 55  
ASN HD22   H N N 56  
ASN HXT    H N N 57  
ASP N      N N N 58  
ASP CA     C N S 59  
ASP C      C N N 60  
ASP O      O N N 61  
ASP CB     C N N 62  
ASP CG     C N N 63  
ASP OD1    O N N 64  
ASP OD2    O N N 65  
ASP OXT    O N N 66  
ASP H      H N N 67  
ASP H2     H N N 68  
ASP HA     H N N 69  
ASP HB2    H N N 70  
ASP HB3    H N N 71  
ASP HD2    H N N 72  
ASP HXT    H N N 73  
CYS N      N N N 74  
CYS CA     C N R 75  
CYS C      C N N 76  
CYS O      O N N 77  
CYS CB     C N N 78  
CYS SG     S N N 79  
CYS OXT    O N N 80  
CYS H      H N N 81  
CYS H2     H N N 82  
CYS HA     H N N 83  
CYS HB2    H N N 84  
CYS HB3    H N N 85  
CYS HG     H N N 86  
CYS HXT    H N N 87  
DA  OP3    O N N 88  
DA  P      P N N 89  
DA  OP1    O N N 90  
DA  OP2    O N N 91  
DA  "O5'"  O N N 92  
DA  "C5'"  C N N 93  
DA  "C4'"  C N R 94  
DA  "O4'"  O N N 95  
DA  "C3'"  C N S 96  
DA  "O3'"  O N N 97  
DA  "C2'"  C N N 98  
DA  "C1'"  C N R 99  
DA  N9     N Y N 100 
DA  C8     C Y N 101 
DA  N7     N Y N 102 
DA  C5     C Y N 103 
DA  C6     C Y N 104 
DA  N6     N N N 105 
DA  N1     N Y N 106 
DA  C2     C Y N 107 
DA  N3     N Y N 108 
DA  C4     C Y N 109 
DA  HOP3   H N N 110 
DA  HOP2   H N N 111 
DA  "H5'"  H N N 112 
DA  "H5''" H N N 113 
DA  "H4'"  H N N 114 
DA  "H3'"  H N N 115 
DA  "HO3'" H N N 116 
DA  "H2'"  H N N 117 
DA  "H2''" H N N 118 
DA  "H1'"  H N N 119 
DA  H8     H N N 120 
DA  H61    H N N 121 
DA  H62    H N N 122 
DA  H2     H N N 123 
DC  OP3    O N N 124 
DC  P      P N N 125 
DC  OP1    O N N 126 
DC  OP2    O N N 127 
DC  "O5'"  O N N 128 
DC  "C5'"  C N N 129 
DC  "C4'"  C N R 130 
DC  "O4'"  O N N 131 
DC  "C3'"  C N S 132 
DC  "O3'"  O N N 133 
DC  "C2'"  C N N 134 
DC  "C1'"  C N R 135 
DC  N1     N N N 136 
DC  C2     C N N 137 
DC  O2     O N N 138 
DC  N3     N N N 139 
DC  C4     C N N 140 
DC  N4     N N N 141 
DC  C5     C N N 142 
DC  C6     C N N 143 
DC  HOP3   H N N 144 
DC  HOP2   H N N 145 
DC  "H5'"  H N N 146 
DC  "H5''" H N N 147 
DC  "H4'"  H N N 148 
DC  "H3'"  H N N 149 
DC  "HO3'" H N N 150 
DC  "H2'"  H N N 151 
DC  "H2''" H N N 152 
DC  "H1'"  H N N 153 
DC  H41    H N N 154 
DC  H42    H N N 155 
DC  H5     H N N 156 
DC  H6     H N N 157 
DG  OP3    O N N 158 
DG  P      P N N 159 
DG  OP1    O N N 160 
DG  OP2    O N N 161 
DG  "O5'"  O N N 162 
DG  "C5'"  C N N 163 
DG  "C4'"  C N R 164 
DG  "O4'"  O N N 165 
DG  "C3'"  C N S 166 
DG  "O3'"  O N N 167 
DG  "C2'"  C N N 168 
DG  "C1'"  C N R 169 
DG  N9     N Y N 170 
DG  C8     C Y N 171 
DG  N7     N Y N 172 
DG  C5     C Y N 173 
DG  C6     C N N 174 
DG  O6     O N N 175 
DG  N1     N N N 176 
DG  C2     C N N 177 
DG  N2     N N N 178 
DG  N3     N N N 179 
DG  C4     C Y N 180 
DG  HOP3   H N N 181 
DG  HOP2   H N N 182 
DG  "H5'"  H N N 183 
DG  "H5''" H N N 184 
DG  "H4'"  H N N 185 
DG  "H3'"  H N N 186 
DG  "HO3'" H N N 187 
DG  "H2'"  H N N 188 
DG  "H2''" H N N 189 
DG  "H1'"  H N N 190 
DG  H8     H N N 191 
DG  H1     H N N 192 
DG  H21    H N N 193 
DG  H22    H N N 194 
DT  OP3    O N N 195 
DT  P      P N N 196 
DT  OP1    O N N 197 
DT  OP2    O N N 198 
DT  "O5'"  O N N 199 
DT  "C5'"  C N N 200 
DT  "C4'"  C N R 201 
DT  "O4'"  O N N 202 
DT  "C3'"  C N S 203 
DT  "O3'"  O N N 204 
DT  "C2'"  C N N 205 
DT  "C1'"  C N R 206 
DT  N1     N N N 207 
DT  C2     C N N 208 
DT  O2     O N N 209 
DT  N3     N N N 210 
DT  C4     C N N 211 
DT  O4     O N N 212 
DT  C5     C N N 213 
DT  C7     C N N 214 
DT  C6     C N N 215 
DT  HOP3   H N N 216 
DT  HOP2   H N N 217 
DT  "H5'"  H N N 218 
DT  "H5''" H N N 219 
DT  "H4'"  H N N 220 
DT  "H3'"  H N N 221 
DT  "HO3'" H N N 222 
DT  "H2'"  H N N 223 
DT  "H2''" H N N 224 
DT  "H1'"  H N N 225 
DT  H3     H N N 226 
DT  H71    H N N 227 
DT  H72    H N N 228 
DT  H73    H N N 229 
DT  H6     H N N 230 
GLN N      N N N 231 
GLN CA     C N S 232 
GLN C      C N N 233 
GLN O      O N N 234 
GLN CB     C N N 235 
GLN CG     C N N 236 
GLN CD     C N N 237 
GLN OE1    O N N 238 
GLN NE2    N N N 239 
GLN OXT    O N N 240 
GLN H      H N N 241 
GLN H2     H N N 242 
GLN HA     H N N 243 
GLN HB2    H N N 244 
GLN HB3    H N N 245 
GLN HG2    H N N 246 
GLN HG3    H N N 247 
GLN HE21   H N N 248 
GLN HE22   H N N 249 
GLN HXT    H N N 250 
GLU N      N N N 251 
GLU CA     C N S 252 
GLU C      C N N 253 
GLU O      O N N 254 
GLU CB     C N N 255 
GLU CG     C N N 256 
GLU CD     C N N 257 
GLU OE1    O N N 258 
GLU OE2    O N N 259 
GLU OXT    O N N 260 
GLU H      H N N 261 
GLU H2     H N N 262 
GLU HA     H N N 263 
GLU HB2    H N N 264 
GLU HB3    H N N 265 
GLU HG2    H N N 266 
GLU HG3    H N N 267 
GLU HE2    H N N 268 
GLU HXT    H N N 269 
GLY N      N N N 270 
GLY CA     C N N 271 
GLY C      C N N 272 
GLY O      O N N 273 
GLY OXT    O N N 274 
GLY H      H N N 275 
GLY H2     H N N 276 
GLY HA2    H N N 277 
GLY HA3    H N N 278 
GLY HXT    H N N 279 
HIS N      N N N 280 
HIS CA     C N S 281 
HIS C      C N N 282 
HIS O      O N N 283 
HIS CB     C N N 284 
HIS CG     C Y N 285 
HIS ND1    N Y N 286 
HIS CD2    C Y N 287 
HIS CE1    C Y N 288 
HIS NE2    N Y N 289 
HIS OXT    O N N 290 
HIS H      H N N 291 
HIS H2     H N N 292 
HIS HA     H N N 293 
HIS HB2    H N N 294 
HIS HB3    H N N 295 
HIS HD1    H N N 296 
HIS HD2    H N N 297 
HIS HE1    H N N 298 
HIS HE2    H N N 299 
HIS HXT    H N N 300 
HOH O      O N N 301 
HOH H1     H N N 302 
HOH H2     H N N 303 
ILE N      N N N 304 
ILE CA     C N S 305 
ILE C      C N N 306 
ILE O      O N N 307 
ILE CB     C N S 308 
ILE CG1    C N N 309 
ILE CG2    C N N 310 
ILE CD1    C N N 311 
ILE OXT    O N N 312 
ILE H      H N N 313 
ILE H2     H N N 314 
ILE HA     H N N 315 
ILE HB     H N N 316 
ILE HG12   H N N 317 
ILE HG13   H N N 318 
ILE HG21   H N N 319 
ILE HG22   H N N 320 
ILE HG23   H N N 321 
ILE HD11   H N N 322 
ILE HD12   H N N 323 
ILE HD13   H N N 324 
ILE HXT    H N N 325 
LEU N      N N N 326 
LEU CA     C N S 327 
LEU C      C N N 328 
LEU O      O N N 329 
LEU CB     C N N 330 
LEU CG     C N N 331 
LEU CD1    C N N 332 
LEU CD2    C N N 333 
LEU OXT    O N N 334 
LEU H      H N N 335 
LEU H2     H N N 336 
LEU HA     H N N 337 
LEU HB2    H N N 338 
LEU HB3    H N N 339 
LEU HG     H N N 340 
LEU HD11   H N N 341 
LEU HD12   H N N 342 
LEU HD13   H N N 343 
LEU HD21   H N N 344 
LEU HD22   H N N 345 
LEU HD23   H N N 346 
LEU HXT    H N N 347 
LYS N      N N N 348 
LYS CA     C N S 349 
LYS C      C N N 350 
LYS O      O N N 351 
LYS CB     C N N 352 
LYS CG     C N N 353 
LYS CD     C N N 354 
LYS CE     C N N 355 
LYS NZ     N N N 356 
LYS OXT    O N N 357 
LYS H      H N N 358 
LYS H2     H N N 359 
LYS HA     H N N 360 
LYS HB2    H N N 361 
LYS HB3    H N N 362 
LYS HG2    H N N 363 
LYS HG3    H N N 364 
LYS HD2    H N N 365 
LYS HD3    H N N 366 
LYS HE2    H N N 367 
LYS HE3    H N N 368 
LYS HZ1    H N N 369 
LYS HZ2    H N N 370 
LYS HZ3    H N N 371 
LYS HXT    H N N 372 
MET N      N N N 373 
MET CA     C N S 374 
MET C      C N N 375 
MET O      O N N 376 
MET CB     C N N 377 
MET CG     C N N 378 
MET SD     S N N 379 
MET CE     C N N 380 
MET OXT    O N N 381 
MET H      H N N 382 
MET H2     H N N 383 
MET HA     H N N 384 
MET HB2    H N N 385 
MET HB3    H N N 386 
MET HG2    H N N 387 
MET HG3    H N N 388 
MET HE1    H N N 389 
MET HE2    H N N 390 
MET HE3    H N N 391 
MET HXT    H N N 392 
PRO N      N N N 393 
PRO CA     C N S 394 
PRO C      C N N 395 
PRO O      O N N 396 
PRO CB     C N N 397 
PRO CG     C N N 398 
PRO CD     C N N 399 
PRO OXT    O N N 400 
PRO H      H N N 401 
PRO HA     H N N 402 
PRO HB2    H N N 403 
PRO HB3    H N N 404 
PRO HG2    H N N 405 
PRO HG3    H N N 406 
PRO HD2    H N N 407 
PRO HD3    H N N 408 
PRO HXT    H N N 409 
SER N      N N N 410 
SER CA     C N S 411 
SER C      C N N 412 
SER O      O N N 413 
SER CB     C N N 414 
SER OG     O N N 415 
SER OXT    O N N 416 
SER H      H N N 417 
SER H2     H N N 418 
SER HA     H N N 419 
SER HB2    H N N 420 
SER HB3    H N N 421 
SER HG     H N N 422 
SER HXT    H N N 423 
THR N      N N N 424 
THR CA     C N S 425 
THR C      C N N 426 
THR O      O N N 427 
THR CB     C N R 428 
THR OG1    O N N 429 
THR CG2    C N N 430 
THR OXT    O N N 431 
THR H      H N N 432 
THR H2     H N N 433 
THR HA     H N N 434 
THR HB     H N N 435 
THR HG1    H N N 436 
THR HG21   H N N 437 
THR HG22   H N N 438 
THR HG23   H N N 439 
THR HXT    H N N 440 
TYR N      N N N 441 
TYR CA     C N S 442 
TYR C      C N N 443 
TYR O      O N N 444 
TYR CB     C N N 445 
TYR CG     C Y N 446 
TYR CD1    C Y N 447 
TYR CD2    C Y N 448 
TYR CE1    C Y N 449 
TYR CE2    C Y N 450 
TYR CZ     C Y N 451 
TYR OH     O N N 452 
TYR OXT    O N N 453 
TYR H      H N N 454 
TYR H2     H N N 455 
TYR HA     H N N 456 
TYR HB2    H N N 457 
TYR HB3    H N N 458 
TYR HD1    H N N 459 
TYR HD2    H N N 460 
TYR HE1    H N N 461 
TYR HE2    H N N 462 
TYR HH     H N N 463 
TYR HXT    H N N 464 
VAL N      N N N 465 
VAL CA     C N S 466 
VAL C      C N N 467 
VAL O      O N N 468 
VAL CB     C N N 469 
VAL CG1    C N N 470 
VAL CG2    C N N 471 
VAL OXT    O N N 472 
VAL H      H N N 473 
VAL H2     H N N 474 
VAL HA     H N N 475 
VAL HB     H N N 476 
VAL HG11   H N N 477 
VAL HG12   H N N 478 
VAL HG13   H N N 479 
VAL HG21   H N N 480 
VAL HG22   H N N 481 
VAL HG23   H N N 482 
VAL HXT    H N N 483 
# 
loop_
_chem_comp_bond.comp_id 
_chem_comp_bond.atom_id_1 
_chem_comp_bond.atom_id_2 
_chem_comp_bond.value_order 
_chem_comp_bond.pdbx_aromatic_flag 
_chem_comp_bond.pdbx_stereo_config 
_chem_comp_bond.pdbx_ordinal 
ALA N     CA     sing N N 1   
ALA N     H      sing N N 2   
ALA N     H2     sing N N 3   
ALA CA    C      sing N N 4   
ALA CA    CB     sing N N 5   
ALA CA    HA     sing N N 6   
ALA C     O      doub N N 7   
ALA C     OXT    sing N N 8   
ALA CB    HB1    sing N N 9   
ALA CB    HB2    sing N N 10  
ALA CB    HB3    sing N N 11  
ALA OXT   HXT    sing N N 12  
ARG N     CA     sing N N 13  
ARG N     H      sing N N 14  
ARG N     H2     sing N N 15  
ARG CA    C      sing N N 16  
ARG CA    CB     sing N N 17  
ARG CA    HA     sing N N 18  
ARG C     O      doub N N 19  
ARG C     OXT    sing N N 20  
ARG CB    CG     sing N N 21  
ARG CB    HB2    sing N N 22  
ARG CB    HB3    sing N N 23  
ARG CG    CD     sing N N 24  
ARG CG    HG2    sing N N 25  
ARG CG    HG3    sing N N 26  
ARG CD    NE     sing N N 27  
ARG CD    HD2    sing N N 28  
ARG CD    HD3    sing N N 29  
ARG NE    CZ     sing N N 30  
ARG NE    HE     sing N N 31  
ARG CZ    NH1    sing N N 32  
ARG CZ    NH2    doub N N 33  
ARG NH1   HH11   sing N N 34  
ARG NH1   HH12   sing N N 35  
ARG NH2   HH21   sing N N 36  
ARG NH2   HH22   sing N N 37  
ARG OXT   HXT    sing N N 38  
ASN N     CA     sing N N 39  
ASN N     H      sing N N 40  
ASN N     H2     sing N N 41  
ASN CA    C      sing N N 42  
ASN CA    CB     sing N N 43  
ASN CA    HA     sing N N 44  
ASN C     O      doub N N 45  
ASN C     OXT    sing N N 46  
ASN CB    CG     sing N N 47  
ASN CB    HB2    sing N N 48  
ASN CB    HB3    sing N N 49  
ASN CG    OD1    doub N N 50  
ASN CG    ND2    sing N N 51  
ASN ND2   HD21   sing N N 52  
ASN ND2   HD22   sing N N 53  
ASN OXT   HXT    sing N N 54  
ASP N     CA     sing N N 55  
ASP N     H      sing N N 56  
ASP N     H2     sing N N 57  
ASP CA    C      sing N N 58  
ASP CA    CB     sing N N 59  
ASP CA    HA     sing N N 60  
ASP C     O      doub N N 61  
ASP C     OXT    sing N N 62  
ASP CB    CG     sing N N 63  
ASP CB    HB2    sing N N 64  
ASP CB    HB3    sing N N 65  
ASP CG    OD1    doub N N 66  
ASP CG    OD2    sing N N 67  
ASP OD2   HD2    sing N N 68  
ASP OXT   HXT    sing N N 69  
CYS N     CA     sing N N 70  
CYS N     H      sing N N 71  
CYS N     H2     sing N N 72  
CYS CA    C      sing N N 73  
CYS CA    CB     sing N N 74  
CYS CA    HA     sing N N 75  
CYS C     O      doub N N 76  
CYS C     OXT    sing N N 77  
CYS CB    SG     sing N N 78  
CYS CB    HB2    sing N N 79  
CYS CB    HB3    sing N N 80  
CYS SG    HG     sing N N 81  
CYS OXT   HXT    sing N N 82  
DA  OP3   P      sing N N 83  
DA  OP3   HOP3   sing N N 84  
DA  P     OP1    doub N N 85  
DA  P     OP2    sing N N 86  
DA  P     "O5'"  sing N N 87  
DA  OP2   HOP2   sing N N 88  
DA  "O5'" "C5'"  sing N N 89  
DA  "C5'" "C4'"  sing N N 90  
DA  "C5'" "H5'"  sing N N 91  
DA  "C5'" "H5''" sing N N 92  
DA  "C4'" "O4'"  sing N N 93  
DA  "C4'" "C3'"  sing N N 94  
DA  "C4'" "H4'"  sing N N 95  
DA  "O4'" "C1'"  sing N N 96  
DA  "C3'" "O3'"  sing N N 97  
DA  "C3'" "C2'"  sing N N 98  
DA  "C3'" "H3'"  sing N N 99  
DA  "O3'" "HO3'" sing N N 100 
DA  "C2'" "C1'"  sing N N 101 
DA  "C2'" "H2'"  sing N N 102 
DA  "C2'" "H2''" sing N N 103 
DA  "C1'" N9     sing N N 104 
DA  "C1'" "H1'"  sing N N 105 
DA  N9    C8     sing Y N 106 
DA  N9    C4     sing Y N 107 
DA  C8    N7     doub Y N 108 
DA  C8    H8     sing N N 109 
DA  N7    C5     sing Y N 110 
DA  C5    C6     sing Y N 111 
DA  C5    C4     doub Y N 112 
DA  C6    N6     sing N N 113 
DA  C6    N1     doub Y N 114 
DA  N6    H61    sing N N 115 
DA  N6    H62    sing N N 116 
DA  N1    C2     sing Y N 117 
DA  C2    N3     doub Y N 118 
DA  C2    H2     sing N N 119 
DA  N3    C4     sing Y N 120 
DC  OP3   P      sing N N 121 
DC  OP3   HOP3   sing N N 122 
DC  P     OP1    doub N N 123 
DC  P     OP2    sing N N 124 
DC  P     "O5'"  sing N N 125 
DC  OP2   HOP2   sing N N 126 
DC  "O5'" "C5'"  sing N N 127 
DC  "C5'" "C4'"  sing N N 128 
DC  "C5'" "H5'"  sing N N 129 
DC  "C5'" "H5''" sing N N 130 
DC  "C4'" "O4'"  sing N N 131 
DC  "C4'" "C3'"  sing N N 132 
DC  "C4'" "H4'"  sing N N 133 
DC  "O4'" "C1'"  sing N N 134 
DC  "C3'" "O3'"  sing N N 135 
DC  "C3'" "C2'"  sing N N 136 
DC  "C3'" "H3'"  sing N N 137 
DC  "O3'" "HO3'" sing N N 138 
DC  "C2'" "C1'"  sing N N 139 
DC  "C2'" "H2'"  sing N N 140 
DC  "C2'" "H2''" sing N N 141 
DC  "C1'" N1     sing N N 142 
DC  "C1'" "H1'"  sing N N 143 
DC  N1    C2     sing N N 144 
DC  N1    C6     sing N N 145 
DC  C2    O2     doub N N 146 
DC  C2    N3     sing N N 147 
DC  N3    C4     doub N N 148 
DC  C4    N4     sing N N 149 
DC  C4    C5     sing N N 150 
DC  N4    H41    sing N N 151 
DC  N4    H42    sing N N 152 
DC  C5    C6     doub N N 153 
DC  C5    H5     sing N N 154 
DC  C6    H6     sing N N 155 
DG  OP3   P      sing N N 156 
DG  OP3   HOP3   sing N N 157 
DG  P     OP1    doub N N 158 
DG  P     OP2    sing N N 159 
DG  P     "O5'"  sing N N 160 
DG  OP2   HOP2   sing N N 161 
DG  "O5'" "C5'"  sing N N 162 
DG  "C5'" "C4'"  sing N N 163 
DG  "C5'" "H5'"  sing N N 164 
DG  "C5'" "H5''" sing N N 165 
DG  "C4'" "O4'"  sing N N 166 
DG  "C4'" "C3'"  sing N N 167 
DG  "C4'" "H4'"  sing N N 168 
DG  "O4'" "C1'"  sing N N 169 
DG  "C3'" "O3'"  sing N N 170 
DG  "C3'" "C2'"  sing N N 171 
DG  "C3'" "H3'"  sing N N 172 
DG  "O3'" "HO3'" sing N N 173 
DG  "C2'" "C1'"  sing N N 174 
DG  "C2'" "H2'"  sing N N 175 
DG  "C2'" "H2''" sing N N 176 
DG  "C1'" N9     sing N N 177 
DG  "C1'" "H1'"  sing N N 178 
DG  N9    C8     sing Y N 179 
DG  N9    C4     sing Y N 180 
DG  C8    N7     doub Y N 181 
DG  C8    H8     sing N N 182 
DG  N7    C5     sing Y N 183 
DG  C5    C6     sing N N 184 
DG  C5    C4     doub Y N 185 
DG  C6    O6     doub N N 186 
DG  C6    N1     sing N N 187 
DG  N1    C2     sing N N 188 
DG  N1    H1     sing N N 189 
DG  C2    N2     sing N N 190 
DG  C2    N3     doub N N 191 
DG  N2    H21    sing N N 192 
DG  N2    H22    sing N N 193 
DG  N3    C4     sing N N 194 
DT  OP3   P      sing N N 195 
DT  OP3   HOP3   sing N N 196 
DT  P     OP1    doub N N 197 
DT  P     OP2    sing N N 198 
DT  P     "O5'"  sing N N 199 
DT  OP2   HOP2   sing N N 200 
DT  "O5'" "C5'"  sing N N 201 
DT  "C5'" "C4'"  sing N N 202 
DT  "C5'" "H5'"  sing N N 203 
DT  "C5'" "H5''" sing N N 204 
DT  "C4'" "O4'"  sing N N 205 
DT  "C4'" "C3'"  sing N N 206 
DT  "C4'" "H4'"  sing N N 207 
DT  "O4'" "C1'"  sing N N 208 
DT  "C3'" "O3'"  sing N N 209 
DT  "C3'" "C2'"  sing N N 210 
DT  "C3'" "H3'"  sing N N 211 
DT  "O3'" "HO3'" sing N N 212 
DT  "C2'" "C1'"  sing N N 213 
DT  "C2'" "H2'"  sing N N 214 
DT  "C2'" "H2''" sing N N 215 
DT  "C1'" N1     sing N N 216 
DT  "C1'" "H1'"  sing N N 217 
DT  N1    C2     sing N N 218 
DT  N1    C6     sing N N 219 
DT  C2    O2     doub N N 220 
DT  C2    N3     sing N N 221 
DT  N3    C4     sing N N 222 
DT  N3    H3     sing N N 223 
DT  C4    O4     doub N N 224 
DT  C4    C5     sing N N 225 
DT  C5    C7     sing N N 226 
DT  C5    C6     doub N N 227 
DT  C7    H71    sing N N 228 
DT  C7    H72    sing N N 229 
DT  C7    H73    sing N N 230 
DT  C6    H6     sing N N 231 
GLN N     CA     sing N N 232 
GLN N     H      sing N N 233 
GLN N     H2     sing N N 234 
GLN CA    C      sing N N 235 
GLN CA    CB     sing N N 236 
GLN CA    HA     sing N N 237 
GLN C     O      doub N N 238 
GLN C     OXT    sing N N 239 
GLN CB    CG     sing N N 240 
GLN CB    HB2    sing N N 241 
GLN CB    HB3    sing N N 242 
GLN CG    CD     sing N N 243 
GLN CG    HG2    sing N N 244 
GLN CG    HG3    sing N N 245 
GLN CD    OE1    doub N N 246 
GLN CD    NE2    sing N N 247 
GLN NE2   HE21   sing N N 248 
GLN NE2   HE22   sing N N 249 
GLN OXT   HXT    sing N N 250 
GLU N     CA     sing N N 251 
GLU N     H      sing N N 252 
GLU N     H2     sing N N 253 
GLU CA    C      sing N N 254 
GLU CA    CB     sing N N 255 
GLU CA    HA     sing N N 256 
GLU C     O      doub N N 257 
GLU C     OXT    sing N N 258 
GLU CB    CG     sing N N 259 
GLU CB    HB2    sing N N 260 
GLU CB    HB3    sing N N 261 
GLU CG    CD     sing N N 262 
GLU CG    HG2    sing N N 263 
GLU CG    HG3    sing N N 264 
GLU CD    OE1    doub N N 265 
GLU CD    OE2    sing N N 266 
GLU OE2   HE2    sing N N 267 
GLU OXT   HXT    sing N N 268 
GLY N     CA     sing N N 269 
GLY N     H      sing N N 270 
GLY N     H2     sing N N 271 
GLY CA    C      sing N N 272 
GLY CA    HA2    sing N N 273 
GLY CA    HA3    sing N N 274 
GLY C     O      doub N N 275 
GLY C     OXT    sing N N 276 
GLY OXT   HXT    sing N N 277 
HIS N     CA     sing N N 278 
HIS N     H      sing N N 279 
HIS N     H2     sing N N 280 
HIS CA    C      sing N N 281 
HIS CA    CB     sing N N 282 
HIS CA    HA     sing N N 283 
HIS C     O      doub N N 284 
HIS C     OXT    sing N N 285 
HIS CB    CG     sing N N 286 
HIS CB    HB2    sing N N 287 
HIS CB    HB3    sing N N 288 
HIS CG    ND1    sing Y N 289 
HIS CG    CD2    doub Y N 290 
HIS ND1   CE1    doub Y N 291 
HIS ND1   HD1    sing N N 292 
HIS CD2   NE2    sing Y N 293 
HIS CD2   HD2    sing N N 294 
HIS CE1   NE2    sing Y N 295 
HIS CE1   HE1    sing N N 296 
HIS NE2   HE2    sing N N 297 
HIS OXT   HXT    sing N N 298 
HOH O     H1     sing N N 299 
HOH O     H2     sing N N 300 
ILE N     CA     sing N N 301 
ILE N     H      sing N N 302 
ILE N     H2     sing N N 303 
ILE CA    C      sing N N 304 
ILE CA    CB     sing N N 305 
ILE CA    HA     sing N N 306 
ILE C     O      doub N N 307 
ILE C     OXT    sing N N 308 
ILE CB    CG1    sing N N 309 
ILE CB    CG2    sing N N 310 
ILE CB    HB     sing N N 311 
ILE CG1   CD1    sing N N 312 
ILE CG1   HG12   sing N N 313 
ILE CG1   HG13   sing N N 314 
ILE CG2   HG21   sing N N 315 
ILE CG2   HG22   sing N N 316 
ILE CG2   HG23   sing N N 317 
ILE CD1   HD11   sing N N 318 
ILE CD1   HD12   sing N N 319 
ILE CD1   HD13   sing N N 320 
ILE OXT   HXT    sing N N 321 
LEU N     CA     sing N N 322 
LEU N     H      sing N N 323 
LEU N     H2     sing N N 324 
LEU CA    C      sing N N 325 
LEU CA    CB     sing N N 326 
LEU CA    HA     sing N N 327 
LEU C     O      doub N N 328 
LEU C     OXT    sing N N 329 
LEU CB    CG     sing N N 330 
LEU CB    HB2    sing N N 331 
LEU CB    HB3    sing N N 332 
LEU CG    CD1    sing N N 333 
LEU CG    CD2    sing N N 334 
LEU CG    HG     sing N N 335 
LEU CD1   HD11   sing N N 336 
LEU CD1   HD12   sing N N 337 
LEU CD1   HD13   sing N N 338 
LEU CD2   HD21   sing N N 339 
LEU CD2   HD22   sing N N 340 
LEU CD2   HD23   sing N N 341 
LEU OXT   HXT    sing N N 342 
LYS N     CA     sing N N 343 
LYS N     H      sing N N 344 
LYS N     H2     sing N N 345 
LYS CA    C      sing N N 346 
LYS CA    CB     sing N N 347 
LYS CA    HA     sing N N 348 
LYS C     O      doub N N 349 
LYS C     OXT    sing N N 350 
LYS CB    CG     sing N N 351 
LYS CB    HB2    sing N N 352 
LYS CB    HB3    sing N N 353 
LYS CG    CD     sing N N 354 
LYS CG    HG2    sing N N 355 
LYS CG    HG3    sing N N 356 
LYS CD    CE     sing N N 357 
LYS CD    HD2    sing N N 358 
LYS CD    HD3    sing N N 359 
LYS CE    NZ     sing N N 360 
LYS CE    HE2    sing N N 361 
LYS CE    HE3    sing N N 362 
LYS NZ    HZ1    sing N N 363 
LYS NZ    HZ2    sing N N 364 
LYS NZ    HZ3    sing N N 365 
LYS OXT   HXT    sing N N 366 
MET N     CA     sing N N 367 
MET N     H      sing N N 368 
MET N     H2     sing N N 369 
MET CA    C      sing N N 370 
MET CA    CB     sing N N 371 
MET CA    HA     sing N N 372 
MET C     O      doub N N 373 
MET C     OXT    sing N N 374 
MET CB    CG     sing N N 375 
MET CB    HB2    sing N N 376 
MET CB    HB3    sing N N 377 
MET CG    SD     sing N N 378 
MET CG    HG2    sing N N 379 
MET CG    HG3    sing N N 380 
MET SD    CE     sing N N 381 
MET CE    HE1    sing N N 382 
MET CE    HE2    sing N N 383 
MET CE    HE3    sing N N 384 
MET OXT   HXT    sing N N 385 
PRO N     CA     sing N N 386 
PRO N     CD     sing N N 387 
PRO N     H      sing N N 388 
PRO CA    C      sing N N 389 
PRO CA    CB     sing N N 390 
PRO CA    HA     sing N N 391 
PRO C     O      doub N N 392 
PRO C     OXT    sing N N 393 
PRO CB    CG     sing N N 394 
PRO CB    HB2    sing N N 395 
PRO CB    HB3    sing N N 396 
PRO CG    CD     sing N N 397 
PRO CG    HG2    sing N N 398 
PRO CG    HG3    sing N N 399 
PRO CD    HD2    sing N N 400 
PRO CD    HD3    sing N N 401 
PRO OXT   HXT    sing N N 402 
SER N     CA     sing N N 403 
SER N     H      sing N N 404 
SER N     H2     sing N N 405 
SER CA    C      sing N N 406 
SER CA    CB     sing N N 407 
SER CA    HA     sing N N 408 
SER C     O      doub N N 409 
SER C     OXT    sing N N 410 
SER CB    OG     sing N N 411 
SER CB    HB2    sing N N 412 
SER CB    HB3    sing N N 413 
SER OG    HG     sing N N 414 
SER OXT   HXT    sing N N 415 
THR N     CA     sing N N 416 
THR N     H      sing N N 417 
THR N     H2     sing N N 418 
THR CA    C      sing N N 419 
THR CA    CB     sing N N 420 
THR CA    HA     sing N N 421 
THR C     O      doub N N 422 
THR C     OXT    sing N N 423 
THR CB    OG1    sing N N 424 
THR CB    CG2    sing N N 425 
THR CB    HB     sing N N 426 
THR OG1   HG1    sing N N 427 
THR CG2   HG21   sing N N 428 
THR CG2   HG22   sing N N 429 
THR CG2   HG23   sing N N 430 
THR OXT   HXT    sing N N 431 
TYR N     CA     sing N N 432 
TYR N     H      sing N N 433 
TYR N     H2     sing N N 434 
TYR CA    C      sing N N 435 
TYR CA    CB     sing N N 436 
TYR CA    HA     sing N N 437 
TYR C     O      doub N N 438 
TYR C     OXT    sing N N 439 
TYR CB    CG     sing N N 440 
TYR CB    HB2    sing N N 441 
TYR CB    HB3    sing N N 442 
TYR CG    CD1    doub Y N 443 
TYR CG    CD2    sing Y N 444 
TYR CD1   CE1    sing Y N 445 
TYR CD1   HD1    sing N N 446 
TYR CD2   CE2    doub Y N 447 
TYR CD2   HD2    sing N N 448 
TYR CE1   CZ     doub Y N 449 
TYR CE1   HE1    sing N N 450 
TYR CE2   CZ     sing Y N 451 
TYR CE2   HE2    sing N N 452 
TYR CZ    OH     sing N N 453 
TYR OH    HH     sing N N 454 
TYR OXT   HXT    sing N N 455 
VAL N     CA     sing N N 456 
VAL N     H      sing N N 457 
VAL N     H2     sing N N 458 
VAL CA    C      sing N N 459 
VAL CA    CB     sing N N 460 
VAL CA    HA     sing N N 461 
VAL C     O      doub N N 462 
VAL C     OXT    sing N N 463 
VAL CB    CG1    sing N N 464 
VAL CB    CG2    sing N N 465 
VAL CB    HB     sing N N 466 
VAL CG1   HG11   sing N N 467 
VAL CG1   HG12   sing N N 468 
VAL CG1   HG13   sing N N 469 
VAL CG2   HG21   sing N N 470 
VAL CG2   HG22   sing N N 471 
VAL CG2   HG23   sing N N 472 
VAL OXT   HXT    sing N N 473 
# 
loop_
_ndb_struct_conf_na.entry_id 
_ndb_struct_conf_na.feature 
1TC3 'double helix'        
1TC3 'a-form double helix' 
1TC3 'b-form double helix' 
# 
loop_
_ndb_struct_na_base_pair.model_number 
_ndb_struct_na_base_pair.i_label_asym_id 
_ndb_struct_na_base_pair.i_label_comp_id 
_ndb_struct_na_base_pair.i_label_seq_id 
_ndb_struct_na_base_pair.i_symmetry 
_ndb_struct_na_base_pair.j_label_asym_id 
_ndb_struct_na_base_pair.j_label_comp_id 
_ndb_struct_na_base_pair.j_label_seq_id 
_ndb_struct_na_base_pair.j_symmetry 
_ndb_struct_na_base_pair.shear 
_ndb_struct_na_base_pair.stretch 
_ndb_struct_na_base_pair.stagger 
_ndb_struct_na_base_pair.buckle 
_ndb_struct_na_base_pair.propeller 
_ndb_struct_na_base_pair.opening 
_ndb_struct_na_base_pair.pair_number 
_ndb_struct_na_base_pair.pair_name 
_ndb_struct_na_base_pair.i_auth_asym_id 
_ndb_struct_na_base_pair.i_auth_seq_id 
_ndb_struct_na_base_pair.i_PDB_ins_code 
_ndb_struct_na_base_pair.j_auth_asym_id 
_ndb_struct_na_base_pair.j_auth_seq_id 
_ndb_struct_na_base_pair.j_PDB_ins_code 
_ndb_struct_na_base_pair.hbond_type_28 
_ndb_struct_na_base_pair.hbond_type_12 
1 A DG 2  1_555 B DC 19 1_555 -0.182 -0.266 0.583  8.566   -9.769  -8.262 1  A_DG2:DC119_B  A 2  ? B 119 ? 19 1 
1 A DG 3  1_555 B DC 18 1_555 0.163  -0.256 0.127  -5.719  -10.039 -3.520 2  A_DG3:DC118_B  A 3  ? B 118 ? 19 1 
1 A DG 4  1_555 B DC 17 1_555 -0.102 -0.248 0.421  -1.542  -7.633  -0.667 3  A_DG4:DC117_B  A 4  ? B 117 ? 19 1 
1 A DG 5  1_555 B DC 16 1_555 0.017  -0.326 0.083  -3.559  -6.028  1.736  4  A_DG5:DC116_B  A 5  ? B 116 ? 19 1 
1 A DG 6  1_555 B DC 15 1_555 -0.214 -0.239 -0.127 -3.784  -0.687  3.135  5  A_DG6:DC115_B  A 6  ? B 115 ? 19 1 
1 A DG 7  1_555 B DC 14 1_555 0.037  -0.222 -0.353 -8.829  -11.077 -3.033 6  A_DG7:DC114_B  A 7  ? B 114 ? 19 1 
1 A DG 8  1_555 B DC 13 1_555 -0.317 -0.399 -0.378 -16.061 -17.271 -3.535 7  A_DG8:DC113_B  A 8  ? B 113 ? 19 1 
1 A DT 9  1_555 B DA 12 1_555 0.430  -0.399 -0.045 -11.969 -14.801 12.031 8  A_DT9:DA112_B  A 9  ? B 112 ? 20 1 
1 A DC 10 1_555 B DG 11 1_555 0.521  -0.428 -0.341 -10.515 4.225   3.871  9  A_DC10:DG111_B A 10 ? B 111 ? 19 1 
1 A DC 11 1_555 B DG 10 1_555 0.275  -0.330 0.523  -15.525 -4.193  -2.523 10 A_DC11:DG110_B A 11 ? B 110 ? 19 1 
1 A DT 12 1_555 B DA 9  1_555 -0.177 -0.228 -0.127 -9.976  -5.905  -1.558 11 A_DT12:DA109_B A 12 ? B 109 ? 20 1 
1 A DA 13 1_555 B DT 8  1_555 -0.567 -0.494 0.474  0.669   -7.272  -0.771 12 A_DA13:DT108_B A 13 ? B 108 ? 20 1 
1 A DT 14 1_555 B DA 7  1_555 -0.338 -0.354 0.326  -3.991  -14.341 -5.831 13 A_DT14:DA107_B A 14 ? B 107 ? 20 1 
1 A DA 15 1_555 B DT 6  1_555 -0.694 -0.018 -0.044 -2.977  -0.453  12.914 14 A_DA15:DT106_B A 15 ? B 106 ? ?  1 
1 A DG 16 1_555 B DC 5  1_555 -0.515 -0.067 -0.614 3.465   -9.271  12.047 15 A_DG16:DC105_B A 16 ? B 105 ? 19 1 
1 A DA 17 1_555 B DT 4  1_555 -0.659 -0.147 -0.123 12.322  -13.655 3.927  16 A_DA17:DT104_B A 17 ? B 104 ? 20 1 
1 A DA 18 1_555 B DT 3  1_555 -0.412 -0.380 0.732  21.100  -23.756 -1.556 17 A_DA18:DT103_B A 18 ? B 103 ? 20 1 
1 A DC 19 1_555 B DG 2  1_555 0.399  -0.546 0.332  -5.207  -10.245 -3.283 18 A_DC19:DG102_B A 19 ? B 102 ? 19 1 
1 A DT 20 1_555 B DA 1  1_555 0.565  -0.486 0.462  -21.175 -8.339  -4.722 19 A_DT20:DA101_B A 20 ? B 101 ? 20 1 
# 
loop_
_ndb_struct_na_base_pair_step.model_number 
_ndb_struct_na_base_pair_step.i_label_asym_id_1 
_ndb_struct_na_base_pair_step.i_label_comp_id_1 
_ndb_struct_na_base_pair_step.i_label_seq_id_1 
_ndb_struct_na_base_pair_step.i_symmetry_1 
_ndb_struct_na_base_pair_step.j_label_asym_id_1 
_ndb_struct_na_base_pair_step.j_label_comp_id_1 
_ndb_struct_na_base_pair_step.j_label_seq_id_1 
_ndb_struct_na_base_pair_step.j_symmetry_1 
_ndb_struct_na_base_pair_step.i_label_asym_id_2 
_ndb_struct_na_base_pair_step.i_label_comp_id_2 
_ndb_struct_na_base_pair_step.i_label_seq_id_2 
_ndb_struct_na_base_pair_step.i_symmetry_2 
_ndb_struct_na_base_pair_step.j_label_asym_id_2 
_ndb_struct_na_base_pair_step.j_label_comp_id_2 
_ndb_struct_na_base_pair_step.j_label_seq_id_2 
_ndb_struct_na_base_pair_step.j_symmetry_2 
_ndb_struct_na_base_pair_step.shift 
_ndb_struct_na_base_pair_step.slide 
_ndb_struct_na_base_pair_step.rise 
_ndb_struct_na_base_pair_step.tilt 
_ndb_struct_na_base_pair_step.roll 
_ndb_struct_na_base_pair_step.twist 
_ndb_struct_na_base_pair_step.x_displacement 
_ndb_struct_na_base_pair_step.y_displacement 
_ndb_struct_na_base_pair_step.helical_rise 
_ndb_struct_na_base_pair_step.inclination 
_ndb_struct_na_base_pair_step.tip 
_ndb_struct_na_base_pair_step.helical_twist 
_ndb_struct_na_base_pair_step.step_number 
_ndb_struct_na_base_pair_step.step_name 
_ndb_struct_na_base_pair_step.i_auth_asym_id_1 
_ndb_struct_na_base_pair_step.i_auth_seq_id_1 
_ndb_struct_na_base_pair_step.i_PDB_ins_code_1 
_ndb_struct_na_base_pair_step.j_auth_asym_id_1 
_ndb_struct_na_base_pair_step.j_auth_seq_id_1 
_ndb_struct_na_base_pair_step.j_PDB_ins_code_1 
_ndb_struct_na_base_pair_step.i_auth_asym_id_2 
_ndb_struct_na_base_pair_step.i_auth_seq_id_2 
_ndb_struct_na_base_pair_step.i_PDB_ins_code_2 
_ndb_struct_na_base_pair_step.j_auth_asym_id_2 
_ndb_struct_na_base_pair_step.j_auth_seq_id_2 
_ndb_struct_na_base_pair_step.j_PDB_ins_code_2 
1 A DG 2  1_555 B DC 19 1_555 A DG 3  1_555 B DC 18 1_555 0.185  -1.130 3.653 5.583  3.882  39.727 -2.127 0.429  3.525 5.662  
-8.143  40.282 1  AA_DG2DG3:DC118DC119_BB   A 2  ? B 119 ? A 3  ? B 118 ? 
1 A DG 3  1_555 B DC 18 1_555 A DG 4  1_555 B DC 17 1_555 0.431  -1.665 2.936 -3.136 10.315 29.993 -4.563 -1.249 2.202 19.169 
5.828   31.830 2  AA_DG3DG4:DC117DC118_BB   A 3  ? B 118 ? A 4  ? B 117 ? 
1 A DG 4  1_555 B DC 17 1_555 A DG 5  1_555 B DC 16 1_555 0.172  -2.237 3.129 1.306  6.718  31.311 -5.129 -0.102 2.609 12.264 
-2.383  32.032 3  AA_DG4DG5:DC116DC117_BB   A 4  ? B 117 ? A 5  ? B 116 ? 
1 A DG 5  1_555 B DC 16 1_555 A DG 6  1_555 B DC 15 1_555 0.078  -1.916 3.326 3.670  8.741  27.621 -5.579 0.590  2.599 17.662 
-7.415  29.173 4  AA_DG5DG6:DC115DC116_BB   A 5  ? B 116 ? A 6  ? B 115 ? 
1 A DG 6  1_555 B DC 15 1_555 A DG 7  1_555 B DC 14 1_555 0.496  -1.905 3.409 4.226  5.605  31.563 -4.419 -0.140 3.073 10.148 
-7.651  32.315 5  AA_DG6DG7:DC114DC115_BB   A 6  ? B 115 ? A 7  ? B 114 ? 
1 A DG 7  1_555 B DC 14 1_555 A DG 8  1_555 B DC 13 1_555 0.178  -2.142 3.425 4.683  10.285 27.301 -6.261 0.585  2.470 20.701 
-9.426  29.506 6  AA_DG7DG8:DC113DC114_BB   A 7  ? B 114 ? A 8  ? B 113 ? 
1 A DG 8  1_555 B DC 13 1_555 A DT 9  1_555 B DA 12 1_555 -0.074 -0.422 3.153 -0.688 5.915  35.563 -1.482 0.026  3.047 9.601  
1.116   36.042 7  AA_DG8DT9:DA112DC113_BB   A 8  ? B 113 ? A 9  ? B 112 ? 
1 A DT 9  1_555 B DA 12 1_555 A DC 10 1_555 B DG 11 1_555 0.251  0.760  3.455 3.306  0.879  37.831 1.049  0.062  3.480 1.352  
-5.087  37.980 8  AA_DT9DC10:DG111DA112_BB  A 9  ? B 112 ? A 10 ? B 111 ? 
1 A DC 10 1_555 B DG 11 1_555 A DC 11 1_555 B DG 10 1_555 -1.728 0.690  3.767 -7.179 -1.099 31.391 1.481  1.569  4.027 -1.997 
13.051  32.199 9  AA_DC10DC11:DG110DG111_BB A 10 ? B 111 ? A 11 ? B 110 ? 
1 A DC 11 1_555 B DG 10 1_555 A DT 12 1_555 B DA 9  1_555 0.352  -0.324 3.190 5.359  6.165  26.981 -2.073 0.499  3.054 12.843 
-11.165 28.168 10 AA_DC11DT12:DA109DG110_BB A 11 ? B 110 ? A 12 ? B 109 ? 
1 A DT 12 1_555 B DA 9  1_555 A DA 13 1_555 B DT 8  1_555 0.414  1.894  3.062 -6.046 -2.738 45.599 2.636  -1.003 2.875 -3.511 
7.752   46.054 11 AA_DT12DA13:DT108DA109_BB A 12 ? B 109 ? A 13 ? B 108 ? 
1 A DA 13 1_555 B DT 8  1_555 A DT 14 1_555 B DA 7  1_555 -0.341 -0.182 3.443 1.728  -3.417 31.686 0.322  0.950  3.420 -6.229 
-3.151  31.910 12 AA_DA13DT14:DA107DT108_BB A 13 ? B 108 ? A 14 ? B 107 ? 
1 A DT 14 1_555 B DA 7  1_555 A DA 15 1_555 B DT 6  1_555 0.293  2.185  3.365 -2.745 -6.207 49.537 3.031  -0.543 3.069 -7.368 
3.259   49.971 13 AA_DT14DA15:DT106DA107_BB A 14 ? B 107 ? A 15 ? B 106 ? 
1 A DA 15 1_555 B DT 6  1_555 A DG 16 1_555 B DC 5  1_555 0.325  1.290  3.246 -0.151 15.172 23.413 -1.363 -0.716 3.430 33.280 
0.331   27.842 14 AA_DA15DG16:DC105DT106_BB A 15 ? B 106 ? A 16 ? B 105 ? 
1 A DG 16 1_555 B DC 5  1_555 A DA 17 1_555 B DT 4  1_555 -0.685 0.302  2.960 -4.961 0.677  35.866 0.399  0.460  3.030 1.093  
8.008   36.202 15 AA_DG16DA17:DT104DC105_BB A 16 ? B 105 ? A 17 ? B 104 ? 
1 A DA 17 1_555 B DT 4  1_555 A DA 18 1_555 B DT 3  1_555 -0.059 -0.025 2.966 -6.652 -0.945 34.677 0.085  -0.797 2.926 -1.568 
11.032  35.302 16 AA_DA17DA18:DT103DT104_BB A 17 ? B 104 ? A 18 ? B 103 ? 
1 A DA 18 1_555 B DT 3  1_555 A DC 19 1_555 B DG 2  1_555 0.375  -1.028 3.934 4.891  1.285  38.269 -1.746 0.161  3.915 1.949  
-7.421  38.589 17 AA_DA18DC19:DG102DT103_BB A 18 ? B 103 ? A 19 ? B 102 ? 
1 A DC 19 1_555 B DG 2  1_555 A DT 20 1_555 B DA 1  1_555 -0.186 -1.068 3.614 1.909  4.778  37.156 -2.340 0.561  3.442 7.454  
-2.978  37.498 18 AA_DC19DT20:DA101DG102_BB A 19 ? B 102 ? A 20 ? B 101 ? 
# 
_atom_sites.entry_id                    1TC3 
_atom_sites.fract_transf_matrix[1][1]   -0.00090171 
_atom_sites.fract_transf_matrix[1][2]   0.02499470 
_atom_sites.fract_transf_matrix[1][3]   -0.00989176 
_atom_sites.fract_transf_matrix[2][1]   -0.00459974 
_atom_sites.fract_transf_matrix[2][2]   -0.00079485 
_atom_sites.fract_transf_matrix[2][3]   -0.00158914 
_atom_sites.fract_transf_matrix[3][1]   -0.00577381 
_atom_sites.fract_transf_matrix[3][2]   0.00534717 
_atom_sites.fract_transf_matrix[3][3]   0.01403765 
_atom_sites.fract_transf_vector[1]      0.466529 
_atom_sites.fract_transf_vector[2]      0.652518 
_atom_sites.fract_transf_vector[3]      0.411521 
# 
loop_
_atom_type.symbol 
C 
N 
O 
P 
S 
# 
loop_
_atom_site.group_PDB 
_atom_site.id 
_atom_site.type_symbol 
_atom_site.label_atom_id 
_atom_site.label_alt_id 
_atom_site.label_comp_id 
_atom_site.label_asym_id 
_atom_site.label_entity_id 
_atom_site.label_seq_id 
_atom_site.pdbx_PDB_ins_code 
_atom_site.Cartn_x 
_atom_site.Cartn_y 
_atom_site.Cartn_z 
_atom_site.occupancy 
_atom_site.B_iso_or_equiv 
_atom_site.pdbx_formal_charge 
_atom_site.auth_seq_id 
_atom_site.auth_comp_id 
_atom_site.auth_asym_id 
_atom_site.auth_atom_id 
_atom_site.pdbx_PDB_model_num 
ATOM   1    O "O5'" . DA  A 1 1  ? -23.604 -17.380 11.665  1.00 100.00 ? 1   DA  A "O5'" 1 
ATOM   2    C "C5'" . DA  A 1 1  ? -22.700 -18.039 10.766  1.00 100.00 ? 1   DA  A "C5'" 1 
ATOM   3    C "C4'" . DA  A 1 1  ? -21.307 -18.241 11.367  1.00 100.00 ? 1   DA  A "C4'" 1 
ATOM   4    O "O4'" . DA  A 1 1  ? -21.378 -18.903 12.667  1.00 67.88  ? 1   DA  A "O4'" 1 
ATOM   5    C "C3'" . DA  A 1 1  ? -20.350 -19.053 10.496  1.00 54.79  ? 1   DA  A "C3'" 1 
ATOM   6    O "O3'" . DA  A 1 1  ? -19.184 -18.196 10.128  1.00 42.80  ? 1   DA  A "O3'" 1 
ATOM   7    C "C2'" . DA  A 1 1  ? -20.062 -20.320 11.337  1.00 100.00 ? 1   DA  A "C2'" 1 
ATOM   8    C "C1'" . DA  A 1 1  ? -20.362 -19.868 12.777  1.00 100.00 ? 1   DA  A "C1'" 1 
ATOM   9    N N9    . DA  A 1 1  ? -20.778 -20.903 13.755  1.00 74.19  ? 1   DA  A N9    1 
ATOM   10   C C8    . DA  A 1 1  ? -21.967 -20.861 14.455  1.00 100.00 ? 1   DA  A C8    1 
ATOM   11   N N7    . DA  A 1 1  ? -22.148 -21.848 15.321  1.00 100.00 ? 1   DA  A N7    1 
ATOM   12   C C5    . DA  A 1 1  ? -20.989 -22.601 15.198  1.00 100.00 ? 1   DA  A C5    1 
ATOM   13   C C6    . DA  A 1 1  ? -20.565 -23.797 15.837  1.00 100.00 ? 1   DA  A C6    1 
ATOM   14   N N6    . DA  A 1 1  ? -21.309 -24.453 16.767  1.00 39.52  ? 1   DA  A N6    1 
ATOM   15   N N1    . DA  A 1 1  ? -19.332 -24.271 15.476  1.00 100.00 ? 1   DA  A N1    1 
ATOM   16   C C2    . DA  A 1 1  ? -18.592 -23.600 14.557  1.00 100.00 ? 1   DA  A C2    1 
ATOM   17   N N3    . DA  A 1 1  ? -18.901 -22.490 13.880  1.00 100.00 ? 1   DA  A N3    1 
ATOM   18   C C4    . DA  A 1 1  ? -20.123 -22.026 14.250  1.00 100.00 ? 1   DA  A C4    1 
ATOM   19   P P     . DG  A 1 2  ? -17.670 -18.608 9.691   1.00 88.27  ? 2   DG  A P     1 
ATOM   20   O OP1   . DG  A 1 2  ? -16.940 -19.103 10.893  1.00 70.02  ? 2   DG  A OP1   1 
ATOM   21   O OP2   . DG  A 1 2  ? -17.181 -17.474 8.872   1.00 55.05  ? 2   DG  A OP2   1 
ATOM   22   O "O5'" . DG  A 1 2  ? -17.782 -19.811 8.658   1.00 50.49  ? 2   DG  A "O5'" 1 
ATOM   23   C "C5'" . DG  A 1 2  ? -16.869 -20.873 8.565   1.00 42.45  ? 2   DG  A "C5'" 1 
ATOM   24   C "C4'" . DG  A 1 2  ? -17.190 -21.664 7.317   1.00 34.69  ? 2   DG  A "C4'" 1 
ATOM   25   O "O4'" . DG  A 1 2  ? -18.636 -21.831 7.141   1.00 30.50  ? 2   DG  A "O4'" 1 
ATOM   26   C "C3'" . DG  A 1 2  ? -16.774 -20.901 6.091   1.00 34.59  ? 2   DG  A "C3'" 1 
ATOM   27   O "O3'" . DG  A 1 2  ? -15.404 -21.111 5.902   1.00 50.32  ? 2   DG  A "O3'" 1 
ATOM   28   C "C2'" . DG  A 1 2  ? -17.627 -21.585 5.025   1.00 71.71  ? 2   DG  A "C2'" 1 
ATOM   29   C "C1'" . DG  A 1 2  ? -18.956 -21.764 5.762   1.00 25.10  ? 2   DG  A "C1'" 1 
ATOM   30   N N9    . DG  A 1 2  ? -19.907 -20.662 5.543   1.00 39.23  ? 2   DG  A N9    1 
ATOM   31   C C8    . DG  A 1 2  ? -20.370 -19.725 6.427   1.00 14.01  ? 2   DG  A C8    1 
ATOM   32   N N7    . DG  A 1 2  ? -21.215 -18.853 5.906   1.00 51.91  ? 2   DG  A N7    1 
ATOM   33   C C5    . DG  A 1 2  ? -21.351 -19.258 4.588   1.00 25.97  ? 2   DG  A C5    1 
ATOM   34   C C6    . DG  A 1 2  ? -22.133 -18.725 3.512   1.00 19.87  ? 2   DG  A C6    1 
ATOM   35   O O6    . DG  A 1 2  ? -22.931 -17.786 3.514   1.00 40.80  ? 2   DG  A O6    1 
ATOM   36   N N1    . DG  A 1 2  ? -21.947 -19.424 2.332   1.00 32.65  ? 2   DG  A N1    1 
ATOM   37   C C2    . DG  A 1 2  ? -21.170 -20.549 2.222   1.00 36.71  ? 2   DG  A C2    1 
ATOM   38   N N2    . DG  A 1 2  ? -21.136 -21.109 1.008   1.00 65.37  ? 2   DG  A N2    1 
ATOM   39   N N3    . DG  A 1 2  ? -20.453 -21.083 3.213   1.00 30.76  ? 2   DG  A N3    1 
ATOM   40   C C4    . DG  A 1 2  ? -20.558 -20.368 4.359   1.00 26.19  ? 2   DG  A C4    1 
ATOM   41   P P     . DG  A 1 3  ? -14.433 -20.082 5.169   1.00 41.13  ? 3   DG  A P     1 
ATOM   42   O OP1   . DG  A 1 3  ? -13.069 -20.654 5.283   1.00 65.61  ? 3   DG  A OP1   1 
ATOM   43   O OP2   . DG  A 1 3  ? -14.742 -18.697 5.577   1.00 24.72  ? 3   DG  A OP2   1 
ATOM   44   O "O5'" . DG  A 1 3  ? -14.877 -20.155 3.659   1.00 25.92  ? 3   DG  A "O5'" 1 
ATOM   45   C "C5'" . DG  A 1 3  ? -14.452 -21.197 2.859   1.00 20.42  ? 3   DG  A "C5'" 1 
ATOM   46   C "C4'" . DG  A 1 3  ? -15.015 -20.960 1.458   1.00 32.21  ? 3   DG  A "C4'" 1 
ATOM   47   O "O4'" . DG  A 1 3  ? -16.445 -21.056 1.556   1.00 38.04  ? 3   DG  A "O4'" 1 
ATOM   48   C "C3'" . DG  A 1 3  ? -14.800 -19.580 0.860   1.00 36.73  ? 3   DG  A "C3'" 1 
ATOM   49   O "O3'" . DG  A 1 3  ? -13.606 -19.548 0.135   1.00 73.73  ? 3   DG  A "O3'" 1 
ATOM   50   C "C2'" . DG  A 1 3  ? -15.980 -19.475 -0.096  1.00 52.02  ? 3   DG  A "C2'" 1 
ATOM   51   C "C1'" . DG  A 1 3  ? -17.069 -20.062 0.769   1.00 46.46  ? 3   DG  A "C1'" 1 
ATOM   52   N N9    . DG  A 1 3  ? -17.701 -19.070 1.645   1.00 33.58  ? 3   DG  A N9    1 
ATOM   53   C C8    . DG  A 1 3  ? -17.562 -18.769 2.977   1.00 25.66  ? 3   DG  A C8    1 
ATOM   54   N N7    . DG  A 1 3  ? -18.317 -17.776 3.386   1.00 36.72  ? 3   DG  A N7    1 
ATOM   55   C C5    . DG  A 1 3  ? -19.015 -17.406 2.231   1.00 16.81  ? 3   DG  A C5    1 
ATOM   56   C C6    . DG  A 1 3  ? -20.016 -16.433 2.060   1.00 47.84  ? 3   DG  A C6    1 
ATOM   57   O O6    . DG  A 1 3  ? -20.528 -15.644 2.881   1.00 32.30  ? 3   DG  A O6    1 
ATOM   58   N N1    . DG  A 1 3  ? -20.401 -16.364 0.757   1.00 6.44   ? 3   DG  A N1    1 
ATOM   59   C C2    . DG  A 1 3  ? -19.996 -17.177 -0.249  1.00 37.48  ? 3   DG  A C2    1 
ATOM   60   N N2    . DG  A 1 3  ? -20.583 -16.949 -1.443  1.00 23.25  ? 3   DG  A N2    1 
ATOM   61   N N3    . DG  A 1 3  ? -19.138 -18.165 -0.098  1.00 15.82  ? 3   DG  A N3    1 
ATOM   62   C C4    . DG  A 1 3  ? -18.666 -18.201 1.163   1.00 38.50  ? 3   DG  A C4    1 
ATOM   63   P P     . DG  A 1 4  ? -12.753 -18.199 0.015   1.00 43.09  ? 4   DG  A P     1 
ATOM   64   O OP1   . DG  A 1 4  ? -11.597 -18.596 -0.812  1.00 71.11  ? 4   DG  A OP1   1 
ATOM   65   O OP2   . DG  A 1 4  ? -12.634 -17.524 1.345   1.00 29.63  ? 4   DG  A OP2   1 
ATOM   66   O "O5'" . DG  A 1 4  ? -13.657 -17.226 -0.842  1.00 57.47  ? 4   DG  A "O5'" 1 
ATOM   67   C "C5'" . DG  A 1 4  ? -13.678 -17.439 -2.222  1.00 24.79  ? 4   DG  A "C5'" 1 
ATOM   68   C "C4'" . DG  A 1 4  ? -14.779 -16.579 -2.778  1.00 41.15  ? 4   DG  A "C4'" 1 
ATOM   69   O "O4'" . DG  A 1 4  ? -16.025 -16.869 -2.118  1.00 36.98  ? 4   DG  A "O4'" 1 
ATOM   70   C "C3'" . DG  A 1 4  ? -14.630 -15.116 -2.477  1.00 52.61  ? 4   DG  A "C3'" 1 
ATOM   71   O "O3'" . DG  A 1 4  ? -13.619 -14.672 -3.284  1.00 41.49  ? 4   DG  A "O3'" 1 
ATOM   72   C "C2'" . DG  A 1 4  ? -16.015 -14.648 -2.910  1.00 71.90  ? 4   DG  A "C2'" 1 
ATOM   73   C "C1'" . DG  A 1 4  ? -16.852 -15.741 -2.246  1.00 11.68  ? 4   DG  A "C1'" 1 
ATOM   74   N N9    . DG  A 1 4  ? -17.099 -15.423 -0.875  1.00 47.11  ? 4   DG  A N9    1 
ATOM   75   C C8    . DG  A 1 4  ? -16.578 -15.837 0.329   1.00 29.90  ? 4   DG  A C8    1 
ATOM   76   N N7    . DG  A 1 4  ? -17.100 -15.176 1.347   1.00 31.80  ? 4   DG  A N7    1 
ATOM   77   C C5    . DG  A 1 4  ? -18.019 -14.311 0.736   1.00 68.97  ? 4   DG  A C5    1 
ATOM   78   C C6    . DG  A 1 4  ? -18.907 -13.382 1.317   1.00 19.71  ? 4   DG  A C6    1 
ATOM   79   O O6    . DG  A 1 4  ? -19.047 -13.112 2.519   1.00 100.00 ? 4   DG  A O6    1 
ATOM   80   N N1    . DG  A 1 4  ? -19.647 -12.690 0.361   1.00 31.80  ? 4   DG  A N1    1 
ATOM   81   C C2    . DG  A 1 4  ? -19.529 -12.861 -0.991  1.00 16.75  ? 4   DG  A C2    1 
ATOM   82   N N2    . DG  A 1 4  ? -20.372 -12.114 -1.716  1.00 46.62  ? 4   DG  A N2    1 
ATOM   83   N N3    . DG  A 1 4  ? -18.713 -13.752 -1.566  1.00 33.60  ? 4   DG  A N3    1 
ATOM   84   C C4    . DG  A 1 4  ? -18.013 -14.436 -0.632  1.00 30.13  ? 4   DG  A C4    1 
ATOM   85   P P     . DG  A 1 5  ? -12.883 -13.304 -3.021  1.00 41.58  ? 5   DG  A P     1 
ATOM   86   O OP1   . DG  A 1 5  ? -11.937 -13.250 -4.152  1.00 42.88  ? 5   DG  A OP1   1 
ATOM   87   O OP2   . DG  A 1 5  ? -12.469 -13.207 -1.592  1.00 25.98  ? 5   DG  A OP2   1 
ATOM   88   O "O5'" . DG  A 1 5  ? -14.068 -12.270 -3.242  1.00 53.59  ? 5   DG  A "O5'" 1 
ATOM   89   C "C5'" . DG  A 1 5  ? -14.314 -11.668 -4.470  1.00 31.51  ? 5   DG  A "C5'" 1 
ATOM   90   C "C4'" . DG  A 1 5  ? -15.462 -10.740 -4.201  1.00 22.73  ? 5   DG  A "C4'" 1 
ATOM   91   O "O4'" . DG  A 1 5  ? -16.333 -11.382 -3.241  1.00 37.06  ? 5   DG  A "O4'" 1 
ATOM   92   C "C3'" . DG  A 1 5  ? -15.077 -9.550  -3.379  1.00 27.88  ? 5   DG  A "C3'" 1 
ATOM   93   O "O3'" . DG  A 1 5  ? -14.408 -8.628  -4.120  1.00 62.95  ? 5   DG  A "O3'" 1 
ATOM   94   C "C2'" . DG  A 1 5  ? -16.443 -9.046  -2.986  1.00 29.61  ? 5   DG  A "C2'" 1 
ATOM   95   C "C1'" . DG  A 1 5  ? -17.175 -10.360 -2.742  1.00 27.98  ? 5   DG  A "C1'" 1 
ATOM   96   N N9    . DG  A 1 5  ? -17.271 -10.548 -1.335  1.00 16.43  ? 5   DG  A N9    1 
ATOM   97   C C8    . DG  A 1 5  ? -16.512 -11.464 -0.659  1.00 4.97   ? 5   DG  A C8    1 
ATOM   98   N N7    . DG  A 1 5  ? -16.681 -11.402 0.627   1.00 30.79  ? 5   DG  A N7    1 
ATOM   99   C C5    . DG  A 1 5  ? -17.643 -10.390 0.796   1.00 19.90  ? 5   DG  A C5    1 
ATOM   100  C C6    . DG  A 1 5  ? -18.237 -9.893  1.976   1.00 100.00 ? 5   DG  A C6    1 
ATOM   101  O O6    . DG  A 1 5  ? -18.031 -10.251 3.140   1.00 18.96  ? 5   DG  A O6    1 
ATOM   102  N N1    . DG  A 1 5  ? -19.146 -8.878  1.721   1.00 33.99  ? 5   DG  A N1    1 
ATOM   103  C C2    . DG  A 1 5  ? -19.454 -8.414  0.482   1.00 25.07  ? 5   DG  A C2    1 
ATOM   104  N N2    . DG  A 1 5  ? -20.333 -7.408  0.487   1.00 14.72  ? 5   DG  A N2    1 
ATOM   105  N N3    . DG  A 1 5  ? -18.936 -8.884  -0.654  1.00 21.19  ? 5   DG  A N3    1 
ATOM   106  C C4    . DG  A 1 5  ? -18.025 -9.860  -0.411  1.00 47.79  ? 5   DG  A C4    1 
ATOM   107  P P     . DG  A 1 6  ? -13.196 -7.904  -3.424  1.00 31.85  ? 6   DG  A P     1 
ATOM   108  O OP1   . DG  A 1 6  ? -12.274 -7.607  -4.512  1.00 22.50  ? 6   DG  A OP1   1 
ATOM   109  O OP2   . DG  A 1 6  ? -12.766 -8.649  -2.239  1.00 20.50  ? 6   DG  A OP2   1 
ATOM   110  O "O5'" . DG  A 1 6  ? -13.864 -6.596  -2.831  1.00 32.85  ? 6   DG  A "O5'" 1 
ATOM   111  C "C5'" . DG  A 1 6  ? -14.530 -5.591  -3.557  1.00 31.64  ? 6   DG  A "C5'" 1 
ATOM   112  C "C4'" . DG  A 1 6  ? -15.473 -4.803  -2.639  1.00 25.78  ? 6   DG  A "C4'" 1 
ATOM   113  O "O4'" . DG  A 1 6  ? -16.417 -5.690  -1.994  1.00 20.05  ? 6   DG  A "O4'" 1 
ATOM   114  C "C3'" . DG  A 1 6  ? -14.872 -4.168  -1.407  1.00 31.86  ? 6   DG  A "C3'" 1 
ATOM   115  O "O3'" . DG  A 1 6  ? -14.001 -3.129  -1.767  1.00 22.97  ? 6   DG  A "O3'" 1 
ATOM   116  C "C2'" . DG  A 1 6  ? -16.182 -3.677  -0.789  1.00 9.58   ? 6   DG  A "C2'" 1 
ATOM   117  C "C1'" . DG  A 1 6  ? -16.950 -4.984  -0.871  1.00 26.05  ? 6   DG  A "C1'" 1 
ATOM   118  N N9    . DG  A 1 6  ? -16.693 -5.774  0.299   1.00 12.25  ? 6   DG  A N9    1 
ATOM   119  C C8    . DG  A 1 6  ? -15.887 -6.880  0.296   1.00 32.81  ? 6   DG  A C8    1 
ATOM   120  N N7    . DG  A 1 6  ? -15.805 -7.464  1.466   1.00 23.27  ? 6   DG  A N7    1 
ATOM   121  C C5    . DG  A 1 6  ? -16.630 -6.705  2.274   1.00 14.80  ? 6   DG  A C5    1 
ATOM   122  C C6    . DG  A 1 6  ? -16.911 -6.832  3.650   1.00 32.21  ? 6   DG  A C6    1 
ATOM   123  O O6    . DG  A 1 6  ? -16.474 -7.685  4.462   1.00 24.68  ? 6   DG  A O6    1 
ATOM   124  N N1    . DG  A 1 6  ? -17.795 -5.833  4.058   1.00 39.26  ? 6   DG  A N1    1 
ATOM   125  C C2    . DG  A 1 6  ? -18.296 -4.843  3.228   1.00 41.74  ? 6   DG  A C2    1 
ATOM   126  N N2    . DG  A 1 6  ? -19.115 -3.951  3.781   1.00 20.84  ? 6   DG  A N2    1 
ATOM   127  N N3    . DG  A 1 6  ? -18.013 -4.705  1.942   1.00 24.92  ? 6   DG  A N3    1 
ATOM   128  C C4    . DG  A 1 6  ? -17.171 -5.657  1.553   1.00 40.73  ? 6   DG  A C4    1 
ATOM   129  P P     . DG  A 1 7  ? -12.794 -2.608  -0.852  1.00 36.01  ? 7   DG  A P     1 
ATOM   130  O OP1   . DG  A 1 7  ? -12.344 -1.372  -1.529  1.00 13.28  ? 7   DG  A OP1   1 
ATOM   131  O OP2   . DG  A 1 7  ? -11.959 -3.749  -0.445  1.00 25.03  ? 7   DG  A OP2   1 
ATOM   132  O "O5'" . DG  A 1 7  ? -13.440 -2.071  0.474   1.00 22.56  ? 7   DG  A "O5'" 1 
ATOM   133  C "C5'" . DG  A 1 7  ? -14.137 -0.884  0.272   1.00 19.70  ? 7   DG  A "C5'" 1 
ATOM   134  C "C4'" . DG  A 1 7  ? -15.083 -0.675  1.422   1.00 16.46  ? 7   DG  A "C4'" 1 
ATOM   135  O "O4'" . DG  A 1 7  ? -15.848 -1.872  1.704   1.00 28.83  ? 7   DG  A "O4'" 1 
ATOM   136  C "C3'" . DG  A 1 7  ? -14.364 -0.539  2.724   1.00 16.37  ? 7   DG  A "C3'" 1 
ATOM   137  O "O3'" . DG  A 1 7  ? -13.743 0.713   2.760   1.00 64.99  ? 7   DG  A "O3'" 1 
ATOM   138  C "C2'" . DG  A 1 7  ? -15.540 -0.634  3.700   1.00 16.25  ? 7   DG  A "C2'" 1 
ATOM   139  C "C1'" . DG  A 1 7  ? -16.200 -1.849  3.085   1.00 18.79  ? 7   DG  A "C1'" 1 
ATOM   140  N N9    . DG  A 1 7  ? -15.571 -2.991  3.651   1.00 24.83  ? 7   DG  A N9    1 
ATOM   141  C C8    . DG  A 1 7  ? -14.660 -3.796  3.041   1.00 22.09  ? 7   DG  A C8    1 
ATOM   142  N N7    . DG  A 1 7  ? -14.243 -4.750  3.830   1.00 45.88  ? 7   DG  A N7    1 
ATOM   143  C C5    . DG  A 1 7  ? -14.898 -4.519  5.042   1.00 10.65  ? 7   DG  A C5    1 
ATOM   144  C C6    . DG  A 1 7  ? -14.816 -5.190  6.284   1.00 57.66  ? 7   DG  A C6    1 
ATOM   145  O O6    . DG  A 1 7  ? -14.157 -6.191  6.613   1.00 24.72  ? 7   DG  A O6    1 
ATOM   146  N N1    . DG  A 1 7  ? -15.641 -4.626  7.212   1.00 16.96  ? 7   DG  A N1    1 
ATOM   147  C C2    . DG  A 1 7  ? -16.425 -3.532  7.023   1.00 40.92  ? 7   DG  A C2    1 
ATOM   148  N N2    . DG  A 1 7  ? -17.150 -3.166  8.090   1.00 34.56  ? 7   DG  A N2    1 
ATOM   149  N N3    . DG  A 1 7  ? -16.506 -2.869  5.881   1.00 29.39  ? 7   DG  A N3    1 
ATOM   150  C C4    . DG  A 1 7  ? -15.680 -3.401  4.956   1.00 23.74  ? 7   DG  A C4    1 
ATOM   151  P P     . DG  A 1 8  ? -12.471 0.999   3.681   1.00 33.94  ? 8   DG  A P     1 
ATOM   152  O OP1   . DG  A 1 8  ? -11.840 2.206   3.133   1.00 28.21  ? 8   DG  A OP1   1 
ATOM   153  O OP2   . DG  A 1 8  ? -11.704 -0.254  3.889   1.00 24.76  ? 8   DG  A OP2   1 
ATOM   154  O "O5'" . DG  A 1 8  ? -13.183 1.446   5.005   1.00 21.24  ? 8   DG  A "O5'" 1 
ATOM   155  C "C5'" . DG  A 1 8  ? -12.978 0.847   6.192   1.00 54.63  ? 8   DG  A "C5'" 1 
ATOM   156  C "C4'" . DG  A 1 8  ? -14.086 1.301   7.113   1.00 33.31  ? 8   DG  A "C4'" 1 
ATOM   157  O "O4'" . DG  A 1 8  ? -15.038 0.263   7.264   1.00 43.39  ? 8   DG  A "O4'" 1 
ATOM   158  C "C3'" . DG  A 1 8  ? -13.652 1.643   8.523   1.00 47.40  ? 8   DG  A "C3'" 1 
ATOM   159  O "O3'" . DG  A 1 8  ? -14.094 2.907   8.769   1.00 44.13  ? 8   DG  A "O3'" 1 
ATOM   160  C "C2'" . DG  A 1 8  ? -14.280 0.608   9.449   1.00 16.96  ? 8   DG  A "C2'" 1 
ATOM   161  C "C1'" . DG  A 1 8  ? -14.704 -0.434  8.441   1.00 26.22  ? 8   DG  A "C1'" 1 
ATOM   162  N N9    . DG  A 1 8  ? -13.747 -1.491  8.123   1.00 18.21  ? 8   DG  A N9    1 
ATOM   163  C C8    . DG  A 1 8  ? -13.080 -2.000  7.036   1.00 38.67  ? 8   DG  A C8    1 
ATOM   164  N N7    . DG  A 1 8  ? -12.419 -3.102  7.278   1.00 36.61  ? 8   DG  A N7    1 
ATOM   165  C C5    . DG  A 1 8  ? -12.738 -3.410  8.588   1.00 23.08  ? 8   DG  A C5    1 
ATOM   166  C C6    . DG  A 1 8  ? -12.371 -4.520  9.386   1.00 50.21  ? 8   DG  A C6    1 
ATOM   167  O O6    . DG  A 1 8  ? -11.613 -5.452  9.107   1.00 29.66  ? 8   DG  A O6    1 
ATOM   168  N N1    . DG  A 1 8  ? -12.964 -4.480  10.624  1.00 16.35  ? 8   DG  A N1    1 
ATOM   169  C C2    . DG  A 1 8  ? -13.748 -3.470  11.040  1.00 34.85  ? 8   DG  A C2    1 
ATOM   170  N N2    . DG  A 1 8  ? -14.146 -3.583  12.284  1.00 25.29  ? 8   DG  A N2    1 
ATOM   171  N N3    . DG  A 1 8  ? -14.083 -2.401  10.332  1.00 15.93  ? 8   DG  A N3    1 
ATOM   172  C C4    . DG  A 1 8  ? -13.584 -2.455  9.107   1.00 28.39  ? 8   DG  A C4    1 
ATOM   173  P P     . DT  A 1 9  ? -13.120 3.698   9.729   1.00 50.27  ? 9   DT  A P     1 
ATOM   174  O OP1   . DT  A 1 9  ? -13.411 5.164   9.621   1.00 30.83  ? 9   DT  A OP1   1 
ATOM   175  O OP2   . DT  A 1 9  ? -11.745 3.205   9.456   1.00 41.86  ? 9   DT  A OP2   1 
ATOM   176  O "O5'" . DT  A 1 9  ? -13.762 3.044   11.052  1.00 31.72  ? 9   DT  A "O5'" 1 
ATOM   177  C "C5'" . DT  A 1 9  ? -13.437 3.325   12.370  1.00 64.39  ? 9   DT  A "C5'" 1 
ATOM   178  C "C4'" . DT  A 1 9  ? -13.487 2.051   13.182  1.00 24.57  ? 9   DT  A "C4'" 1 
ATOM   179  O "O4'" . DT  A 1 9  ? -13.079 0.942   12.394  1.00 47.61  ? 9   DT  A "O4'" 1 
ATOM   180  C "C3'" . DT  A 1 9  ? -12.492 2.127   14.311  1.00 14.14  ? 9   DT  A "C3'" 1 
ATOM   181  O "O3'" . DT  A 1 9  ? -13.249 2.432   15.440  1.00 100.00 ? 9   DT  A "O3'" 1 
ATOM   182  C "C2'" . DT  A 1 9  ? -11.829 0.759   14.404  1.00 96.19  ? 9   DT  A "C2'" 1 
ATOM   183  C "C1'" . DT  A 1 9  ? -12.359 0.035   13.193  1.00 25.72  ? 9   DT  A "C1'" 1 
ATOM   184  N N1    . DT  A 1 9  ? -11.415 -0.715  12.297  1.00 31.91  ? 9   DT  A N1    1 
ATOM   185  C C2    . DT  A 1 9  ? -10.940 -1.971  12.546  1.00 24.47  ? 9   DT  A C2    1 
ATOM   186  O O2    . DT  A 1 9  ? -11.095 -2.516  13.613  1.00 52.52  ? 9   DT  A O2    1 
ATOM   187  N N3    . DT  A 1 9  ? -10.266 -2.588  11.525  1.00 19.88  ? 9   DT  A N3    1 
ATOM   188  C C4    . DT  A 1 9  ? -10.008 -2.068  10.296  1.00 40.95  ? 9   DT  A C4    1 
ATOM   189  O O4    . DT  A 1 9  ? -9.329  -2.755  9.540   1.00 49.81  ? 9   DT  A O4    1 
ATOM   190  C C5    . DT  A 1 9  ? -10.536 -0.717  10.073  1.00 13.50  ? 9   DT  A C5    1 
ATOM   191  C C7    . DT  A 1 9  ? -10.318 0.030   8.792   1.00 21.82  ? 9   DT  A C7    1 
ATOM   192  C C6    . DT  A 1 9  ? -11.230 -0.136  11.065  1.00 23.06  ? 9   DT  A C6    1 
ATOM   193  P P     . DC  A 1 10 ? -12.624 3.307   16.621  1.00 55.73  ? 10  DC  A P     1 
ATOM   194  O OP1   . DC  A 1 10 ? -13.627 3.299   17.706  1.00 54.08  ? 10  DC  A OP1   1 
ATOM   195  O OP2   . DC  A 1 10 ? -12.135 4.602   16.070  1.00 34.83  ? 10  DC  A OP2   1 
ATOM   196  O "O5'" . DC  A 1 10 ? -11.403 2.373   17.073  1.00 33.73  ? 10  DC  A "O5'" 1 
ATOM   197  C "C5'" . DC  A 1 10 ? -11.669 1.017   17.529  1.00 52.79  ? 10  DC  A "C5'" 1 
ATOM   198  C "C4'" . DC  A 1 10 ? -10.421 0.316   18.053  1.00 50.70  ? 10  DC  A "C4'" 1 
ATOM   199  O "O4'" . DC  A 1 10 ? -9.802  -0.513  17.011  1.00 67.39  ? 10  DC  A "O4'" 1 
ATOM   200  C "C3'" . DC  A 1 10 ? -9.326  1.291   18.464  1.00 100.00 ? 10  DC  A "C3'" 1 
ATOM   201  O "O3'" . DC  A 1 10 ? -8.426  0.657   19.350  1.00 100.00 ? 10  DC  A "O3'" 1 
ATOM   202  C "C2'" . DC  A 1 10 ? -8.674  1.518   17.105  1.00 55.72  ? 10  DC  A "C2'" 1 
ATOM   203  C "C1'" . DC  A 1 10 ? -8.553  0.066   16.672  1.00 38.67  ? 10  DC  A "C1'" 1 
ATOM   204  N N1    . DC  A 1 10 ? -8.153  -0.126  15.246  1.00 24.20  ? 10  DC  A N1    1 
ATOM   205  C C2    . DC  A 1 10 ? -7.601  -1.284  14.721  1.00 46.44  ? 10  DC  A C2    1 
ATOM   206  O O2    . DC  A 1 10 ? -7.448  -2.237  15.487  1.00 43.25  ? 10  DC  A O2    1 
ATOM   207  N N3    . DC  A 1 10 ? -7.276  -1.352  13.409  1.00 19.54  ? 10  DC  A N3    1 
ATOM   208  C C4    . DC  A 1 10 ? -7.475  -0.277  12.643  1.00 28.17  ? 10  DC  A C4    1 
ATOM   209  N N4    . DC  A 1 10 ? -7.092  -0.341  11.363  1.00 69.33  ? 10  DC  A N4    1 
ATOM   210  C C5    . DC  A 1 10 ? -8.030  0.927   13.156  1.00 42.29  ? 10  DC  A C5    1 
ATOM   211  C C6    . DC  A 1 10 ? -8.361  0.953   14.447  1.00 36.38  ? 10  DC  A C6    1 
ATOM   212  P P     . DC  A 1 11 ? -8.346  1.066   20.890  1.00 75.43  ? 11  DC  A P     1 
ATOM   213  O OP1   . DC  A 1 11 ? -9.684  0.832   21.494  1.00 52.91  ? 11  DC  A OP1   1 
ATOM   214  O OP2   . DC  A 1 11 ? -7.721  2.410   20.965  1.00 77.07  ? 11  DC  A OP2   1 
ATOM   215  O "O5'" . DC  A 1 11 ? -7.380  -0.093  21.449  1.00 49.40  ? 11  DC  A "O5'" 1 
ATOM   216  C "C5'" . DC  A 1 11 ? -8.062  -1.266  21.957  1.00 31.09  ? 11  DC  A "C5'" 1 
ATOM   217  C "C4'" . DC  A 1 11 ? -7.287  -2.528  21.637  1.00 52.90  ? 11  DC  A "C4'" 1 
ATOM   218  O "O4'" . DC  A 1 11 ? -6.890  -2.496  20.242  1.00 46.62  ? 11  DC  A "O4'" 1 
ATOM   219  C "C3'" . DC  A 1 11 ? -5.974  -2.646  22.391  1.00 30.64  ? 11  DC  A "C3'" 1 
ATOM   220  O "O3'" . DC  A 1 11 ? -5.578  -4.043  22.546  1.00 73.34  ? 11  DC  A "O3'" 1 
ATOM   221  C "C2'" . DC  A 1 11 ? -5.055  -1.882  21.460  1.00 49.10  ? 11  DC  A "C2'" 1 
ATOM   222  C "C1'" . DC  A 1 11 ? -5.477  -2.594  20.187  1.00 62.17  ? 11  DC  A "C1'" 1 
ATOM   223  N N1    . DC  A 1 11 ? -5.002  -1.988  18.886  1.00 39.85  ? 11  DC  A N1    1 
ATOM   224  C C2    . DC  A 1 11 ? -4.238  -2.651  17.913  1.00 32.46  ? 11  DC  A C2    1 
ATOM   225  O O2    . DC  A 1 11 ? -3.908  -3.823  18.117  1.00 35.46  ? 11  DC  A O2    1 
ATOM   226  N N3    . DC  A 1 11 ? -3.905  -2.010  16.755  1.00 28.00  ? 11  DC  A N3    1 
ATOM   227  C C4    . DC  A 1 11 ? -4.288  -0.739  16.570  1.00 100.00 ? 11  DC  A C4    1 
ATOM   228  N N4    . DC  A 1 11 ? -3.954  -0.133  15.431  1.00 51.02  ? 11  DC  A N4    1 
ATOM   229  C C5    . DC  A 1 11 ? -5.057  -0.033  17.539  1.00 16.01  ? 11  DC  A C5    1 
ATOM   230  C C6    . DC  A 1 11 ? -5.387  -0.690  18.673  1.00 100.00 ? 11  DC  A C6    1 
ATOM   231  P P     . DT  A 1 12 ? -4.571  -4.380  23.770  1.00 100.00 ? 12  DT  A P     1 
ATOM   232  O OP1   . DT  A 1 12 ? -4.941  -5.650  24.469  1.00 59.62  ? 12  DT  A OP1   1 
ATOM   233  O OP2   . DT  A 1 12 ? -4.465  -3.120  24.546  1.00 30.34  ? 12  DT  A OP2   1 
ATOM   234  O "O5'" . DT  A 1 12 ? -3.195  -4.685  23.011  1.00 100.00 ? 12  DT  A "O5'" 1 
ATOM   235  C "C5'" . DT  A 1 12 ? -3.183  -5.362  21.721  1.00 100.00 ? 12  DT  A "C5'" 1 
ATOM   236  C "C4'" . DT  A 1 12 ? -1.734  -5.623  21.344  1.00 100.00 ? 12  DT  A "C4'" 1 
ATOM   237  O "O4'" . DT  A 1 12 ? -1.402  -4.953  20.068  1.00 26.70  ? 12  DT  A "O4'" 1 
ATOM   238  C "C3'" . DT  A 1 12 ? -0.818  -4.957  22.366  1.00 52.20  ? 12  DT  A "C3'" 1 
ATOM   239  O "O3'" . DT  A 1 12 ? 0.482   -5.427  22.129  1.00 100.00 ? 12  DT  A "O3'" 1 
ATOM   240  C "C2'" . DT  A 1 12 ? -0.942  -3.510  21.893  1.00 27.54  ? 12  DT  A "C2'" 1 
ATOM   241  C "C1'" . DT  A 1 12 ? -0.685  -3.804  20.423  1.00 59.62  ? 12  DT  A "C1'" 1 
ATOM   242  N N1    . DT  A 1 12 ? -0.970  -2.710  19.573  1.00 32.45  ? 12  DT  A N1    1 
ATOM   243  C C2    . DT  A 1 12 ? -0.493  -2.849  18.310  1.00 31.81  ? 12  DT  A C2    1 
ATOM   244  O O2    . DT  A 1 12 ? 0.039   -3.886  17.943  1.00 45.99  ? 12  DT  A O2    1 
ATOM   245  N N3    . DT  A 1 12 ? -0.656  -1.735  17.505  1.00 36.90  ? 12  DT  A N3    1 
ATOM   246  C C4    . DT  A 1 12 ? -1.253  -0.544  17.872  1.00 25.45  ? 12  DT  A C4    1 
ATOM   247  O O4    . DT  A 1 12 ? -1.391  0.381   17.047  1.00 42.95  ? 12  DT  A O4    1 
ATOM   248  C C5    . DT  A 1 12 ? -1.667  -0.487  19.264  1.00 68.97  ? 12  DT  A C5    1 
ATOM   249  C C7    . DT  A 1 12 ? -2.397  0.722   19.794  1.00 100.00 ? 12  DT  A C7    1 
ATOM   250  C C6    . DT  A 1 12 ? -1.502  -1.553  20.042  1.00 30.45  ? 12  DT  A C6    1 
ATOM   251  P P     . DA  A 1 13 ? 1.287   -6.273  23.208  1.00 65.51  ? 13  DA  A P     1 
ATOM   252  O OP1   . DA  A 1 13 ? 0.554   -7.502  23.593  1.00 63.63  ? 13  DA  A OP1   1 
ATOM   253  O OP2   . DA  A 1 13 ? 1.768   -5.305  24.230  1.00 78.85  ? 13  DA  A OP2   1 
ATOM   254  O "O5'" . DA  A 1 13 ? 2.471   -6.799  22.301  1.00 70.79  ? 13  DA  A "O5'" 1 
ATOM   255  C "C5'" . DA  A 1 13 ? 2.298   -8.070  21.690  1.00 66.19  ? 13  DA  A "C5'" 1 
ATOM   256  C "C4'" . DA  A 1 13 ? 3.038   -8.030  20.368  1.00 56.21  ? 13  DA  A "C4'" 1 
ATOM   257  O "O4'" . DA  A 1 13 ? 2.659   -6.802  19.689  1.00 60.95  ? 13  DA  A "O4'" 1 
ATOM   258  C "C3'" . DA  A 1 13 ? 4.548   -7.904  20.502  1.00 100.00 ? 13  DA  A "C3'" 1 
ATOM   259  O "O3'" . DA  A 1 13 ? 5.126   -8.306  19.279  1.00 50.38  ? 13  DA  A "O3'" 1 
ATOM   260  C "C2'" . DA  A 1 13 ? 4.741   -6.405  20.705  1.00 72.20  ? 13  DA  A "C2'" 1 
ATOM   261  C "C1'" . DA  A 1 13 ? 3.738   -5.898  19.673  1.00 24.97  ? 13  DA  A "C1'" 1 
ATOM   262  N N9    . DA  A 1 13 ? 3.251   -4.551  19.950  1.00 39.67  ? 13  DA  A N9    1 
ATOM   263  C C8    . DA  A 1 13 ? 2.839   -3.957  21.113  1.00 22.02  ? 13  DA  A C8    1 
ATOM   264  N N7    . DA  A 1 13 ? 2.506   -2.694  20.955  1.00 62.83  ? 13  DA  A N7    1 
ATOM   265  C C5    . DA  A 1 13 ? 2.740   -2.428  19.605  1.00 23.61  ? 13  DA  A C5    1 
ATOM   266  C C6    . DA  A 1 13 ? 2.617   -1.259  18.803  1.00 52.00  ? 13  DA  A C6    1 
ATOM   267  N N6    . DA  A 1 13 ? 2.148   -0.083  19.227  1.00 80.54  ? 13  DA  A N6    1 
ATOM   268  N N1    . DA  A 1 13 ? 2.936   -1.352  17.505  1.00 43.16  ? 13  DA  A N1    1 
ATOM   269  C C2    . DA  A 1 13 ? 3.381   -2.525  17.057  1.00 100.00 ? 13  DA  A C2    1 
ATOM   270  N N3    . DA  A 1 13 ? 3.586   -3.673  17.721  1.00 39.75  ? 13  DA  A N3    1 
ATOM   271  C C4    . DA  A 1 13 ? 3.204   -3.570  18.983  1.00 9.72   ? 13  DA  A C4    1 
ATOM   272  P P     . DT  A 1 14 ? 6.149   -9.526  19.238  1.00 86.18  ? 14  DT  A P     1 
ATOM   273  O OP1   . DT  A 1 14 ? 5.459   -10.814 18.928  1.00 42.87  ? 14  DT  A OP1   1 
ATOM   274  O OP2   . DT  A 1 14 ? 6.974   -9.418  20.461  1.00 100.00 ? 14  DT  A OP2   1 
ATOM   275  O "O5'" . DT  A 1 14 ? 7.034   -9.082  17.985  1.00 100.00 ? 14  DT  A "O5'" 1 
ATOM   276  C "C5'" . DT  A 1 14 ? 6.362   -8.385  16.964  1.00 57.45  ? 14  DT  A "C5'" 1 
ATOM   277  C "C4'" . DT  A 1 14 ? 6.924   -7.008  16.695  1.00 24.68  ? 14  DT  A "C4'" 1 
ATOM   278  O "O4'" . DT  A 1 14 ? 6.357   -5.979  17.527  1.00 58.36  ? 14  DT  A "O4'" 1 
ATOM   279  C "C3'" . DT  A 1 14 ? 8.431   -6.796  16.746  1.00 100.00 ? 14  DT  A "C3'" 1 
ATOM   280  O "O3'" . DT  A 1 14 ? 8.833   -6.408  15.454  1.00 56.25  ? 14  DT  A "O3'" 1 
ATOM   281  C "C2'" . DT  A 1 14 ? 8.570   -5.598  17.683  1.00 66.48  ? 14  DT  A "C2'" 1 
ATOM   282  C "C1'" . DT  A 1 14 ? 7.253   -4.914  17.379  1.00 28.48  ? 14  DT  A "C1'" 1 
ATOM   283  N N1    . DT  A 1 14 ? 6.924   -3.899  18.343  1.00 64.65  ? 14  DT  A N1    1 
ATOM   284  C C2    . DT  A 1 14 ? 6.675   -2.679  17.739  1.00 37.07  ? 14  DT  A C2    1 
ATOM   285  O O2    . DT  A 1 14 ? 6.771   -2.484  16.549  1.00 58.35  ? 14  DT  A O2    1 
ATOM   286  N N3    . DT  A 1 14 ? 6.328   -1.681  18.596  1.00 42.25  ? 14  DT  A N3    1 
ATOM   287  C C4    . DT  A 1 14 ? 6.233   -1.789  19.972  1.00 76.55  ? 14  DT  A C4    1 
ATOM   288  O O4    . DT  A 1 14 ? 5.929   -0.784  20.598  1.00 57.33  ? 14  DT  A O4    1 
ATOM   289  C C5    . DT  A 1 14 ? 6.500   -3.104  20.537  1.00 40.19  ? 14  DT  A C5    1 
ATOM   290  C C7    . DT  A 1 14 ? 6.412   -3.333  22.014  1.00 52.52  ? 14  DT  A C7    1 
ATOM   291  C C6    . DT  A 1 14 ? 6.836   -4.098  19.701  1.00 44.33  ? 14  DT  A C6    1 
ATOM   292  P P     . DA  A 1 15 ? 9.942   -7.244  14.690  1.00 70.78  ? 15  DA  A P     1 
ATOM   293  O OP1   . DA  A 1 15 ? 9.354   -8.551  14.304  1.00 40.40  ? 15  DA  A OP1   1 
ATOM   294  O OP2   . DA  A 1 15 ? 11.156  -7.191  15.529  1.00 100.00 ? 15  DA  A OP2   1 
ATOM   295  O "O5'" . DA  A 1 15 ? 10.221  -6.360  13.397  1.00 50.09  ? 15  DA  A "O5'" 1 
ATOM   296  C "C5'" . DA  A 1 15 ? 9.172   -6.030  12.521  1.00 27.89  ? 15  DA  A "C5'" 1 
ATOM   297  C "C4'" . DA  A 1 15 ? 9.383   -4.695  11.842  1.00 67.40  ? 15  DA  A "C4'" 1 
ATOM   298  O "O4'" . DA  A 1 15 ? 9.183   -3.619  12.779  1.00 37.63  ? 15  DA  A "O4'" 1 
ATOM   299  C "C3'" . DA  A 1 15 ? 10.735  -4.432  11.214  1.00 12.08  ? 15  DA  A "C3'" 1 
ATOM   300  O "O3'" . DA  A 1 15 ? 10.544  -3.397  10.252  1.00 44.01  ? 15  DA  A "O3'" 1 
ATOM   301  C "C2'" . DA  A 1 15 ? 11.497  -3.882  12.436  1.00 71.10  ? 15  DA  A "C2'" 1 
ATOM   302  C "C1'" . DA  A 1 15 ? 10.431  -3.003  13.098  1.00 91.32  ? 15  DA  A "C1'" 1 
ATOM   303  N N9    . DA  A 1 15 ? 10.417  -2.906  14.565  1.00 82.33  ? 15  DA  A N9    1 
ATOM   304  C C8    . DA  A 1 15 ? 10.639  -4.035  15.313  1.00 46.00  ? 15  DA  A C8    1 
ATOM   305  N N7    . DA  A 1 15 ? 10.483  -3.856  16.613  1.00 59.27  ? 15  DA  A N7    1 
ATOM   306  C C5    . DA  A 1 15 ? 10.108  -2.520  16.740  1.00 20.53  ? 15  DA  A C5    1 
ATOM   307  C C6    . DA  A 1 15 ? 9.814   -1.707  17.867  1.00 34.91  ? 15  DA  A C6    1 
ATOM   308  N N6    . DA  A 1 15 ? 9.861   -2.182  19.115  1.00 34.34  ? 15  DA  A N6    1 
ATOM   309  N N1    . DA  A 1 15 ? 9.491   -0.401  17.663  1.00 31.22  ? 15  DA  A N1    1 
ATOM   310  C C2    . DA  A 1 15 ? 9.437   0.033   16.382  1.00 32.31  ? 15  DA  A C2    1 
ATOM   311  N N3    . DA  A 1 15 ? 9.712   -0.639  15.242  1.00 42.09  ? 15  DA  A N3    1 
ATOM   312  C C4    . DA  A 1 15 ? 10.051  -1.925  15.484  1.00 50.06  ? 15  DA  A C4    1 
ATOM   313  P P     . DG  A 1 16 ? 11.697  -3.177  9.184   1.00 45.66  ? 16  DG  A P     1 
ATOM   314  O OP1   . DG  A 1 16 ? 11.264  -2.341  8.038   1.00 50.36  ? 16  DG  A OP1   1 
ATOM   315  O OP2   . DG  A 1 16 ? 12.255  -4.528  8.952   1.00 58.43  ? 16  DG  A OP2   1 
ATOM   316  O "O5'" . DG  A 1 16 ? 12.666  -2.226  10.021  1.00 100.00 ? 16  DG  A "O5'" 1 
ATOM   317  C "C5'" . DG  A 1 16 ? 12.275  -0.841  10.001  1.00 55.16  ? 16  DG  A "C5'" 1 
ATOM   318  C "C4'" . DG  A 1 16 ? 13.288  0.009   10.750  1.00 100.00 ? 16  DG  A "C4'" 1 
ATOM   319  O "O4'" . DG  A 1 16 ? 13.058  -0.143  12.192  1.00 44.82  ? 16  DG  A "O4'" 1 
ATOM   320  C "C3'" . DG  A 1 16 ? 14.744  -0.415  10.494  1.00 82.41  ? 16  DG  A "C3'" 1 
ATOM   321  O "O3'" . DG  A 1 16 ? 15.637  0.694   10.687  1.00 75.96  ? 16  DG  A "O3'" 1 
ATOM   322  C "C2'" . DG  A 1 16 ? 14.924  -1.455  11.591  1.00 62.19  ? 16  DG  A "C2'" 1 
ATOM   323  C "C1'" . DG  A 1 16 ? 14.220  -0.726  12.743  1.00 61.62  ? 16  DG  A "C1'" 1 
ATOM   324  N N9    . DG  A 1 16 ? 13.962  -1.535  13.947  1.00 48.91  ? 16  DG  A N9    1 
ATOM   325  C C8    . DG  A 1 16 ? 14.162  -2.890  14.165  1.00 100.00 ? 16  DG  A C8    1 
ATOM   326  N N7    . DG  A 1 16 ? 13.894  -3.280  15.386  1.00 77.32  ? 16  DG  A N7    1 
ATOM   327  C C5    . DG  A 1 16 ? 13.534  -2.104  16.048  1.00 38.09  ? 16  DG  A C5    1 
ATOM   328  C C6    . DG  A 1 16 ? 13.118  -1.905  17.396  1.00 62.51  ? 16  DG  A C6    1 
ATOM   329  O O6    . DG  A 1 16 ? 13.033  -2.769  18.307  1.00 35.35  ? 16  DG  A O6    1 
ATOM   330  N N1    . DG  A 1 16 ? 12.817  -0.544  17.641  1.00 15.87  ? 16  DG  A N1    1 
ATOM   331  C C2    . DG  A 1 16 ? 12.885  0.452   16.690  1.00 31.16  ? 16  DG  A C2    1 
ATOM   332  N N2    . DG  A 1 16 ? 12.550  1.693   17.089  1.00 24.26  ? 16  DG  A N2    1 
ATOM   333  N N3    . DG  A 1 16 ? 13.267  0.264   15.427  1.00 38.96  ? 16  DG  A N3    1 
ATOM   334  C C4    . DG  A 1 16 ? 13.578  -1.024  15.175  1.00 47.46  ? 16  DG  A C4    1 
ATOM   335  P P     . DA  A 1 17 ? 16.221  1.654   9.522   1.00 59.56  ? 17  DA  A P     1 
ATOM   336  O OP1   . DA  A 1 17 ? 15.139  2.095   8.606   1.00 100.00 ? 17  DA  A OP1   1 
ATOM   337  O OP2   . DA  A 1 17 ? 17.419  0.967   8.989   1.00 71.74  ? 17  DA  A OP2   1 
ATOM   338  O "O5'" . DA  A 1 17 ? 16.641  2.962   10.342  1.00 100.00 ? 17  DA  A "O5'" 1 
ATOM   339  C "C5'" . DA  A 1 17 ? 15.685  3.904   10.834  1.00 63.07  ? 17  DA  A "C5'" 1 
ATOM   340  C "C4'" . DA  A 1 17 ? 16.007  4.316   12.270  1.00 59.67  ? 17  DA  A "C4'" 1 
ATOM   341  O "O4'" . DA  A 1 17 ? 15.764  3.209   13.170  1.00 92.32  ? 17  DA  A "O4'" 1 
ATOM   342  C "C3'" . DA  A 1 17 ? 17.451  4.760   12.524  1.00 43.83  ? 17  DA  A "C3'" 1 
ATOM   343  O "O3'" . DA  A 1 17 ? 17.474  6.101   13.047  1.00 100.00 ? 17  DA  A "O3'" 1 
ATOM   344  C "C2'" . DA  A 1 17 ? 18.006  3.716   13.501  1.00 75.22  ? 17  DA  A "C2'" 1 
ATOM   345  C "C1'" . DA  A 1 17 ? 16.730  3.246   14.187  1.00 25.96  ? 17  DA  A "C1'" 1 
ATOM   346  N N9    . DA  A 1 17 ? 16.791  1.940   14.841  1.00 43.83  ? 17  DA  A N9    1 
ATOM   347  C C8    . DA  A 1 17 ? 17.195  0.722   14.349  1.00 30.01  ? 17  DA  A C8    1 
ATOM   348  N N7    . DA  A 1 17 ? 17.061  -0.274  15.218  1.00 46.42  ? 17  DA  A N7    1 
ATOM   349  C C5    . DA  A 1 17 ? 16.527  0.330   16.360  1.00 8.62   ? 17  DA  A C5    1 
ATOM   350  C C6    . DA  A 1 17 ? 16.228  -0.178  17.634  1.00 45.31  ? 17  DA  A C6    1 
ATOM   351  N N6    . DA  A 1 17 ? 16.382  -1.475  17.956  1.00 60.00  ? 17  DA  A N6    1 
ATOM   352  N N1    . DA  A 1 17 ? 15.840  0.714   18.584  1.00 30.12  ? 17  DA  A N1    1 
ATOM   353  C C2    . DA  A 1 17 ? 15.697  2.007   18.248  1.00 68.30  ? 17  DA  A C2    1 
ATOM   354  N N3    . DA  A 1 17 ? 15.933  2.612   17.076  1.00 19.55  ? 17  DA  A N3    1 
ATOM   355  C C4    . DA  A 1 17 ? 16.397  1.711   16.169  1.00 20.75  ? 17  DA  A C4    1 
ATOM   356  P P     . DA  A 1 18 ? 18.703  7.075   12.683  1.00 83.72  ? 18  DA  A P     1 
ATOM   357  O OP1   . DA  A 1 18 ? 18.392  7.876   11.471  1.00 86.77  ? 18  DA  A OP1   1 
ATOM   358  O OP2   . DA  A 1 18 ? 19.924  6.231   12.724  1.00 100.00 ? 18  DA  A OP2   1 
ATOM   359  O "O5'" . DA  A 1 18 ? 18.714  8.100   13.903  1.00 100.00 ? 18  DA  A "O5'" 1 
ATOM   360  C "C5'" . DA  A 1 18 ? 17.843  7.844   14.964  1.00 74.59  ? 18  DA  A "C5'" 1 
ATOM   361  C "C4'" . DA  A 1 18 ? 18.555  7.145   16.104  1.00 95.74  ? 18  DA  A "C4'" 1 
ATOM   362  O "O4'" . DA  A 1 18 ? 18.771  5.758   15.852  1.00 54.24  ? 18  DA  A "O4'" 1 
ATOM   363  C "C3'" . DA  A 1 18 ? 19.924  7.621   16.594  1.00 65.19  ? 18  DA  A "C3'" 1 
ATOM   364  O "O3'" . DA  A 1 18 ? 19.726  8.776   17.470  1.00 100.00 ? 18  DA  A "O3'" 1 
ATOM   365  C "C2'" . DA  A 1 18 ? 20.427  6.350   17.324  1.00 69.48  ? 18  DA  A "C2'" 1 
ATOM   366  C "C1'" . DA  A 1 18 ? 19.243  5.396   17.118  1.00 38.14  ? 18  DA  A "C1'" 1 
ATOM   367  N N9    . DA  A 1 18 ? 19.514  3.974   17.139  1.00 49.07  ? 18  DA  A N9    1 
ATOM   368  C C8    . DA  A 1 18 ? 19.993  3.284   16.059  1.00 30.12  ? 18  DA  A C8    1 
ATOM   369  N N7    . DA  A 1 18 ? 20.112  1.986   16.303  1.00 61.08  ? 18  DA  A N7    1 
ATOM   370  C C5    . DA  A 1 18 ? 19.651  1.809   17.613  1.00 17.41  ? 18  DA  A C5    1 
ATOM   371  C C6    . DA  A 1 18 ? 19.486  0.669   18.463  1.00 50.18  ? 18  DA  A C6    1 
ATOM   372  N N6    . DA  A 1 18 ? 19.821  -0.580  18.134  1.00 30.82  ? 18  DA  A N6    1 
ATOM   373  N N1    . DA  A 1 18 ? 19.017  0.869   19.718  1.00 18.47  ? 18  DA  A N1    1 
ATOM   374  C C2    . DA  A 1 18 ? 18.634  2.108   20.056  1.00 29.54  ? 18  DA  A C2    1 
ATOM   375  N N3    . DA  A 1 18 ? 18.727  3.258   19.359  1.00 34.10  ? 18  DA  A N3    1 
ATOM   376  C C4    . DA  A 1 18 ? 19.219  3.033   18.122  1.00 19.38  ? 18  DA  A C4    1 
ATOM   377  P P     . DC  A 1 19 ? 20.843  9.616   18.289  1.00 100.00 ? 19  DC  A P     1 
ATOM   378  O OP1   . DC  A 1 19 ? 20.229  10.891  18.749  1.00 83.05  ? 19  DC  A OP1   1 
ATOM   379  O OP2   . DC  A 1 19 ? 22.093  9.697   17.477  1.00 93.75  ? 19  DC  A OP2   1 
ATOM   380  O "O5'" . DC  A 1 19 ? 21.051  8.658   19.586  1.00 53.64  ? 19  DC  A "O5'" 1 
ATOM   381  C "C5'" . DC  A 1 19 ? 22.248  7.916   19.599  1.00 65.93  ? 19  DC  A "C5'" 1 
ATOM   382  C "C4'" . DC  A 1 19 ? 22.304  6.947   20.745  1.00 65.15  ? 19  DC  A "C4'" 1 
ATOM   383  O "O4'" . DC  A 1 19 ? 21.562  5.766   20.366  1.00 56.58  ? 19  DC  A "O4'" 1 
ATOM   384  C "C3'" . DC  A 1 19 ? 23.709  6.402   20.980  1.00 100.00 ? 19  DC  A "C3'" 1 
ATOM   385  O "O3'" . DC  A 1 19 ? 24.542  7.316   21.751  1.00 100.00 ? 19  DC  A "O3'" 1 
ATOM   386  C "C2'" . DC  A 1 19 ? 23.430  5.090   21.694  1.00 79.63  ? 19  DC  A "C2'" 1 
ATOM   387  C "C1'" . DC  A 1 19 ? 22.166  4.635   20.997  1.00 53.57  ? 19  DC  A "C1'" 1 
ATOM   388  N N1    . DC  A 1 19 ? 22.461  3.583   20.026  1.00 28.52  ? 19  DC  A N1    1 
ATOM   389  C C2    . DC  A 1 19 ? 22.500  2.267   20.541  1.00 79.22  ? 19  DC  A C2    1 
ATOM   390  O O2    . DC  A 1 19 ? 22.237  2.052   21.750  1.00 25.61  ? 19  DC  A O2    1 
ATOM   391  N N3    . DC  A 1 19 ? 22.758  1.234   19.686  1.00 33.00  ? 19  DC  A N3    1 
ATOM   392  C C4    . DC  A 1 19 ? 22.983  1.486   18.383  1.00 90.82  ? 19  DC  A C4    1 
ATOM   393  N N4    . DC  A 1 19 ? 23.212  0.485   17.518  1.00 23.44  ? 19  DC  A N4    1 
ATOM   394  C C5    . DC  A 1 19 ? 22.972  2.816   17.871  1.00 32.33  ? 19  DC  A C5    1 
ATOM   395  C C6    . DC  A 1 19 ? 22.699  3.820   18.712  1.00 55.49  ? 19  DC  A C6    1 
ATOM   396  P P     . DT  A 1 20 ? 24.599  7.472   23.359  1.00 100.00 ? 20  DT  A P     1 
ATOM   397  O OP1   . DT  A 1 20 ? 23.263  7.897   23.843  1.00 100.00 ? 20  DT  A OP1   1 
ATOM   398  O OP2   . DT  A 1 20 ? 25.772  8.330   23.666  1.00 100.00 ? 20  DT  A OP2   1 
ATOM   399  O "O5'" . DT  A 1 20 ? 24.901  5.983   23.875  1.00 58.25  ? 20  DT  A "O5'" 1 
ATOM   400  C "C5'" . DT  A 1 20 ? 24.312  5.489   25.057  1.00 49.81  ? 20  DT  A "C5'" 1 
ATOM   401  C "C4'" . DT  A 1 20 ? 24.600  4.007   25.142  1.00 60.03  ? 20  DT  A "C4'" 1 
ATOM   402  O "O4'" . DT  A 1 20 ? 24.809  3.530   23.816  1.00 59.91  ? 20  DT  A "O4'" 1 
ATOM   403  C "C3'" . DT  A 1 20 ? 25.923  3.552   25.750  1.00 100.00 ? 20  DT  A "C3'" 1 
ATOM   404  O "O3'" . DT  A 1 20 ? 25.884  3.552   27.170  1.00 100.00 ? 20  DT  A "O3'" 1 
ATOM   405  C "C2'" . DT  A 1 20 ? 26.056  2.120   25.209  1.00 85.61  ? 20  DT  A "C2'" 1 
ATOM   406  C "C1'" . DT  A 1 20 ? 25.142  2.186   24.021  1.00 55.82  ? 20  DT  A "C1'" 1 
ATOM   407  N N1    . DT  A 1 20 ? 25.623  1.617   22.784  1.00 42.45  ? 20  DT  A N1    1 
ATOM   408  C C2    . DT  A 1 20 ? 25.839  0.308   22.443  1.00 34.32  ? 20  DT  A C2    1 
ATOM   409  O O2    . DT  A 1 20 ? 25.821  -0.600  23.245  1.00 44.88  ? 20  DT  A O2    1 
ATOM   410  N N3    . DT  A 1 20 ? 26.126  0.127   21.124  1.00 27.00  ? 20  DT  A N3    1 
ATOM   411  C C4    . DT  A 1 20 ? 26.136  1.106   20.130  1.00 45.00  ? 20  DT  A C4    1 
ATOM   412  O O4    . DT  A 1 20 ? 26.413  0.802   18.970  1.00 66.68  ? 20  DT  A O4    1 
ATOM   413  C C5    . DT  A 1 20 ? 25.882  2.452   20.585  1.00 38.14  ? 20  DT  A C5    1 
ATOM   414  C C7    . DT  A 1 20 ? 25.893  3.600   19.618  1.00 99.35  ? 20  DT  A C7    1 
ATOM   415  C C6    . DT  A 1 20 ? 25.595  2.639   21.867  1.00 68.42  ? 20  DT  A C6    1 
ATOM   416  P P     . DT  A 1 21 ? 27.206  3.217   28.022  1.00 100.00 ? 21  DT  A P     1 
ATOM   417  O OP1   . DT  A 1 21 ? 26.879  2.080   28.941  1.00 47.33  ? 21  DT  A OP1   1 
ATOM   418  O OP2   . DT  A 1 21 ? 27.682  4.523   28.557  1.00 100.00 ? 21  DT  A OP2   1 
ATOM   419  O "O5'" . DT  A 1 21 ? 28.220  2.694   26.867  1.00 100.00 ? 21  DT  A "O5'" 1 
ATOM   420  C "C5'" . DT  A 1 21 ? 29.188  1.629   27.009  1.00 53.48  ? 21  DT  A "C5'" 1 
ATOM   421  C "C4'" . DT  A 1 21 ? 28.569  0.265   27.335  1.00 40.67  ? 21  DT  A "C4'" 1 
ATOM   422  O "O4'" . DT  A 1 21 ? 27.612  -0.143  26.312  1.00 100.00 ? 21  DT  A "O4'" 1 
ATOM   423  C "C3'" . DT  A 1 21 ? 29.609  -0.859  27.427  1.00 100.00 ? 21  DT  A "C3'" 1 
ATOM   424  O "O3'" . DT  A 1 21 ? 29.790  -1.254  28.787  1.00 100.00 ? 21  DT  A "O3'" 1 
ATOM   425  C "C2'" . DT  A 1 21 ? 29.058  -2.014  26.574  1.00 100.00 ? 21  DT  A "C2'" 1 
ATOM   426  C "C1'" . DT  A 1 21 ? 28.045  -1.328  25.653  1.00 100.00 ? 21  DT  A "C1'" 1 
ATOM   427  N N1    . DT  A 1 21 ? 28.507  -1.048  24.218  1.00 79.74  ? 21  DT  A N1    1 
ATOM   428  C C2    . DT  A 1 21 ? 28.675  -2.082  23.303  1.00 96.00  ? 21  DT  A C2    1 
ATOM   429  O O2    . DT  A 1 21 ? 28.512  -3.253  23.575  1.00 91.67  ? 21  DT  A O2    1 
ATOM   430  N N3    . DT  A 1 21 ? 29.088  -1.669  22.052  1.00 89.19  ? 21  DT  A N3    1 
ATOM   431  C C4    . DT  A 1 21 ? 29.270  -0.382  21.596  1.00 100.00 ? 21  DT  A C4    1 
ATOM   432  O O4    . DT  A 1 21 ? 29.737  -0.160  20.472  1.00 90.03  ? 21  DT  A O4    1 
ATOM   433  C C5    . DT  A 1 21 ? 29.117  0.636   22.605  1.00 63.49  ? 21  DT  A C5    1 
ATOM   434  C C7    . DT  A 1 21 ? 29.313  2.090   22.240  1.00 54.62  ? 21  DT  A C7    1 
ATOM   435  C C6    . DT  A 1 21 ? 28.715  0.262   23.827  1.00 38.92  ? 21  DT  A C6    1 
ATOM   436  O "O5'" . DA  B 2 1  ? 27.729  -10.989 18.806  1.00 100.00 ? 101 DA  B "O5'" 1 
ATOM   437  C "C5'" . DA  B 2 1  ? 26.327  -10.778 18.911  1.00 100.00 ? 101 DA  B "C5'" 1 
ATOM   438  C "C4'" . DA  B 2 1  ? 26.055  -9.699  19.931  1.00 75.00  ? 101 DA  B "C4'" 1 
ATOM   439  O "O4'" . DA  B 2 1  ? 26.122  -8.397  19.333  1.00 58.29  ? 101 DA  B "O4'" 1 
ATOM   440  C "C3'" . DA  B 2 1  ? 24.672  -9.748  20.521  1.00 49.08  ? 101 DA  B "C3'" 1 
ATOM   441  O "O3'" . DA  B 2 1  ? 24.768  -10.472 21.701  1.00 91.72  ? 101 DA  B "O3'" 1 
ATOM   442  C "C2'" . DA  B 2 1  ? 24.260  -8.272  20.731  1.00 34.41  ? 101 DA  B "C2'" 1 
ATOM   443  C "C1'" . DA  B 2 1  ? 25.504  -7.549  20.268  1.00 87.09  ? 101 DA  B "C1'" 1 
ATOM   444  N N9    . DA  B 2 1  ? 25.418  -6.242  19.662  1.00 42.01  ? 101 DA  B N9    1 
ATOM   445  C C8    . DA  B 2 1  ? 25.365  -5.974  18.323  1.00 43.13  ? 101 DA  B C8    1 
ATOM   446  N N7    . DA  B 2 1  ? 25.466  -4.694  18.041  1.00 52.53  ? 101 DA  B N7    1 
ATOM   447  C C5    . DA  B 2 1  ? 25.676  -4.111  19.276  1.00 31.41  ? 101 DA  B C5    1 
ATOM   448  C C6    . DA  B 2 1  ? 25.885  -2.782  19.644  1.00 43.93  ? 101 DA  B C6    1 
ATOM   449  N N6    . DA  B 2 1  ? 25.872  -1.790  18.764  1.00 53.22  ? 101 DA  B N6    1 
ATOM   450  N N1    . DA  B 2 1  ? 26.076  -2.517  20.950  1.00 44.26  ? 101 DA  B N1    1 
ATOM   451  C C2    . DA  B 2 1  ? 26.070  -3.538  21.824  1.00 100.00 ? 101 DA  B C2    1 
ATOM   452  N N3    . DA  B 2 1  ? 25.892  -4.845  21.604  1.00 77.10  ? 101 DA  B N3    1 
ATOM   453  C C4    . DA  B 2 1  ? 25.684  -5.056  20.291  1.00 56.68  ? 101 DA  B C4    1 
ATOM   454  P P     . DG  B 2 2  ? 23.385  -10.777 22.402  1.00 100.00 ? 102 DG  B P     1 
ATOM   455  O OP1   . DG  B 2 2  ? 23.437  -12.113 23.041  1.00 100.00 ? 102 DG  B OP1   1 
ATOM   456  O OP2   . DG  B 2 2  ? 22.333  -10.462 21.408  1.00 100.00 ? 102 DG  B OP2   1 
ATOM   457  O "O5'" . DG  B 2 2  ? 23.369  -9.661  23.528  1.00 65.79  ? 102 DG  B "O5'" 1 
ATOM   458  C "C5'" . DG  B 2 2  ? 22.627  -8.554  23.172  1.00 51.17  ? 102 DG  B "C5'" 1 
ATOM   459  C "C4'" . DG  B 2 2  ? 22.802  -7.484  24.204  1.00 70.28  ? 102 DG  B "C4'" 1 
ATOM   460  O "O4'" . DG  B 2 2  ? 23.347  -6.311  23.561  1.00 100.00 ? 102 DG  B "O4'" 1 
ATOM   461  C "C3'" . DG  B 2 2  ? 21.476  -7.083  24.818  1.00 86.10  ? 102 DG  B "C3'" 1 
ATOM   462  O "O3'" . DG  B 2 2  ? 21.550  -6.936  26.230  1.00 61.43  ? 102 DG  B "O3'" 1 
ATOM   463  C "C2'" . DG  B 2 2  ? 21.070  -5.810  24.069  1.00 100.00 ? 102 DG  B "C2'" 1 
ATOM   464  C "C1'" . DG  B 2 2  ? 22.381  -5.280  23.497  1.00 67.76  ? 102 DG  B "C1'" 1 
ATOM   465  N N9    . DG  B 2 2  ? 22.347  -4.825  22.104  1.00 50.11  ? 102 DG  B N9    1 
ATOM   466  C C8    . DG  B 2 2  ? 22.422  -5.423  20.866  1.00 59.89  ? 102 DG  B C8    1 
ATOM   467  N N7    . DG  B 2 2  ? 22.465  -4.565  19.879  1.00 85.98  ? 102 DG  B N7    1 
ATOM   468  C C5    . DG  B 2 2  ? 22.454  -3.313  20.496  1.00 18.98  ? 102 DG  B C5    1 
ATOM   469  C C6    . DG  B 2 2  ? 22.527  -2.018  19.926  1.00 100.00 ? 102 DG  B C6    1 
ATOM   470  O O6    . DG  B 2 2  ? 22.613  -1.691  18.747  1.00 27.05  ? 102 DG  B O6    1 
ATOM   471  N N1    . DG  B 2 2  ? 22.538  -1.027  20.871  1.00 22.57  ? 102 DG  B N1    1 
ATOM   472  C C2    . DG  B 2 2  ? 22.468  -1.244  22.216  1.00 100.00 ? 102 DG  B C2    1 
ATOM   473  N N2    . DG  B 2 2  ? 22.430  -0.106  22.933  1.00 31.26  ? 102 DG  B N2    1 
ATOM   474  N N3    . DG  B 2 2  ? 22.439  -2.462  22.795  1.00 29.66  ? 102 DG  B N3    1 
ATOM   475  C C4    . DG  B 2 2  ? 22.411  -3.457  21.869  1.00 33.86  ? 102 DG  B C4    1 
ATOM   476  P P     . DT  B 2 3  ? 20.267  -6.434  27.070  1.00 100.00 ? 103 DT  B P     1 
ATOM   477  O OP1   . DT  B 2 3  ? 20.154  -7.173  28.365  1.00 99.99  ? 103 DT  B OP1   1 
ATOM   478  O OP2   . DT  B 2 3  ? 19.120  -6.427  26.127  1.00 100.00 ? 103 DT  B OP2   1 
ATOM   479  O "O5'" . DT  B 2 3  ? 20.659  -4.915  27.413  1.00 38.73  ? 103 DT  B "O5'" 1 
ATOM   480  C "C5'" . DT  B 2 3  ? 19.653  -3.950  27.650  1.00 89.74  ? 103 DT  B "C5'" 1 
ATOM   481  C "C4'" . DT  B 2 3  ? 19.879  -2.722  26.786  1.00 23.93  ? 103 DT  B "C4'" 1 
ATOM   482  O "O4'" . DT  B 2 3  ? 20.009  -3.068  25.385  1.00 57.47  ? 103 DT  B "O4'" 1 
ATOM   483  C "C3'" . DT  B 2 3  ? 18.653  -1.831  26.757  1.00 100.00 ? 103 DT  B "C3'" 1 
ATOM   484  O "O3'" . DT  B 2 3  ? 18.582  -1.046  27.901  1.00 66.86  ? 103 DT  B "O3'" 1 
ATOM   485  C "C2'" . DT  B 2 3  ? 18.867  -0.974  25.513  1.00 51.77  ? 103 DT  B "C2'" 1 
ATOM   486  C "C1'" . DT  B 2 3  ? 19.786  -1.846  24.680  1.00 54.76  ? 103 DT  B "C1'" 1 
ATOM   487  N N1    . DT  B 2 3  ? 19.398  -2.020  23.233  1.00 54.11  ? 103 DT  B N1    1 
ATOM   488  C C2    . DT  B 2 3  ? 19.142  -1.004  22.321  1.00 46.64  ? 103 DT  B C2    1 
ATOM   489  O O2    . DT  B 2 3  ? 19.125  0.176   22.605  1.00 47.49  ? 103 DT  B O2    1 
ATOM   490  N N3    . DT  B 2 3  ? 18.937  -1.409  21.029  1.00 34.80  ? 103 DT  B N3    1 
ATOM   491  C C4    . DT  B 2 3  ? 18.949  -2.714  20.594  1.00 51.00  ? 103 DT  B C4    1 
ATOM   492  O O4    . DT  B 2 3  ? 18.715  -2.943  19.417  1.00 100.00 ? 103 DT  B O4    1 
ATOM   493  C C5    . DT  B 2 3  ? 19.225  -3.716  21.598  1.00 36.08  ? 103 DT  B C5    1 
ATOM   494  C C7    . DT  B 2 3  ? 19.277  -5.164  21.228  1.00 48.47  ? 103 DT  B C7    1 
ATOM   495  C C6    . DT  B 2 3  ? 19.418  -3.334  22.856  1.00 34.01  ? 103 DT  B C6    1 
ATOM   496  P P     . DT  B 2 4  ? 17.105  -0.771  28.410  1.00 100.00 ? 104 DT  B P     1 
ATOM   497  O OP1   . DT  B 2 4  ? 16.990  -1.354  29.764  1.00 100.00 ? 104 DT  B OP1   1 
ATOM   498  O OP2   . DT  B 2 4  ? 16.179  -1.247  27.354  1.00 100.00 ? 104 DT  B OP2   1 
ATOM   499  O "O5'" . DT  B 2 4  ? 17.049  0.838   28.515  1.00 64.40  ? 104 DT  B "O5'" 1 
ATOM   500  C "C5'" . DT  B 2 4  ? 17.694  1.642   27.517  1.00 45.25  ? 104 DT  B "C5'" 1 
ATOM   501  C "C4'" . DT  B 2 4  ? 16.810  2.025   26.324  1.00 100.00 ? 104 DT  B "C4'" 1 
ATOM   502  O "O4'" . DT  B 2 4  ? 16.911  1.172   25.168  1.00 100.00 ? 104 DT  B "O4'" 1 
ATOM   503  C "C3'" . DT  B 2 4  ? 15.337  2.383   26.485  1.00 42.90  ? 104 DT  B "C3'" 1 
ATOM   504  O "O3'" . DT  B 2 4  ? 15.339  3.768   26.346  1.00 60.37  ? 104 DT  B "O3'" 1 
ATOM   505  C "C2'" . DT  B 2 4  ? 14.635  1.712   25.289  1.00 49.38  ? 104 DT  B "C2'" 1 
ATOM   506  C "C1'" . DT  B 2 4  ? 15.802  1.460   24.329  1.00 76.70  ? 104 DT  B "C1'" 1 
ATOM   507  N N1    . DT  B 2 4  ? 15.694  0.285   23.398  1.00 45.74  ? 104 DT  B N1    1 
ATOM   508  C C2    . DT  B 2 4  ? 15.822  0.556   22.044  1.00 67.39  ? 104 DT  B C2    1 
ATOM   509  O O2    . DT  B 2 4  ? 15.899  1.688   21.608  1.00 64.87  ? 104 DT  B O2    1 
ATOM   510  N N3    . DT  B 2 4  ? 15.825  -0.543  21.213  1.00 22.78  ? 104 DT  B N3    1 
ATOM   511  C C4    . DT  B 2 4  ? 15.710  -1.859  21.603  1.00 100.00 ? 104 DT  B C4    1 
ATOM   512  O O4    . DT  B 2 4  ? 15.677  -2.731  20.730  1.00 53.83  ? 104 DT  B O4    1 
ATOM   513  C C5    . DT  B 2 4  ? 15.619  -2.086  23.039  1.00 23.84  ? 104 DT  B C5    1 
ATOM   514  C C7    . DT  B 2 4  ? 15.518  -3.486  23.567  1.00 62.07  ? 104 DT  B C7    1 
ATOM   515  C C6    . DT  B 2 4  ? 15.610  -1.022  23.876  1.00 32.64  ? 104 DT  B C6    1 
ATOM   516  P P     . DC  B 2 5  ? 14.151  4.574   26.976  1.00 100.00 ? 105 DC  B P     1 
ATOM   517  O OP1   . DC  B 2 5  ? 14.588  5.981   27.059  1.00 55.88  ? 105 DC  B OP1   1 
ATOM   518  O OP2   . DC  B 2 5  ? 13.632  3.832   28.157  1.00 100.00 ? 105 DC  B OP2   1 
ATOM   519  O "O5'" . DC  B 2 5  ? 13.128  4.482   25.759  1.00 100.00 ? 105 DC  B "O5'" 1 
ATOM   520  C "C5'" . DC  B 2 5  ? 13.234  5.584   24.872  1.00 100.00 ? 105 DC  B "C5'" 1 
ATOM   521  C "C4'" . DC  B 2 5  ? 12.796  5.271   23.451  1.00 100.00 ? 105 DC  B "C4'" 1 
ATOM   522  O "O4'" . DC  B 2 5  ? 13.192  3.958   23.020  1.00 100.00 ? 105 DC  B "O4'" 1 
ATOM   523  C "C3'" . DC  B 2 5  ? 11.309  5.234   23.230  1.00 64.44  ? 105 DC  B "C3'" 1 
ATOM   524  O "O3'" . DC  B 2 5  ? 10.791  6.548   23.128  1.00 96.28  ? 105 DC  B "O3'" 1 
ATOM   525  C "C2'" . DC  B 2 5  ? 11.187  4.481   21.897  1.00 100.00 ? 105 DC  B "C2'" 1 
ATOM   526  C "C1'" . DC  B 2 5  ? 12.491  3.710   21.812  1.00 61.19  ? 105 DC  B "C1'" 1 
ATOM   527  N N1    . DC  B 2 5  ? 12.385  2.254   21.689  1.00 28.64  ? 105 DC  B N1    1 
ATOM   528  C C2    . DC  B 2 5  ? 12.760  1.657   20.508  1.00 40.29  ? 105 DC  B C2    1 
ATOM   529  O O2    . DC  B 2 5  ? 13.029  2.404   19.540  1.00 40.79  ? 105 DC  B O2    1 
ATOM   530  N N3    . DC  B 2 5  ? 12.773  0.303   20.452  1.00 20.20  ? 105 DC  B N3    1 
ATOM   531  C C4    . DC  B 2 5  ? 12.438  -0.388  21.555  1.00 37.63  ? 105 DC  B C4    1 
ATOM   532  N N4    . DC  B 2 5  ? 12.408  -1.740  21.523  1.00 36.10  ? 105 DC  B N4    1 
ATOM   533  C C5    . DC  B 2 5  ? 12.074  0.248   22.773  1.00 20.60  ? 105 DC  B C5    1 
ATOM   534  C C6    . DC  B 2 5  ? 12.095  1.563   22.816  1.00 39.97  ? 105 DC  B C6    1 
ATOM   535  P P     . DT  B 2 6  ? 9.192   6.647   23.123  1.00 100.00 ? 106 DT  B P     1 
ATOM   536  O OP1   . DT  B 2 6  ? 8.834   8.059   23.395  1.00 65.94  ? 106 DT  B OP1   1 
ATOM   537  O OP2   . DT  B 2 6  ? 8.677   5.543   23.991  1.00 77.66  ? 106 DT  B OP2   1 
ATOM   538  O "O5'" . DT  B 2 6  ? 8.796   6.363   21.592  1.00 100.00 ? 106 DT  B "O5'" 1 
ATOM   539  C "C5'" . DT  B 2 6  ? 8.860   7.438   20.633  1.00 100.00 ? 106 DT  B "C5'" 1 
ATOM   540  C "C4'" . DT  B 2 6  ? 8.150   7.013   19.370  1.00 54.62  ? 106 DT  B "C4'" 1 
ATOM   541  O "O4'" . DT  B 2 6  ? 8.604   5.672   19.052  1.00 46.63  ? 106 DT  B "O4'" 1 
ATOM   542  C "C3'" . DT  B 2 6  ? 6.647   6.893   19.551  1.00 61.31  ? 106 DT  B "C3'" 1 
ATOM   543  O "O3'" . DT  B 2 6  ? 6.033   7.035   18.300  1.00 42.03  ? 106 DT  B "O3'" 1 
ATOM   544  C "C2'" . DT  B 2 6  ? 6.505   5.491   20.137  1.00 30.69  ? 106 DT  B "C2'" 1 
ATOM   545  C "C1'" . DT  B 2 6  ? 7.588   4.757   19.352  1.00 75.35  ? 106 DT  B "C1'" 1 
ATOM   546  N N1    . DT  B 2 6  ? 8.073   3.490   19.989  1.00 24.44  ? 106 DT  B N1    1 
ATOM   547  C C2    . DT  B 2 6  ? 8.465   2.414   19.197  1.00 100.00 ? 106 DT  B C2    1 
ATOM   548  O O2    . DT  B 2 6  ? 8.574   2.486   17.976  1.00 67.89  ? 106 DT  B O2    1 
ATOM   549  N N3    . DT  B 2 6  ? 8.769   1.257   19.880  1.00 26.46  ? 106 DT  B N3    1 
ATOM   550  C C4    . DT  B 2 6  ? 8.675   1.075   21.252  1.00 62.11  ? 106 DT  B C4    1 
ATOM   551  O O4    . DT  B 2 6  ? 8.982   -0.014  21.744  1.00 63.89  ? 106 DT  B O4    1 
ATOM   552  C C5    . DT  B 2 6  ? 8.210   2.224   22.006  1.00 43.93  ? 106 DT  B C5    1 
ATOM   553  C C7    . DT  B 2 6  ? 8.064   2.140   23.498  1.00 100.00 ? 106 DT  B C7    1 
ATOM   554  C C6    . DT  B 2 6  ? 7.926   3.360   21.354  1.00 44.58  ? 106 DT  B C6    1 
ATOM   555  P P     . DA  B 2 7  ? 5.350   8.431   17.966  1.00 66.53  ? 107 DA  B P     1 
ATOM   556  O OP1   . DA  B 2 7  ? 6.346   9.515   18.094  1.00 99.96  ? 107 DA  B OP1   1 
ATOM   557  O OP2   . DA  B 2 7  ? 4.103   8.487   18.765  1.00 100.00 ? 107 DA  B OP2   1 
ATOM   558  O "O5'" . DA  B 2 7  ? 4.979   8.274   16.430  1.00 93.48  ? 107 DA  B "O5'" 1 
ATOM   559  C "C5'" . DA  B 2 7  ? 6.026   8.268   15.494  1.00 39.33  ? 107 DA  B "C5'" 1 
ATOM   560  C "C4'" . DA  B 2 7  ? 5.851   7.080   14.592  1.00 78.86  ? 107 DA  B "C4'" 1 
ATOM   561  O "O4'" . DA  B 2 7  ? 5.957   5.827   15.318  1.00 59.27  ? 107 DA  B "O4'" 1 
ATOM   562  C "C3'" . DA  B 2 7  ? 4.506   7.035   13.909  1.00 44.14  ? 107 DA  B "C3'" 1 
ATOM   563  O "O3'" . DA  B 2 7  ? 4.768   6.593   12.608  1.00 52.54  ? 107 DA  B "O3'" 1 
ATOM   564  C "C2'" . DA  B 2 7  ? 3.722   6.020   14.737  1.00 78.87  ? 107 DA  B "C2'" 1 
ATOM   565  C "C1'" . DA  B 2 7  ? 4.826   5.026   15.057  1.00 26.05  ? 107 DA  B "C1'" 1 
ATOM   566  N N9    . DA  B 2 7  ? 4.612   4.298   16.279  1.00 51.71  ? 107 DA  B N9    1 
ATOM   567  C C8    . DA  B 2 7  ? 4.010   4.837   17.388  1.00 13.55  ? 107 DA  B C8    1 
ATOM   568  N N7    . DA  B 2 7  ? 4.027   3.990   18.412  1.00 95.23  ? 107 DA  B N7    1 
ATOM   569  C C5    . DA  B 2 7  ? 4.639   2.840   17.929  1.00 18.55  ? 107 DA  B C5    1 
ATOM   570  C C6    . DA  B 2 7  ? 4.938   1.592   18.507  1.00 48.53  ? 107 DA  B C6    1 
ATOM   571  N N6    . DA  B 2 7  ? 4.637   1.313   19.772  1.00 46.71  ? 107 DA  B N6    1 
ATOM   572  N N1    . DA  B 2 7  ? 5.572   0.655   17.754  1.00 23.31  ? 107 DA  B N1    1 
ATOM   573  C C2    . DA  B 2 7  ? 5.903   0.990   16.504  1.00 47.62  ? 107 DA  B C2    1 
ATOM   574  N N3    . DA  B 2 7  ? 5.688   2.154   15.849  1.00 26.78  ? 107 DA  B N3    1 
ATOM   575  C C4    . DA  B 2 7  ? 5.010   3.018   16.609  1.00 19.23  ? 107 DA  B C4    1 
ATOM   576  P P     . DT  B 2 8  ? 3.647   6.287   11.550  1.00 50.83  ? 108 DT  B P     1 
ATOM   577  O OP1   . DT  B 2 8  ? 4.252   6.483   10.207  1.00 26.27  ? 108 DT  B OP1   1 
ATOM   578  O OP2   . DT  B 2 8  ? 2.422   7.031   11.937  1.00 58.25  ? 108 DT  B OP2   1 
ATOM   579  O "O5'" . DT  B 2 8  ? 3.504   4.709   11.797  1.00 34.08  ? 108 DT  B "O5'" 1 
ATOM   580  C "C5'" . DT  B 2 8  ? 4.503   3.999   11.096  1.00 11.40  ? 108 DT  B "C5'" 1 
ATOM   581  C "C4'" . DT  B 2 8  ? 4.268   2.522   11.237  1.00 35.51  ? 108 DT  B "C4'" 1 
ATOM   582  O "O4'" . DT  B 2 8  ? 4.121   2.327   12.651  1.00 43.05  ? 108 DT  B "O4'" 1 
ATOM   583  C "C3'" . DT  B 2 8  ? 2.949   2.065   10.620  1.00 99.76  ? 108 DT  B "C3'" 1 
ATOM   584  O "O3'" . DT  B 2 8  ? 3.057   0.770   10.071  1.00 59.86  ? 108 DT  B "O3'" 1 
ATOM   585  C "C2'" . DT  B 2 8  ? 2.026   2.058   11.823  1.00 39.50  ? 108 DT  B "C2'" 1 
ATOM   586  C "C1'" . DT  B 2 8  ? 3.002   1.535   12.852  1.00 29.45  ? 108 DT  B "C1'" 1 
ATOM   587  N N1    . DT  B 2 8  ? 2.530   1.738   14.195  1.00 27.71  ? 108 DT  B N1    1 
ATOM   588  C C2    . DT  B 2 8  ? 2.647   0.659   15.045  1.00 40.17  ? 108 DT  B C2    1 
ATOM   589  O O2    . DT  B 2 8  ? 3.133   -0.384  14.702  1.00 45.25  ? 108 DT  B O2    1 
ATOM   590  N N3    . DT  B 2 8  ? 2.139   0.831   16.307  1.00 32.58  ? 108 DT  B N3    1 
ATOM   591  C C4    . DT  B 2 8  ? 1.514   1.982   16.759  1.00 28.50  ? 108 DT  B C4    1 
ATOM   592  O O4    . DT  B 2 8  ? 1.109   2.005   17.921  1.00 42.60  ? 108 DT  B O4    1 
ATOM   593  C C5    . DT  B 2 8  ? 1.452   3.089   15.812  1.00 41.31  ? 108 DT  B C5    1 
ATOM   594  C C7    . DT  B 2 8  ? 0.779   4.373   16.199  1.00 35.06  ? 108 DT  B C7    1 
ATOM   595  C C6    . DT  B 2 8  ? 1.942   2.918   14.574  1.00 57.32  ? 108 DT  B C6    1 
ATOM   596  P P     . DA  B 2 9  ? 2.475   0.558   8.599   1.00 50.08  ? 109 DA  B P     1 
ATOM   597  O OP1   . DA  B 2 9  ? 3.495   0.922   7.590   1.00 63.22  ? 109 DA  B OP1   1 
ATOM   598  O OP2   . DA  B 2 9  ? 1.124   1.170   8.531   1.00 77.49  ? 109 DA  B OP2   1 
ATOM   599  O "O5'" . DA  B 2 9  ? 2.378   -1.033  8.557   1.00 32.71  ? 109 DA  B "O5'" 1 
ATOM   600  C "C5'" . DA  B 2 9  ? 3.572   -1.685  8.633   1.00 24.12  ? 109 DA  B "C5'" 1 
ATOM   601  C "C4'" . DA  B 2 9  ? 3.363   -3.155  8.878   1.00 24.66  ? 109 DA  B "C4'" 1 
ATOM   602  O "O4'" . DA  B 2 9  ? 2.975   -3.410  10.248  1.00 39.17  ? 109 DA  B "O4'" 1 
ATOM   603  C "C3'" . DA  B 2 9  ? 2.334   -3.810  7.985   1.00 18.97  ? 109 DA  B "C3'" 1 
ATOM   604  O "O3'" . DA  B 2 9  ? 2.843   -5.122  7.586   1.00 50.70  ? 109 DA  B "O3'" 1 
ATOM   605  C "C2'" . DA  B 2 9  ? 1.088   -3.765  8.870   1.00 22.00  ? 109 DA  B "C2'" 1 
ATOM   606  C "C1'" . DA  B 2 9  ? 1.584   -3.581  10.308  1.00 82.62  ? 109 DA  B "C1'" 1 
ATOM   607  N N9    . DA  B 2 9  ? 0.993   -2.436  11.021  1.00 32.06  ? 109 DA  B N9    1 
ATOM   608  C C8    . DA  B 2 9  ? 0.476   -1.256  10.565  1.00 32.06  ? 109 DA  B C8    1 
ATOM   609  N N7    . DA  B 2 9  ? 0.028   -0.461  11.499  1.00 48.59  ? 109 DA  B N7    1 
ATOM   610  C C5    . DA  B 2 9  ? 0.198   -1.188  12.660  1.00 8.77   ? 109 DA  B C5    1 
ATOM   611  C C6    . DA  B 2 9  ? -0.077  -0.883  13.997  1.00 89.55  ? 109 DA  B C6    1 
ATOM   612  N N6    . DA  B 2 9  ? -0.674  0.262   14.376  1.00 34.50  ? 109 DA  B N6    1 
ATOM   613  N N1    . DA  B 2 9  ? 0.259   -1.802  14.925  1.00 36.78  ? 109 DA  B N1    1 
ATOM   614  C C2    . DA  B 2 9  ? 0.861   -2.929  14.536  1.00 37.25  ? 109 DA  B C2    1 
ATOM   615  N N3    . DA  B 2 9  ? 1.186   -3.313  13.297  1.00 35.97  ? 109 DA  B N3    1 
ATOM   616  C C4    . DA  B 2 9  ? 0.820   -2.391  12.392  1.00 59.51  ? 109 DA  B C4    1 
ATOM   617  P P     . DG  B 2 10 ? 1.798   -6.228  7.227   1.00 43.44  ? 110 DG  B P     1 
ATOM   618  O OP1   . DG  B 2 10 ? 2.395   -7.470  6.687   1.00 42.05  ? 110 DG  B OP1   1 
ATOM   619  O OP2   . DG  B 2 10 ? 0.844   -5.442  6.424   1.00 28.11  ? 110 DG  B OP2   1 
ATOM   620  O "O5'" . DG  B 2 10 ? 1.247   -6.541  8.707   1.00 26.90  ? 110 DG  B "O5'" 1 
ATOM   621  C "C5'" . DG  B 2 10 ? 1.697   -7.633  9.458   1.00 36.04  ? 110 DG  B "C5'" 1 
ATOM   622  C "C4'" . DG  B 2 10 ? 0.685   -8.030  10.532  1.00 23.64  ? 110 DG  B "C4'" 1 
ATOM   623  O "O4'" . DG  B 2 10 ? 0.136   -6.865  11.179  1.00 29.68  ? 110 DG  B "O4'" 1 
ATOM   624  C "C3'" . DG  B 2 10 ? -0.529  -8.808  10.019  1.00 36.83  ? 110 DG  B "C3'" 1 
ATOM   625  O "O3'" . DG  B 2 10 ? -0.496  -10.141 10.482  1.00 21.52  ? 110 DG  B "O3'" 1 
ATOM   626  C "C2'" . DG  B 2 10 ? -1.770  -8.053  10.527  1.00 34.13  ? 110 DG  B "C2'" 1 
ATOM   627  C "C1'" . DG  B 2 10 ? -1.207  -7.123  11.590  1.00 53.48  ? 110 DG  B "C1'" 1 
ATOM   628  N N9    . DG  B 2 10 ? -1.815  -5.802  11.681  1.00 19.55  ? 110 DG  B N9    1 
ATOM   629  C C8    . DG  B 2 10 ? -1.843  -4.792  10.745  1.00 49.39  ? 110 DG  B C8    1 
ATOM   630  N N7    . DG  B 2 10 ? -2.308  -3.653  11.201  1.00 38.04  ? 110 DG  B N7    1 
ATOM   631  C C5    . DG  B 2 10 ? -2.461  -3.905  12.557  1.00 12.79  ? 110 DG  B C5    1 
ATOM   632  C C6    . DG  B 2 10 ? -2.929  -3.048  13.535  1.00 25.27  ? 110 DG  B C6    1 
ATOM   633  O O6    . DG  B 2 10 ? -3.242  -1.873  13.382  1.00 27.60  ? 110 DG  B O6    1 
ATOM   634  N N1    . DG  B 2 10 ? -2.970  -3.659  14.782  1.00 13.86  ? 110 DG  B N1    1 
ATOM   635  C C2    . DG  B 2 10 ? -2.620  -4.969  15.015  1.00 37.31  ? 110 DG  B C2    1 
ATOM   636  N N2    . DG  B 2 10 ? -2.749  -5.361  16.282  1.00 25.09  ? 110 DG  B N2    1 
ATOM   637  N N3    . DG  B 2 10 ? -2.163  -5.809  14.087  1.00 20.51  ? 110 DG  B N3    1 
ATOM   638  C C4    . DG  B 2 10 ? -2.139  -5.208  12.879  1.00 27.74  ? 110 DG  B C4    1 
ATOM   639  P P     . DG  B 2 11 ? -1.530  -11.276 10.052  1.00 57.34  ? 111 DG  B P     1 
ATOM   640  O OP1   . DG  B 2 11 ? -1.157  -12.571 10.678  1.00 40.16  ? 111 DG  B OP1   1 
ATOM   641  O OP2   . DG  B 2 11 ? -1.812  -11.160 8.584   1.00 29.03  ? 111 DG  B OP2   1 
ATOM   642  O "O5'" . DG  B 2 11 ? -2.771  -10.794 10.890  1.00 56.00  ? 111 DG  B "O5'" 1 
ATOM   643  C "C5'" . DG  B 2 11 ? -2.677  -10.919 12.268  1.00 13.65  ? 111 DG  B "C5'" 1 
ATOM   644  C "C4'" . DG  B 2 11 ? -3.951  -10.387 12.849  1.00 60.79  ? 111 DG  B "C4'" 1 
ATOM   645  O "O4'" . DG  B 2 11 ? -4.019  -8.934  12.726  1.00 41.97  ? 111 DG  B "O4'" 1 
ATOM   646  C "C3'" . DG  B 2 11 ? -5.148  -10.898 12.075  1.00 26.66  ? 111 DG  B "C3'" 1 
ATOM   647  O "O3'" . DG  B 2 11 ? -6.163  -11.168 12.996  1.00 61.02  ? 111 DG  B "O3'" 1 
ATOM   648  C "C2'" . DG  B 2 11 ? -5.503  -9.703  11.188  1.00 31.64  ? 111 DG  B "C2'" 1 
ATOM   649  C "C1'" . DG  B 2 11 ? -5.286  -8.613  12.211  1.00 8.43   ? 111 DG  B "C1'" 1 
ATOM   650  N N9    . DG  B 2 11 ? -5.288  -7.313  11.596  1.00 36.12  ? 111 DG  B N9    1 
ATOM   651  C C8    . DG  B 2 11 ? -5.056  -7.012  10.281  1.00 15.68  ? 111 DG  B C8    1 
ATOM   652  N N7    . DG  B 2 11 ? -5.206  -5.731  10.013  1.00 38.01  ? 111 DG  B N7    1 
ATOM   653  C C5    . DG  B 2 11 ? -5.547  -5.168  11.246  1.00 12.21  ? 111 DG  B C5    1 
ATOM   654  C C6    . DG  B 2 11 ? -5.819  -3.817  11.601  1.00 32.91  ? 111 DG  B C6    1 
ATOM   655  O O6    . DG  B 2 11 ? -5.804  -2.814  10.886  1.00 42.21  ? 111 DG  B O6    1 
ATOM   656  N N1    . DG  B 2 11 ? -6.095  -3.668  12.955  1.00 13.14  ? 111 DG  B N1    1 
ATOM   657  C C2    . DG  B 2 11 ? -6.111  -4.706  13.846  1.00 40.32  ? 111 DG  B C2    1 
ATOM   658  N N2    . DG  B 2 11 ? -6.412  -4.339  15.083  1.00 25.56  ? 111 DG  B N2    1 
ATOM   659  N N3    . DG  B 2 11 ? -5.875  -5.989  13.542  1.00 25.74  ? 111 DG  B N3    1 
ATOM   660  C C4    . DG  B 2 11 ? -5.619  -6.142  12.225  1.00 14.27  ? 111 DG  B C4    1 
ATOM   661  P P     . DA  B 2 12 ? -6.525  -12.690 13.253  1.00 55.01  ? 112 DA  B P     1 
ATOM   662  O OP1   . DA  B 2 12 ? -5.383  -13.346 13.933  1.00 100.00 ? 112 DA  B OP1   1 
ATOM   663  O OP2   . DA  B 2 12 ? -6.992  -13.258 11.963  1.00 94.99  ? 112 DA  B OP2   1 
ATOM   664  O "O5'" . DA  B 2 12 ? -7.715  -12.526 14.315  1.00 54.90  ? 112 DA  B "O5'" 1 
ATOM   665  C "C5'" . DA  B 2 12 ? -7.340  -12.249 15.664  1.00 100.00 ? 112 DA  B "C5'" 1 
ATOM   666  C "C4'" . DA  B 2 12 ? -8.036  -11.009 16.186  1.00 41.81  ? 112 DA  B "C4'" 1 
ATOM   667  O "O4'" . DA  B 2 12 ? -7.791  -9.908  15.326  1.00 69.44  ? 112 DA  B "O4'" 1 
ATOM   668  C "C3'" . DA  B 2 12 ? -9.537  -11.117 16.150  1.00 84.67  ? 112 DA  B "C3'" 1 
ATOM   669  O "O3'" . DA  B 2 12 ? -9.941  -11.729 17.344  1.00 100.00 ? 112 DA  B "O3'" 1 
ATOM   670  C "C2'" . DA  B 2 12 ? -10.039 -9.676  16.052  1.00 100.00 ? 112 DA  B "C2'" 1 
ATOM   671  C "C1'" . DA  B 2 12 ? -8.852  -8.982  15.435  1.00 21.38  ? 112 DA  B "C1'" 1 
ATOM   672  N N9    . DA  B 2 12 ? -8.975  -8.397  14.115  1.00 60.96  ? 112 DA  B N9    1 
ATOM   673  C C8    . DA  B 2 12 ? -8.675  -9.061  12.953  1.00 28.11  ? 112 DA  B C8    1 
ATOM   674  N N7    . DA  B 2 12 ? -8.682  -8.281  11.879  1.00 49.84  ? 112 DA  B N7    1 
ATOM   675  C C5    . DA  B 2 12 ? -8.966  -7.015  12.392  1.00 29.75  ? 112 DA  B C5    1 
ATOM   676  C C6    . DA  B 2 12 ? -9.130  -5.735  11.789  1.00 25.54  ? 112 DA  B C6    1 
ATOM   677  N N6    . DA  B 2 12 ? -9.069  -5.484  10.474  1.00 52.20  ? 112 DA  B N6    1 
ATOM   678  N N1    . DA  B 2 12 ? -9.450  -4.711  12.583  1.00 28.81  ? 112 DA  B N1    1 
ATOM   679  C C2    . DA  B 2 12 ? -9.544  -4.924  13.896  1.00 40.28  ? 112 DA  B C2    1 
ATOM   680  N N3    . DA  B 2 12 ? -9.403  -6.055  14.593  1.00 47.49  ? 112 DA  B N3    1 
ATOM   681  C C4    . DA  B 2 12 ? -9.131  -7.076  13.772  1.00 17.56  ? 112 DA  B C4    1 
ATOM   682  P P     . DC  B 2 13 ? -11.492 -11.886 17.657  1.00 100.00 ? 113 DC  B P     1 
ATOM   683  O OP1   . DC  B 2 13 ? -11.576 -12.854 18.781  1.00 50.04  ? 113 DC  B OP1   1 
ATOM   684  O OP2   . DC  B 2 13 ? -12.175 -12.145 16.351  1.00 98.50  ? 113 DC  B OP2   1 
ATOM   685  O "O5'" . DC  B 2 13 ? -11.864 -10.422 18.226  1.00 50.88  ? 113 DC  B "O5'" 1 
ATOM   686  C "C5'" . DC  B 2 13 ? -13.227 -10.049 18.236  1.00 100.00 ? 113 DC  B "C5'" 1 
ATOM   687  C "C4'" . DC  B 2 13 ? -13.545 -8.877  17.337  1.00 32.52  ? 113 DC  B "C4'" 1 
ATOM   688  O "O4'" . DC  B 2 13 ? -12.736 -8.809  16.165  1.00 77.83  ? 113 DC  B "O4'" 1 
ATOM   689  C "C3'" . DC  B 2 13 ? -14.936 -8.883  16.729  1.00 54.77  ? 113 DC  B "C3'" 1 
ATOM   690  O "O3'" . DC  B 2 13 ? -15.817 -8.244  17.617  1.00 72.08  ? 113 DC  B "O3'" 1 
ATOM   691  C "C2'" . DC  B 2 13 ? -14.807 -8.040  15.468  1.00 56.44  ? 113 DC  B "C2'" 1 
ATOM   692  C "C1'" . DC  B 2 13 ? -13.316 -7.783  15.388  1.00 52.84  ? 113 DC  B "C1'" 1 
ATOM   693  N N1    . DC  B 2 13 ? -12.822 -7.883  14.004  1.00 32.03  ? 113 DC  B N1    1 
ATOM   694  C C2    . DC  B 2 13 ? -12.771 -6.684  13.305  1.00 18.81  ? 113 DC  B C2    1 
ATOM   695  O O2    . DC  B 2 13 ? -13.114 -5.668  13.903  1.00 62.51  ? 113 DC  B O2    1 
ATOM   696  N N3    . DC  B 2 13 ? -12.340 -6.665  12.024  1.00 21.74  ? 113 DC  B N3    1 
ATOM   697  C C4    . DC  B 2 13 ? -12.006 -7.816  11.442  1.00 9.48   ? 113 DC  B C4    1 
ATOM   698  N N4    . DC  B 2 13 ? -11.579 -7.791  10.173  1.00 38.25  ? 113 DC  B N4    1 
ATOM   699  C C5    . DC  B 2 13 ? -12.067 -9.056  12.144  1.00 14.57  ? 113 DC  B C5    1 
ATOM   700  C C6    . DC  B 2 13 ? -12.520 -9.055  13.396  1.00 19.06  ? 113 DC  B C6    1 
ATOM   701  P P     . DC  B 2 14 ? -17.336 -8.673  17.476  1.00 89.57  ? 114 DC  B P     1 
ATOM   702  O OP1   . DC  B 2 14 ? -17.914 -8.709  18.839  1.00 100.00 ? 114 DC  B OP1   1 
ATOM   703  O OP2   . DC  B 2 14 ? -17.376 -9.878  16.601  1.00 70.01  ? 114 DC  B OP2   1 
ATOM   704  O "O5'" . DC  B 2 14 ? -17.968 -7.428  16.695  1.00 70.45  ? 114 DC  B "O5'" 1 
ATOM   705  C "C5'" . DC  B 2 14 ? -18.339 -7.552  15.325  1.00 46.02  ? 114 DC  B "C5'" 1 
ATOM   706  C "C4'" . DC  B 2 14 ? -18.483 -6.200  14.673  1.00 18.11  ? 114 DC  B "C4'" 1 
ATOM   707  O "O4'" . DC  B 2 14 ? -17.181 -5.825  14.187  1.00 66.16  ? 114 DC  B "O4'" 1 
ATOM   708  C "C3'" . DC  B 2 14 ? -19.331 -6.225  13.424  1.00 40.23  ? 114 DC  B "C3'" 1 
ATOM   709  O "O3'" . DC  B 2 14 ? -20.668 -6.023  13.760  1.00 68.49  ? 114 DC  B "O3'" 1 
ATOM   710  C "C2'" . DC  B 2 14 ? -18.795 -5.038  12.641  1.00 100.00 ? 114 DC  B "C2'" 1 
ATOM   711  C "C1'" . DC  B 2 14 ? -17.307 -5.175  12.930  1.00 21.03  ? 114 DC  B "C1'" 1 
ATOM   712  N N1    . DC  B 2 14 ? -16.550 -5.978  11.978  1.00 34.52  ? 114 DC  B N1    1 
ATOM   713  C C2    . DC  B 2 14 ? -16.363 -5.231  10.831  1.00 14.96  ? 114 DC  B C2    1 
ATOM   714  O O2    . DC  B 2 14 ? -16.847 -4.107  10.786  1.00 44.43  ? 114 DC  B O2    1 
ATOM   715  N N3    . DC  B 2 14 ? -15.647 -5.747  9.819   1.00 30.45  ? 114 DC  B N3    1 
ATOM   716  C C4    . DC  B 2 14 ? -15.153 -6.973  9.934   1.00 48.74  ? 114 DC  B C4    1 
ATOM   717  N N4    . DC  B 2 14 ? -14.484 -7.461  8.900   1.00 30.08  ? 114 DC  B N4    1 
ATOM   718  C C5    . DC  B 2 14 ? -15.334 -7.759  11.104  1.00 28.41  ? 114 DC  B C5    1 
ATOM   719  C C6    . DC  B 2 14 ? -16.038 -7.220  12.111  1.00 29.26  ? 114 DC  B C6    1 
ATOM   720  P P     . DC  B 2 15 ? -21.817 -6.831  13.011  1.00 36.70  ? 115 DC  B P     1 
ATOM   721  O OP1   . DC  B 2 15 ? -22.937 -6.808  13.973  1.00 59.93  ? 115 DC  B OP1   1 
ATOM   722  O OP2   . DC  B 2 15 ? -21.268 -8.114  12.496  1.00 48.56  ? 115 DC  B OP2   1 
ATOM   723  O "O5'" . DC  B 2 15 ? -22.045 -5.826  11.787  1.00 36.81  ? 115 DC  B "O5'" 1 
ATOM   724  C "C5'" . DC  B 2 15 ? -22.090 -4.432  12.053  1.00 13.64  ? 115 DC  B "C5'" 1 
ATOM   725  C "C4'" . DC  B 2 15 ? -22.123 -3.748  10.735  1.00 26.92  ? 115 DC  B "C4'" 1 
ATOM   726  O "O4'" . DC  B 2 15 ? -20.779 -3.712  10.178  1.00 44.58  ? 115 DC  B "O4'" 1 
ATOM   727  C "C3'" . DC  B 2 15 ? -22.871 -4.447  9.626   1.00 30.93  ? 115 DC  B "C3'" 1 
ATOM   728  O "O3'" . DC  B 2 15 ? -24.270 -4.268  9.717   1.00 100.00 ? 115 DC  B "O3'" 1 
ATOM   729  C "C2'" . DC  B 2 15 ? -22.299 -3.909  8.325   1.00 28.78  ? 115 DC  B "C2'" 1 
ATOM   730  C "C1'" . DC  B 2 15 ? -20.840 -3.783  8.750   1.00 18.65  ? 115 DC  B "C1'" 1 
ATOM   731  N N1    . DC  B 2 15 ? -20.000 -4.891  8.346   1.00 20.02  ? 115 DC  B N1    1 
ATOM   732  C C2    . DC  B 2 15 ? -19.466 -4.895  7.065   1.00 31.50  ? 115 DC  B C2    1 
ATOM   733  O O2    . DC  B 2 15 ? -19.786 -4.004  6.287   1.00 41.82  ? 115 DC  B O2    1 
ATOM   734  N N3    . DC  B 2 15 ? -18.602 -5.850  6.693   1.00 37.84  ? 115 DC  B N3    1 
ATOM   735  C C4    . DC  B 2 15 ? -18.249 -6.763  7.585   1.00 33.76  ? 115 DC  B C4    1 
ATOM   736  N N4    . DC  B 2 15 ? -17.390 -7.720  7.202   1.00 31.20  ? 115 DC  B N4    1 
ATOM   737  C C5    . DC  B 2 15 ? -18.774 -6.770  8.908   1.00 24.60  ? 115 DC  B C5    1 
ATOM   738  C C6    . DC  B 2 15 ? -19.625 -5.808  9.260   1.00 34.75  ? 115 DC  B C6    1 
ATOM   739  P P     . DC  B 2 16 ? -25.297 -5.361  9.149   1.00 46.92  ? 116 DC  B P     1 
ATOM   740  O OP1   . DC  B 2 16 ? -26.633 -4.818  9.479   1.00 100.00 ? 116 DC  B OP1   1 
ATOM   741  O OP2   . DC  B 2 16 ? -24.915 -6.727  9.612   1.00 63.33  ? 116 DC  B OP2   1 
ATOM   742  O "O5'" . DC  B 2 16 ? -25.082 -5.346  7.557   1.00 45.63  ? 116 DC  B "O5'" 1 
ATOM   743  C "C5'" . DC  B 2 16 ? -25.312 -4.162  6.817   1.00 45.00  ? 116 DC  B "C5'" 1 
ATOM   744  C "C4'" . DC  B 2 16 ? -24.915 -4.367  5.377   1.00 47.10  ? 116 DC  B "C4'" 1 
ATOM   745  O "O4'" . DC  B 2 16 ? -23.492 -4.563  5.365   1.00 28.48  ? 116 DC  B "O4'" 1 
ATOM   746  C "C3'" . DC  B 2 16 ? -25.427 -5.625  4.673   1.00 55.42  ? 116 DC  B "C3'" 1 
ATOM   747  O "O3'" . DC  B 2 16 ? -26.752 -5.421  4.183   1.00 40.43  ? 116 DC  B "O3'" 1 
ATOM   748  C "C2'" . DC  B 2 16 ? -24.429 -5.733  3.511   1.00 30.08  ? 116 DC  B "C2'" 1 
ATOM   749  C "C1'" . DC  B 2 16 ? -23.142 -5.141  4.110   1.00 48.24  ? 116 DC  B "C1'" 1 
ATOM   750  N N1    . DC  B 2 16 ? -22.188 -6.201  4.405   1.00 23.16  ? 116 DC  B N1    1 
ATOM   751  C C2    . DC  B 2 16 ? -21.442 -6.762  3.361   1.00 46.79  ? 116 DC  B C2    1 
ATOM   752  O O2    . DC  B 2 16 ? -21.539 -6.274  2.227   1.00 28.14  ? 116 DC  B O2    1 
ATOM   753  N N3    . DC  B 2 16 ? -20.607 -7.787  3.633   1.00 31.47  ? 116 DC  B N3    1 
ATOM   754  C C4    . DC  B 2 16 ? -20.510 -8.238  4.885   1.00 54.01  ? 116 DC  B C4    1 
ATOM   755  N N4    . DC  B 2 16 ? -19.643 -9.239  5.078   1.00 25.88  ? 116 DC  B N4    1 
ATOM   756  C C5    . DC  B 2 16 ? -21.280 -7.684  5.968   1.00 13.07  ? 116 DC  B C5    1 
ATOM   757  C C6    . DC  B 2 16 ? -22.128 -6.696  5.682   1.00 47.17  ? 116 DC  B C6    1 
ATOM   758  P P     . DC  B 2 17 ? -27.535 -6.594  3.406   1.00 42.81  ? 117 DC  B P     1 
ATOM   759  O OP1   . DC  B 2 17 ? -28.979 -6.287  3.419   1.00 100.00 ? 117 DC  B OP1   1 
ATOM   760  O OP2   . DC  B 2 17 ? -27.101 -7.905  3.916   1.00 33.99  ? 117 DC  B OP2   1 
ATOM   761  O "O5'" . DC  B 2 17 ? -27.037 -6.432  1.897   1.00 23.75  ? 117 DC  B "O5'" 1 
ATOM   762  C "C5'" . DC  B 2 17 ? -26.890 -7.686  1.351   1.00 43.51  ? 117 DC  B "C5'" 1 
ATOM   763  C "C4'" . DC  B 2 17 ? -26.069 -7.641  0.106   1.00 29.29  ? 117 DC  B "C4'" 1 
ATOM   764  O "O4'" . DC  B 2 17 ? -24.690 -7.516  0.490   1.00 43.82  ? 117 DC  B "O4'" 1 
ATOM   765  C "C3'" . DC  B 2 17 ? -26.160 -8.968  -0.617  1.00 44.02  ? 117 DC  B "C3'" 1 
ATOM   766  O "O3'" . DC  B 2 17 ? -27.110 -8.885  -1.622  1.00 77.39  ? 117 DC  B "O3'" 1 
ATOM   767  C "C2'" . DC  B 2 17 ? -24.789 -9.208  -1.185  1.00 76.81  ? 117 DC  B "C2'" 1 
ATOM   768  C "C1'" . DC  B 2 17 ? -23.940 -8.508  -0.165  1.00 39.34  ? 117 DC  B "C1'" 1 
ATOM   769  N N1    . DC  B 2 17 ? -23.327 -9.389  0.804   1.00 35.31  ? 117 DC  B N1    1 
ATOM   770  C C2    . DC  B 2 17 ? -22.380 -10.297 0.345   1.00 51.99  ? 117 DC  B C2    1 
ATOM   771  O O2    . DC  B 2 17 ? -22.163 -10.392 -0.879  1.00 25.35  ? 117 DC  B O2    1 
ATOM   772  N N3    . DC  B 2 17 ? -21.745 -11.066 1.257   1.00 35.08  ? 117 DC  B N3    1 
ATOM   773  C C4    . DC  B 2 17 ? -22.029 -10.925 2.544   1.00 25.74  ? 117 DC  B C4    1 
ATOM   774  N N4    . DC  B 2 17 ? -21.389 -11.716 3.392   1.00 23.17  ? 117 DC  B N4    1 
ATOM   775  C C5    . DC  B 2 17 ? -22.990 -9.998  3.018   1.00 28.25  ? 117 DC  B C5    1 
ATOM   776  C C6    . DC  B 2 17 ? -23.612 -9.250  2.119   1.00 35.32  ? 117 DC  B C6    1 
ATOM   777  P P     . DC  B 2 18 ? -28.089 -10.122 -1.730  1.00 52.00  ? 118 DC  B P     1 
ATOM   778  O OP1   . DC  B 2 18 ? -29.226 -9.690  -2.565  1.00 100.00 ? 118 DC  B OP1   1 
ATOM   779  O OP2   . DC  B 2 18 ? -28.225 -10.650 -0.350  1.00 52.78  ? 118 DC  B OP2   1 
ATOM   780  O "O5'" . DC  B 2 18 ? -27.241 -11.175 -2.553  1.00 53.40  ? 118 DC  B "O5'" 1 
ATOM   781  C "C5'" . DC  B 2 18 ? -26.511 -10.735 -3.679  1.00 61.59  ? 118 DC  B "C5'" 1 
ATOM   782  C "C4'" . DC  B 2 18 ? -25.668 -11.891 -4.136  1.00 34.54  ? 118 DC  B "C4'" 1 
ATOM   783  O "O4'" . DC  B 2 18 ? -24.593 -12.109 -3.172  1.00 53.85  ? 118 DC  B "O4'" 1 
ATOM   784  C "C3'" . DC  B 2 18 ? -26.468 -13.173 -4.119  1.00 100.00 ? 118 DC  B "C3'" 1 
ATOM   785  O "O3'" . DC  B 2 18 ? -25.981 -13.970 -5.128  1.00 33.38  ? 118 DC  B "O3'" 1 
ATOM   786  C "C2'" . DC  B 2 18 ? -26.113 -13.773 -2.769  1.00 38.29  ? 118 DC  B "C2'" 1 
ATOM   787  C "C1'" . DC  B 2 18 ? -24.634 -13.459 -2.777  1.00 40.20  ? 118 DC  B "C1'" 1 
ATOM   788  N N1    . DC  B 2 18 ? -24.055 -13.652 -1.452  1.00 23.18  ? 118 DC  B N1    1 
ATOM   789  C C2    . DC  B 2 18 ? -22.992 -14.513 -1.226  1.00 47.48  ? 118 DC  B C2    1 
ATOM   790  O O2    . DC  B 2 18 ? -22.477 -15.067 -2.195  1.00 36.64  ? 118 DC  B O2    1 
ATOM   791  N N3    . DC  B 2 18 ? -22.551 -14.717 0.040   1.00 35.81  ? 118 DC  B N3    1 
ATOM   792  C C4    . DC  B 2 18 ? -23.141 -14.079 1.043   1.00 40.82  ? 118 DC  B C4    1 
ATOM   793  N N4    . DC  B 2 18 ? -22.662 -14.264 2.283   1.00 38.47  ? 118 DC  B N4    1 
ATOM   794  C C5    . DC  B 2 18 ? -24.240 -13.218 0.819   1.00 24.08  ? 118 DC  B C5    1 
ATOM   795  C C6    . DC  B 2 18 ? -24.689 -13.052 -0.426  1.00 25.32  ? 118 DC  B C6    1 
ATOM   796  P P     . DC  B 2 19 ? -26.706 -15.334 -5.489  1.00 83.30  ? 119 DC  B P     1 
ATOM   797  O OP1   . DC  B 2 19 ? -26.655 -15.381 -6.958  1.00 39.09  ? 119 DC  B OP1   1 
ATOM   798  O OP2   . DC  B 2 19 ? -27.947 -15.500 -4.661  1.00 55.75  ? 119 DC  B OP2   1 
ATOM   799  O "O5'" . DC  B 2 19 ? -25.644 -16.412 -5.054  1.00 66.45  ? 119 DC  B "O5'" 1 
ATOM   800  C "C5'" . DC  B 2 19 ? -24.527 -16.482 -5.907  1.00 39.69  ? 119 DC  B "C5'" 1 
ATOM   801  C "C4'" . DC  B 2 19 ? -23.630 -17.602 -5.442  1.00 25.80  ? 119 DC  B "C4'" 1 
ATOM   802  O "O4'" . DC  B 2 19 ? -23.362 -17.459 -4.029  1.00 63.84  ? 119 DC  B "O4'" 1 
ATOM   803  C "C3'" . DC  B 2 19 ? -24.253 -18.963 -5.616  1.00 30.98  ? 119 DC  B "C3'" 1 
ATOM   804  O "O3'" . DC  B 2 19 ? -23.321 -19.781 -6.325  1.00 49.99  ? 119 DC  B "O3'" 1 
ATOM   805  C "C2'" . DC  B 2 19 ? -24.658 -19.409 -4.193  1.00 25.08  ? 119 DC  B "C2'" 1 
ATOM   806  C "C1'" . DC  B 2 19 ? -23.675 -18.636 -3.323  1.00 28.85  ? 119 DC  B "C1'" 1 
ATOM   807  N N1    . DC  B 2 19 ? -24.146 -18.143 -1.994  1.00 34.23  ? 119 DC  B N1    1 
ATOM   808  C C2    . DC  B 2 19 ? -23.472 -18.801 -0.936  1.00 19.38  ? 119 DC  B C2    1 
ATOM   809  O O2    . DC  B 2 19 ? -22.680 -19.731 -1.164  1.00 31.22  ? 119 DC  B O2    1 
ATOM   810  N N3    . DC  B 2 19 ? -23.726 -18.433 0.341   1.00 21.67  ? 119 DC  B N3    1 
ATOM   811  C C4    . DC  B 2 19 ? -24.576 -17.445 0.581   1.00 72.41  ? 119 DC  B C4    1 
ATOM   812  N N4    . DC  B 2 19 ? -24.760 -17.186 1.879   1.00 29.87  ? 119 DC  B N4    1 
ATOM   813  C C5    . DC  B 2 19 ? -25.292 -16.748 -0.466  1.00 14.69  ? 119 DC  B C5    1 
ATOM   814  C C6    . DC  B 2 19 ? -25.024 -17.112 -1.733  1.00 33.16  ? 119 DC  B C6    1 
ATOM   815  P P     . DT  B 2 20 ? -23.464 -19.855 -7.934  1.00 46.56  ? 120 DT  B P     1 
ATOM   816  O OP1   . DT  B 2 20 ? -22.955 -18.614 -8.548  1.00 44.10  ? 120 DT  B OP1   1 
ATOM   817  O OP2   . DT  B 2 20 ? -24.848 -20.298 -8.237  1.00 100.00 ? 120 DT  B OP2   1 
ATOM   818  O "O5'" . DT  B 2 20 ? -22.458 -21.013 -8.354  1.00 37.97  ? 120 DT  B "O5'" 1 
ATOM   819  C "C5'" . DT  B 2 20 ? -22.707 -22.383 -7.990  1.00 43.93  ? 120 DT  B "C5'" 1 
ATOM   820  C "C4'" . DT  B 2 20 ? -22.366 -22.612 -6.530  1.00 55.47  ? 120 DT  B "C4'" 1 
ATOM   821  O "O4'" . DT  B 2 20 ? -22.831 -23.910 -6.136  1.00 56.35  ? 120 DT  B "O4'" 1 
ATOM   822  C "C3'" . DT  B 2 20 ? -20.884 -22.592 -6.148  1.00 54.48  ? 120 DT  B "C3'" 1 
ATOM   823  O "O3'" . DT  B 2 20 ? -20.776 -21.891 -4.915  1.00 100.00 ? 120 DT  B "O3'" 1 
ATOM   824  C "C2'" . DT  B 2 20 ? -20.569 -24.074 -5.942  1.00 82.25  ? 120 DT  B "C2'" 1 
ATOM   825  C "C1'" . DT  B 2 20 ? -21.867 -24.480 -5.284  1.00 41.07  ? 120 DT  B "C1'" 1 
ATOM   826  N N1    . DT  B 2 20 ? -22.149 -25.962 -5.180  1.00 50.89  ? 120 DT  B N1    1 
ATOM   827  C C2    . DT  B 2 20 ? -22.152 -26.611 -3.961  1.00 18.09  ? 120 DT  B C2    1 
ATOM   828  O O2    . DT  B 2 20 ? -21.844 -26.066 -2.913  1.00 100.00 ? 120 DT  B O2    1 
ATOM   829  N N3    . DT  B 2 20 ? -22.462 -27.946 -4.010  1.00 69.36  ? 120 DT  B N3    1 
ATOM   830  C C4    . DT  B 2 20 ? -22.826 -28.662 -5.119  1.00 38.30  ? 120 DT  B C4    1 
ATOM   831  O O4    . DT  B 2 20 ? -23.077 -29.852 -4.987  1.00 94.77  ? 120 DT  B O4    1 
ATOM   832  C C5    . DT  B 2 20 ? -22.850 -27.918 -6.367  1.00 30.42  ? 120 DT  B C5    1 
ATOM   833  C C7    . DT  B 2 20 ? -23.227 -28.601 -7.656  1.00 60.00  ? 120 DT  B C7    1 
ATOM   834  C C6    . DT  B 2 20 ? -22.528 -26.617 -6.335  1.00 100.00 ? 120 DT  B C6    1 
ATOM   835  N N     . PRO C 3 1  ? 6.904   -2.116  13.537  1.00 33.67  ? 202 PRO C N     1 
ATOM   836  C CA    . PRO C 3 1  ? 5.532   -2.498  13.723  1.00 33.61  ? 202 PRO C CA    1 
ATOM   837  C C     . PRO C 3 1  ? 5.308   -3.997  13.631  1.00 43.86  ? 202 PRO C C     1 
ATOM   838  O O     . PRO C 3 1  ? 6.246   -4.737  13.848  1.00 49.17  ? 202 PRO C O     1 
ATOM   839  C CB    . PRO C 3 1  ? 4.695   -1.622  12.789  1.00 38.75  ? 202 PRO C CB    1 
ATOM   840  C CG    . PRO C 3 1  ? 5.541   -0.381  12.538  1.00 39.21  ? 202 PRO C CG    1 
ATOM   841  C CD    . PRO C 3 1  ? 6.966   -0.771  12.889  1.00 33.77  ? 202 PRO C CD    1 
ATOM   842  N N     . ARG C 3 2  ? 4.094   -4.470  13.370  1.00 37.03  ? 203 ARG C N     1 
ATOM   843  C CA    . ARG C 3 2  ? 3.904   -5.902  13.349  1.00 31.47  ? 203 ARG C CA    1 
ATOM   844  C C     . ARG C 3 2  ? 4.523   -6.563  12.158  1.00 36.20  ? 203 ARG C C     1 
ATOM   845  O O     . ARG C 3 2  ? 4.776   -7.780  12.136  1.00 34.07  ? 203 ARG C O     1 
ATOM   846  C CB    . ARG C 3 2  ? 2.454   -6.281  13.550  1.00 43.82  ? 203 ARG C CB    1 
ATOM   847  C CG    . ARG C 3 2  ? 1.913   -5.781  14.886  1.00 44.87  ? 203 ARG C CG    1 
ATOM   848  C CD    . ARG C 3 2  ? 2.305   -6.679  16.060  1.00 67.63  ? 203 ARG C CD    1 
ATOM   849  N NE    . ARG C 3 2  ? 1.456   -6.438  17.219  1.00 45.10  ? 203 ARG C NE    1 
ATOM   850  C CZ    . ARG C 3 2  ? 0.516   -7.274  17.615  1.00 75.34  ? 203 ARG C CZ    1 
ATOM   851  N NH1   . ARG C 3 2  ? 0.299   -8.431  16.969  1.00 54.89  ? 203 ARG C NH1   1 
ATOM   852  N NH2   . ARG C 3 2  ? -0.221  -6.929  18.675  1.00 66.66  ? 203 ARG C NH2   1 
ATOM   853  N N     . GLY C 3 3  ? 4.798   -5.722  11.172  1.00 35.72  ? 204 GLY C N     1 
ATOM   854  C CA    . GLY C 3 3  ? 5.425   -6.188  9.956   1.00 28.81  ? 204 GLY C CA    1 
ATOM   855  C C     . GLY C 3 3  ? 6.340   -5.121  9.372   1.00 28.48  ? 204 GLY C C     1 
ATOM   856  O O     . GLY C 3 3  ? 6.385   -3.980  9.824   1.00 33.61  ? 204 GLY C O     1 
ATOM   857  N N     . SER C 3 4  ? 7.043   -5.490  8.319   1.00 20.64  ? 205 SER C N     1 
ATOM   858  C CA    . SER C 3 4  ? 7.947   -4.581  7.668   1.00 22.87  ? 205 SER C CA    1 
ATOM   859  C C     . SER C 3 4  ? 7.259   -3.458  6.956   1.00 49.48  ? 205 SER C C     1 
ATOM   860  O O     . SER C 3 4  ? 6.106   -3.566  6.507   1.00 61.47  ? 205 SER C O     1 
ATOM   861  C CB    . SER C 3 4  ? 8.826   -5.270  6.665   1.00 23.31  ? 205 SER C CB    1 
ATOM   862  O OG    . SER C 3 4  ? 8.200   -6.432  6.179   1.00 46.54  ? 205 SER C OG    1 
ATOM   863  N N     . ALA C 3 5  ? 8.006   -2.375  6.847   1.00 39.93  ? 206 ALA C N     1 
ATOM   864  C CA    . ALA C 3 5  ? 7.503   -1.221  6.147   1.00 40.29  ? 206 ALA C CA    1 
ATOM   865  C C     . ALA C 3 5  ? 7.462   -1.501  4.639   1.00 43.74  ? 206 ALA C C     1 
ATOM   866  O O     . ALA C 3 5  ? 8.141   -2.391  4.136   1.00 44.59  ? 206 ALA C O     1 
ATOM   867  C CB    . ALA C 3 5  ? 8.314   -0.003  6.542   1.00 41.90  ? 206 ALA C CB    1 
ATOM   868  N N     . LEU C 3 6  ? 6.654   -0.759  3.898   1.00 42.85  ? 207 LEU C N     1 
ATOM   869  C CA    . LEU C 3 6  ? 6.509   -0.998  2.466   1.00 39.08  ? 207 LEU C CA    1 
ATOM   870  C C     . LEU C 3 6  ? 7.674   -0.585  1.636   1.00 39.43  ? 207 LEU C C     1 
ATOM   871  O O     . LEU C 3 6  ? 8.074   0.580   1.649   1.00 40.63  ? 207 LEU C O     1 
ATOM   872  C CB    . LEU C 3 6  ? 5.243   -0.355  1.828   1.00 37.72  ? 207 LEU C CB    1 
ATOM   873  C CG    . LEU C 3 6  ? 3.944   -0.731  2.516   1.00 37.12  ? 207 LEU C CG    1 
ATOM   874  C CD1   . LEU C 3 6  ? 2.916   0.361   2.260   1.00 38.39  ? 207 LEU C CD1   1 
ATOM   875  C CD2   . LEU C 3 6  ? 3.515   -2.092  2.005   1.00 26.13  ? 207 LEU C CD2   1 
ATOM   876  N N     . SER C 3 7  ? 8.120   -1.545  0.845   1.00 30.82  ? 208 SER C N     1 
ATOM   877  C CA    . SER C 3 7  ? 9.197   -1.342  -0.062  1.00 21.60  ? 208 SER C CA    1 
ATOM   878  C C     . SER C 3 7  ? 8.789   -0.467  -1.212  1.00 42.35  ? 208 SER C C     1 
ATOM   879  O O     . SER C 3 7  ? 7.636   -0.376  -1.607  1.00 56.70  ? 208 SER C O     1 
ATOM   880  C CB    . SER C 3 7  ? 9.764   -2.654  -0.541  1.00 26.10  ? 208 SER C CB    1 
ATOM   881  O OG    . SER C 3 7  ? 8.787   -3.510  -1.084  1.00 45.00  ? 208 SER C OG    1 
ATOM   882  N N     . ASP C 3 8  ? 9.763   0.187   -1.773  1.00 48.70  ? 209 ASP C N     1 
ATOM   883  C CA    . ASP C 3 8  ? 9.501   1.055   -2.883  1.00 48.42  ? 209 ASP C CA    1 
ATOM   884  C C     . ASP C 3 8  ? 8.750   0.342   -3.979  1.00 39.78  ? 209 ASP C C     1 
ATOM   885  O O     . ASP C 3 8  ? 7.916   0.960   -4.624  1.00 36.59  ? 209 ASP C O     1 
ATOM   886  C CB    . ASP C 3 8  ? 10.727  1.862   -3.355  1.00 57.18  ? 209 ASP C CB    1 
ATOM   887  C CG    . ASP C 3 8  ? 12.018  1.094   -3.435  1.00 100.00 ? 209 ASP C CG    1 
ATOM   888  O OD1   . ASP C 3 8  ? 11.863  -0.222  -3.400  1.00 100.00 ? 209 ASP C OD1   1 
ATOM   889  O OD2   . ASP C 3 8  ? 13.091  1.673   -3.559  1.00 100.00 ? 209 ASP C OD2   1 
ATOM   890  N N     . THR C 3 9  ? 9.032   -0.952  -4.175  1.00 34.48  ? 210 THR C N     1 
ATOM   891  C CA    . THR C 3 9  ? 8.301   -1.718  -5.184  1.00 41.56  ? 210 THR C CA    1 
ATOM   892  C C     . THR C 3 9  ? 6.802   -1.892  -4.821  1.00 52.49  ? 210 THR C C     1 
ATOM   893  O O     . THR C 3 9  ? 5.884   -1.636  -5.618  1.00 50.57  ? 210 THR C O     1 
ATOM   894  C CB    . THR C 3 9  ? 8.887   -3.125  -5.375  1.00 43.84  ? 210 THR C CB    1 
ATOM   895  O OG1   . THR C 3 9  ? 9.017   -3.788  -4.124  1.00 50.41  ? 210 THR C OG1   1 
ATOM   896  C CG2   . THR C 3 9  ? 10.196  -3.013  -6.123  1.00 37.48  ? 210 THR C CG2   1 
ATOM   897  N N     . GLU C 3 10 ? 6.571   -2.387  -3.606  1.00 36.16  ? 211 GLU C N     1 
ATOM   898  C CA    . GLU C 3 10 ? 5.251   -2.586  -3.093  1.00 29.37  ? 211 GLU C CA    1 
ATOM   899  C C     . GLU C 3 10 ? 4.548   -1.249  -3.223  1.00 32.40  ? 211 GLU C C     1 
ATOM   900  O O     . GLU C 3 10 ? 3.518   -1.080  -3.862  1.00 34.41  ? 211 GLU C O     1 
ATOM   901  C CB    . GLU C 3 10 ? 5.303   -3.018  -1.607  1.00 26.13  ? 211 GLU C CB    1 
ATOM   902  C CG    . GLU C 3 10 ? 5.855   -4.448  -1.414  1.00 27.12  ? 211 GLU C CG    1 
ATOM   903  C CD    . GLU C 3 10 ? 5.937   -4.869  0.040   1.00 38.10  ? 211 GLU C CD    1 
ATOM   904  O OE1   . GLU C 3 10 ? 6.041   -3.847  0.847   1.00 39.84  ? 211 GLU C OE1   1 
ATOM   905  O OE2   . GLU C 3 10 ? 5.925   -6.024  0.427   1.00 32.94  ? 211 GLU C OE2   1 
ATOM   906  N N     . ARG C 3 11 ? 5.123   -0.231  -2.661  1.00 25.74  ? 212 ARG C N     1 
ATOM   907  C CA    . ARG C 3 11 ? 4.398   0.991   -2.832  1.00 28.88  ? 212 ARG C CA    1 
ATOM   908  C C     . ARG C 3 11 ? 4.218   1.387   -4.271  1.00 24.60  ? 212 ARG C C     1 
ATOM   909  O O     . ARG C 3 11 ? 3.353   2.168   -4.602  1.00 32.21  ? 212 ARG C O     1 
ATOM   910  C CB    . ARG C 3 11 ? 4.938   2.163   -2.034  1.00 39.73  ? 212 ARG C CB    1 
ATOM   911  C CG    . ARG C 3 11 ? 5.108   1.887   -0.547  1.00 44.36  ? 212 ARG C CG    1 
ATOM   912  C CD    . ARG C 3 11 ? 5.933   2.975   0.150   1.00 47.74  ? 212 ARG C CD    1 
ATOM   913  N NE    . ARG C 3 11 ? 7.379   2.808   -0.045  1.00 60.85  ? 212 ARG C NE    1 
ATOM   914  C CZ    . ARG C 3 11 ? 8.114   3.646   -0.767  1.00 100.00 ? 212 ARG C CZ    1 
ATOM   915  N NH1   . ARG C 3 11 ? 7.562   4.719   -1.344  1.00 100.00 ? 212 ARG C NH1   1 
ATOM   916  N NH2   . ARG C 3 11 ? 9.429   3.414   -0.900  1.00 94.44  ? 212 ARG C NH2   1 
ATOM   917  N N     . ALA C 3 12 ? 5.054   0.869   -5.117  1.00 25.05  ? 213 ALA C N     1 
ATOM   918  C CA    . ALA C 3 12 ? 4.984   1.222   -6.528  1.00 32.25  ? 213 ALA C CA    1 
ATOM   919  C C     . ALA C 3 12 ? 3.821   0.495   -7.182  1.00 37.08  ? 213 ALA C C     1 
ATOM   920  O O     . ALA C 3 12 ? 3.141   0.999   -8.056  1.00 35.13  ? 213 ALA C O     1 
ATOM   921  C CB    . ALA C 3 12 ? 6.287   0.834   -7.222  1.00 35.62  ? 213 ALA C CB    1 
ATOM   922  N N     . GLN C 3 13 ? 3.622   -0.727  -6.748  1.00 22.12  ? 214 GLN C N     1 
ATOM   923  C CA    . GLN C 3 13 ? 2.532   -1.490  -7.243  1.00 20.19  ? 214 GLN C CA    1 
ATOM   924  C C     . GLN C 3 13 ? 1.240   -0.785  -6.804  1.00 37.33  ? 214 GLN C C     1 
ATOM   925  O O     . GLN C 3 13 ? 0.344   -0.398  -7.568  1.00 45.50  ? 214 GLN C O     1 
ATOM   926  C CB    . GLN C 3 13 ? 2.693   -2.872  -6.628  1.00 18.25  ? 214 GLN C CB    1 
ATOM   927  C CG    . GLN C 3 13 ? 3.909   -3.563  -7.236  1.00 10.82  ? 214 GLN C CG    1 
ATOM   928  C CD    . GLN C 3 13 ? 4.089   -4.936  -6.656  1.00 24.75  ? 214 GLN C CD    1 
ATOM   929  O OE1   . GLN C 3 13 ? 3.789   -5.157  -5.479  1.00 32.66  ? 214 GLN C OE1   1 
ATOM   930  N NE2   . GLN C 3 13 ? 4.624   -5.852  -7.470  1.00 19.54  ? 214 GLN C NE2   1 
ATOM   931  N N     . LEU C 3 14 ? 1.161   -0.577  -5.523  1.00 28.38  ? 215 LEU C N     1 
ATOM   932  C CA    . LEU C 3 14 ? 0.043   0.098   -4.966  1.00 25.55  ? 215 LEU C CA    1 
ATOM   933  C C     . LEU C 3 14 ? -0.292  1.342   -5.725  1.00 32.33  ? 215 LEU C C     1 
ATOM   934  O O     . LEU C 3 14 ? -1.434  1.748   -5.786  1.00 37.03  ? 215 LEU C O     1 
ATOM   935  C CB    . LEU C 3 14 ? 0.402   0.590   -3.564  1.00 25.70  ? 215 LEU C CB    1 
ATOM   936  C CG    . LEU C 3 14 ? 0.559   -0.550  -2.594  1.00 30.03  ? 215 LEU C CG    1 
ATOM   937  C CD1   . LEU C 3 14 ? 0.662   0.045   -1.210  1.00 29.31  ? 215 LEU C CD1   1 
ATOM   938  C CD2   . LEU C 3 14 ? -0.677  -1.443  -2.649  1.00 31.49  ? 215 LEU C CD2   1 
ATOM   939  N N     . ASP C 3 15 ? 0.685   2.030   -6.239  1.00 31.53  ? 216 ASP C N     1 
ATOM   940  C CA    . ASP C 3 15 ? 0.304   3.267   -6.876  1.00 32.40  ? 216 ASP C CA    1 
ATOM   941  C C     . ASP C 3 15 ? -0.368  3.021   -8.180  1.00 33.25  ? 216 ASP C C     1 
ATOM   942  O O     . ASP C 3 15 ? -1.248  3.768   -8.573  1.00 37.47  ? 216 ASP C O     1 
ATOM   943  C CB    . ASP C 3 15 ? 1.431   4.306   -7.039  1.00 37.75  ? 216 ASP C CB    1 
ATOM   944  C CG    . ASP C 3 15 ? 2.302   4.464   -5.850  1.00 53.21  ? 216 ASP C CG    1 
ATOM   945  O OD1   . ASP C 3 15 ? 1.695   5.030   -4.837  1.00 47.90  ? 216 ASP C OD1   1 
ATOM   946  O OD2   . ASP C 3 15 ? 3.446   4.070   -5.853  1.00 59.75  ? 216 ASP C OD2   1 
ATOM   947  N N     . VAL C 3 16 ? 0.087   1.984   -8.846  1.00 22.96  ? 217 VAL C N     1 
ATOM   948  C CA    . VAL C 3 16 ? -0.468  1.651   -10.140 1.00 21.27  ? 217 VAL C CA    1 
ATOM   949  C C     . VAL C 3 16 ? -1.861  1.074   -9.977  1.00 29.06  ? 217 VAL C C     1 
ATOM   950  O O     . VAL C 3 16 ? -2.790  1.519   -10.626 1.00 33.82  ? 217 VAL C O     1 
ATOM   951  C CB    . VAL C 3 16 ? 0.464   0.733   -10.891 1.00 21.34  ? 217 VAL C CB    1 
ATOM   952  C CG1   . VAL C 3 16 ? 0.318   -0.696  -10.391 1.00 19.23  ? 217 VAL C CG1   1 
ATOM   953  C CG2   . VAL C 3 16 ? 0.186   0.822   -12.375 1.00 23.69  ? 217 VAL C CG2   1 
ATOM   954  N N     . MET C 3 17 ? -1.992  0.131   -9.052  1.00 25.74  ? 218 MET C N     1 
ATOM   955  C CA    . MET C 3 17 ? -3.241  -0.510  -8.721  1.00 23.78  ? 218 MET C CA    1 
ATOM   956  C C     . MET C 3 17 ? -4.324  0.491   -8.369  1.00 29.66  ? 218 MET C C     1 
ATOM   957  O O     . MET C 3 17 ? -5.489  0.382   -8.718  1.00 34.64  ? 218 MET C O     1 
ATOM   958  C CB    . MET C 3 17 ? -3.016  -1.461  -7.564  1.00 25.79  ? 218 MET C CB    1 
ATOM   959  C CG    . MET C 3 17 ? -2.600  -2.817  -8.055  1.00 29.95  ? 218 MET C CG    1 
ATOM   960  S SD    . MET C 3 17 ? -2.329  -3.839  -6.618  1.00 41.86  ? 218 MET C SD    1 
ATOM   961  C CE    . MET C 3 17 ? -2.585  -5.439  -7.375  1.00 37.35  ? 218 MET C CE    1 
ATOM   962  N N     . LYS C 3 18 ? -3.942  1.496   -7.645  1.00 27.05  ? 219 LYS C N     1 
ATOM   963  C CA    . LYS C 3 18 ? -4.909  2.497   -7.297  1.00 27.51  ? 219 LYS C CA    1 
ATOM   964  C C     . LYS C 3 18 ? -5.357  3.190   -8.564  1.00 37.62  ? 219 LYS C C     1 
ATOM   965  O O     . LYS C 3 18 ? -6.507  3.531   -8.774  1.00 40.29  ? 219 LYS C O     1 
ATOM   966  C CB    . LYS C 3 18 ? -4.218  3.505   -6.424  1.00 24.74  ? 219 LYS C CB    1 
ATOM   967  C CG    . LYS C 3 18 ? -4.976  4.802   -6.425  1.00 27.16  ? 219 LYS C CG    1 
ATOM   968  C CD    . LYS C 3 18 ? -6.151  4.742   -5.474  1.00 45.77  ? 219 LYS C CD    1 
ATOM   969  C CE    . LYS C 3 18 ? -6.573  6.110   -4.970  1.00 50.57  ? 219 LYS C CE    1 
ATOM   970  N NZ    . LYS C 3 18 ? -5.812  7.215   -5.593  1.00 65.77  ? 219 LYS C NZ    1 
ATOM   971  N N     . LEU C 3 19 ? -4.374  3.404   -9.414  1.00 35.08  ? 220 LEU C N     1 
ATOM   972  C CA    . LEU C 3 19 ? -4.632  4.019   -10.677 1.00 37.51  ? 220 LEU C CA    1 
ATOM   973  C C     . LEU C 3 19 ? -5.639  3.145   -11.414 1.00 40.70  ? 220 LEU C C     1 
ATOM   974  O O     . LEU C 3 19 ? -6.509  3.619   -12.119 1.00 40.62  ? 220 LEU C O     1 
ATOM   975  C CB    . LEU C 3 19 ? -3.330  4.124   -11.500 1.00 37.97  ? 220 LEU C CB    1 
ATOM   976  C CG    . LEU C 3 19 ? -2.466  5.352   -11.181 1.00 39.50  ? 220 LEU C CG    1 
ATOM   977  C CD1   . LEU C 3 19 ? -1.314  5.468   -12.173 1.00 26.81  ? 220 LEU C CD1   1 
ATOM   978  C CD2   . LEU C 3 19 ? -3.308  6.620   -11.247 1.00 32.91  ? 220 LEU C CD2   1 
ATOM   979  N N     . LEU C 3 20 ? -5.498  1.844   -11.262 1.00 31.94  ? 221 LEU C N     1 
ATOM   980  C CA    . LEU C 3 20 ? -6.379  0.924   -11.932 1.00 26.92  ? 221 LEU C CA    1 
ATOM   981  C C     . LEU C 3 20 ? -7.681  0.741   -11.168 1.00 33.02  ? 221 LEU C C     1 
ATOM   982  O O     . LEU C 3 20 ? -8.580  0.022   -11.574 1.00 33.15  ? 221 LEU C O     1 
ATOM   983  C CB    . LEU C 3 20 ? -5.664  -0.401  -12.185 1.00 22.36  ? 221 LEU C CB    1 
ATOM   984  C CG    . LEU C 3 20 ? -4.475  -0.240  -13.110 1.00 19.25  ? 221 LEU C CG    1 
ATOM   985  C CD1   . LEU C 3 20 ? -3.691  -1.531  -13.144 1.00 14.75  ? 221 LEU C CD1   1 
ATOM   986  C CD2   . LEU C 3 20 ? -5.014  -0.046  -14.497 1.00 27.25  ? 221 LEU C CD2   1 
ATOM   987  N N     . ASN C 3 21 ? -7.794  1.430   -10.053 1.00 27.81  ? 222 ASN C N     1 
ATOM   988  C CA    . ASN C 3 21 ? -9.021  1.346   -9.295  1.00 27.73  ? 222 ASN C CA    1 
ATOM   989  C C     . ASN C 3 21 ? -9.259  -0.015  -8.679  1.00 30.60  ? 222 ASN C C     1 
ATOM   990  O O     . ASN C 3 21 ? -10.388 -0.445  -8.515  1.00 36.10  ? 222 ASN C O     1 
ATOM   991  C CB    . ASN C 3 21 ? -10.239 1.782   -10.151 1.00 34.43  ? 222 ASN C CB    1 
ATOM   992  C CG    . ASN C 3 21 ? -10.347 3.278   -10.404 1.00 51.62  ? 222 ASN C CG    1 
ATOM   993  O OD1   . ASN C 3 21 ? -10.532 4.079   -9.478  1.00 72.30  ? 222 ASN C OD1   1 
ATOM   994  N ND2   . ASN C 3 21 ? -10.260 3.655   -11.674 1.00 39.97  ? 222 ASN C ND2   1 
ATOM   995  N N     . VAL C 3 22 ? -8.201  -0.720  -8.311  1.00 29.64  ? 223 VAL C N     1 
ATOM   996  C CA    . VAL C 3 22 ? -8.350  -2.033  -7.705  1.00 15.26  ? 223 VAL C CA    1 
ATOM   997  C C     . VAL C 3 22 ? -8.858  -1.843  -6.327  1.00 28.95  ? 223 VAL C C     1 
ATOM   998  O O     . VAL C 3 22 ? -8.645  -0.808  -5.718  1.00 50.76  ? 223 VAL C O     1 
ATOM   999  C CB    . VAL C 3 22 ? -7.022  -2.733  -7.626  1.00 19.94  ? 223 VAL C CB    1 
ATOM   1000 C CG1   . VAL C 3 22 ? -7.131  -3.943  -6.677  1.00 26.24  ? 223 VAL C CG1   1 
ATOM   1001 C CG2   . VAL C 3 22 ? -6.558  -3.135  -9.007  1.00 14.18  ? 223 VAL C CG2   1 
ATOM   1002 N N     . SER C 3 23 ? -9.532  -2.839  -5.832  1.00 29.31  ? 224 SER C N     1 
ATOM   1003 C CA    . SER C 3 23 ? -10.089 -2.762  -4.518  1.00 26.19  ? 224 SER C CA    1 
ATOM   1004 C C     . SER C 3 23 ? -9.033  -3.049  -3.500  1.00 33.31  ? 224 SER C C     1 
ATOM   1005 O O     . SER C 3 23 ? -8.108  -3.815  -3.773  1.00 39.15  ? 224 SER C O     1 
ATOM   1006 C CB    . SER C 3 23 ? -11.215 -3.752  -4.333  1.00 16.07  ? 224 SER C CB    1 
ATOM   1007 O OG    . SER C 3 23 ? -10.666 -5.015  -4.042  1.00 23.58  ? 224 SER C OG    1 
ATOM   1008 N N     . LEU C 3 24 ? -9.254  -2.434  -2.336  1.00 21.15  ? 225 LEU C N     1 
ATOM   1009 C CA    . LEU C 3 24 ? -8.386  -2.607  -1.215  1.00 19.83  ? 225 LEU C CA    1 
ATOM   1010 C C     . LEU C 3 24 ? -8.100  -4.073  -1.029  1.00 37.60  ? 225 LEU C C     1 
ATOM   1011 O O     . LEU C 3 24 ? -6.950  -4.550  -0.980  1.00 46.24  ? 225 LEU C O     1 
ATOM   1012 C CB    . LEU C 3 24 ? -9.016  -2.105  0.082   1.00 22.11  ? 225 LEU C CB    1 
ATOM   1013 C CG    . LEU C 3 24 ? -8.077  -1.251  0.922   1.00 28.56  ? 225 LEU C CG    1 
ATOM   1014 C CD1   . LEU C 3 24 ? -7.705  -0.069  0.056   1.00 36.90  ? 225 LEU C CD1   1 
ATOM   1015 C CD2   . LEU C 3 24 ? -8.781  -0.715  2.167   1.00 33.01  ? 225 LEU C CD2   1 
ATOM   1016 N N     . HIS C 3 25 ? -9.188  -4.795  -0.930  1.00 20.07  ? 226 HIS C N     1 
ATOM   1017 C CA    . HIS C 3 25 ? -9.064  -6.196  -0.679  1.00 15.49  ? 226 HIS C CA    1 
ATOM   1018 C C     . HIS C 3 25 ? -8.278  -6.911  -1.747  1.00 21.89  ? 226 HIS C C     1 
ATOM   1019 O O     . HIS C 3 25 ? -7.524  -7.805  -1.462  1.00 32.03  ? 226 HIS C O     1 
ATOM   1020 C CB    . HIS C 3 25 ? -10.457 -6.822  -0.552  1.00 16.14  ? 226 HIS C CB    1 
ATOM   1021 C CG    . HIS C 3 25 ? -11.088 -6.815  0.781   1.00 9.85   ? 226 HIS C CG    1 
ATOM   1022 N ND1   . HIS C 3 25 ? -10.984 -7.915  1.648   1.00 14.44  ? 226 HIS C ND1   1 
ATOM   1023 C CD2   . HIS C 3 25 ? -11.869 -5.882  1.364   1.00 14.93  ? 226 HIS C CD2   1 
ATOM   1024 C CE1   . HIS C 3 25 ? -11.702 -7.643  2.750   1.00 7.69   ? 226 HIS C CE1   1 
ATOM   1025 N NE2   . HIS C 3 25 ? -12.257 -6.421  2.597   1.00 14.56  ? 226 HIS C NE2   1 
ATOM   1026 N N     . GLU C 3 26 ? -8.477  -6.578  -3.000  1.00 27.35  ? 227 GLU C N     1 
ATOM   1027 C CA    . GLU C 3 26 ? -7.741  -7.315  -3.997  1.00 25.54  ? 227 GLU C CA    1 
ATOM   1028 C C     . GLU C 3 26 ? -6.256  -6.984  -3.914  1.00 39.07  ? 227 GLU C C     1 
ATOM   1029 O O     . GLU C 3 26 ? -5.344  -7.821  -4.040  1.00 38.73  ? 227 GLU C O     1 
ATOM   1030 C CB    . GLU C 3 26 ? -8.310  -7.130  -5.404  1.00 22.51  ? 227 GLU C CB    1 
ATOM   1031 C CG    . GLU C 3 26 ? -7.696  -8.118  -6.420  1.00 19.50  ? 227 GLU C CG    1 
ATOM   1032 C CD    . GLU C 3 26 ? -8.349  -8.006  -7.770  1.00 56.34  ? 227 GLU C CD    1 
ATOM   1033 O OE1   . GLU C 3 26 ? -8.903  -6.837  -7.976  1.00 41.63  ? 227 GLU C OE1   1 
ATOM   1034 O OE2   . GLU C 3 26 ? -8.374  -8.919  -8.585  1.00 80.82  ? 227 GLU C OE2   1 
ATOM   1035 N N     . MET C 3 27 ? -6.019  -5.714  -3.646  1.00 36.00  ? 228 MET C N     1 
ATOM   1036 C CA    . MET C 3 27 ? -4.684  -5.183  -3.485  1.00 28.52  ? 228 MET C CA    1 
ATOM   1037 C C     . MET C 3 27 ? -3.946  -6.005  -2.427  1.00 29.94  ? 228 MET C C     1 
ATOM   1038 O O     . MET C 3 27 ? -2.854  -6.510  -2.618  1.00 35.38  ? 228 MET C O     1 
ATOM   1039 C CB    . MET C 3 27 ? -4.863  -3.726  -3.030  1.00 24.83  ? 228 MET C CB    1 
ATOM   1040 C CG    . MET C 3 27 ? -4.727  -2.755  -4.179  1.00 24.26  ? 228 MET C CG    1 
ATOM   1041 S SD    . MET C 3 27 ? -4.895  -1.028  -3.673  1.00 31.97  ? 228 MET C SD    1 
ATOM   1042 C CE    . MET C 3 27 ? -4.585  -0.324  -5.317  1.00 28.39  ? 228 MET C CE    1 
ATOM   1043 N N     . SER C 3 28 ? -4.551  -6.195  -1.277  1.00 22.31  ? 229 SER C N     1 
ATOM   1044 C CA    . SER C 3 28 ? -3.859  -6.988  -0.292  1.00 19.46  ? 229 SER C CA    1 
ATOM   1045 C C     . SER C 3 28 ? -3.550  -8.327  -0.820  1.00 26.88  ? 229 SER C C     1 
ATOM   1046 O O     . SER C 3 28 ? -2.480  -8.845  -0.649  1.00 34.73  ? 229 SER C O     1 
ATOM   1047 C CB    . SER C 3 28 ? -4.685  -7.257  0.953   1.00 24.46  ? 229 SER C CB    1 
ATOM   1048 O OG    . SER C 3 28 ? -5.060  -6.013  1.499   1.00 50.46  ? 229 SER C OG    1 
ATOM   1049 N N     . ARG C 3 29 ? -4.507  -8.935  -1.443  1.00 27.53  ? 230 ARG C N     1 
ATOM   1050 C CA    . ARG C 3 29 ? -4.210  -10.270 -1.875  1.00 30.29  ? 230 ARG C CA    1 
ATOM   1051 C C     . ARG C 3 29 ? -3.080  -10.280 -2.839  1.00 34.89  ? 230 ARG C C     1 
ATOM   1052 O O     . ARG C 3 29 ? -2.192  -11.139 -2.811  1.00 35.30  ? 230 ARG C O     1 
ATOM   1053 C CB    . ARG C 3 29 ? -5.432  -10.989 -2.417  1.00 38.03  ? 230 ARG C CB    1 
ATOM   1054 C CG    . ARG C 3 29 ? -6.634  -10.916 -1.489  1.00 36.78  ? 230 ARG C CG    1 
ATOM   1055 C CD    . ARG C 3 29 ? -7.779  -11.742 -2.048  1.00 47.69  ? 230 ARG C CD    1 
ATOM   1056 N NE    . ARG C 3 29 ? -8.891  -10.926 -2.504  1.00 35.68  ? 230 ARG C NE    1 
ATOM   1057 C CZ    . ARG C 3 29 ? -9.130  -10.666 -3.775  1.00 75.78  ? 230 ARG C CZ    1 
ATOM   1058 N NH1   . ARG C 3 29 ? -8.367  -11.165 -4.774  1.00 46.78  ? 230 ARG C NH1   1 
ATOM   1059 N NH2   . ARG C 3 29 ? -10.188 -9.892  -4.035  1.00 47.26  ? 230 ARG C NH2   1 
ATOM   1060 N N     . LYS C 3 30 ? -3.141  -9.291  -3.691  1.00 27.74  ? 231 LYS C N     1 
ATOM   1061 C CA    . LYS C 3 30 ? -2.136  -9.212  -4.714  1.00 31.65  ? 231 LYS C CA    1 
ATOM   1062 C C     . LYS C 3 30 ? -0.705  -9.140  -4.180  1.00 39.52  ? 231 LYS C C     1 
ATOM   1063 O O     . LYS C 3 30 ? 0.152   -9.861  -4.656  1.00 38.71  ? 231 LYS C O     1 
ATOM   1064 C CB    . LYS C 3 30 ? -2.463  -8.154  -5.749  1.00 32.08  ? 231 LYS C CB    1 
ATOM   1065 C CG    . LYS C 3 30 ? -2.988  -8.733  -7.044  1.00 33.77  ? 231 LYS C CG    1 
ATOM   1066 C CD    . LYS C 3 30 ? -4.114  -9.706  -6.776  1.00 63.93  ? 231 LYS C CD    1 
ATOM   1067 C CE    . LYS C 3 30 ? -4.644  -10.405 -8.011  1.00 51.91  ? 231 LYS C CE    1 
ATOM   1068 N NZ    . LYS C 3 30 ? -5.925  -11.084 -7.741  1.00 86.34  ? 231 LYS C NZ    1 
ATOM   1069 N N     . ILE C 3 31 ? -0.421  -8.301  -3.177  1.00 31.36  ? 232 ILE C N     1 
ATOM   1070 C CA    . ILE C 3 31 ? 0.945   -8.233  -2.684  1.00 23.77  ? 232 ILE C CA    1 
ATOM   1071 C C     . ILE C 3 31 ? 1.107   -8.723  -1.270  1.00 33.38  ? 232 ILE C C     1 
ATOM   1072 O O     . ILE C 3 31 ? 2.073   -8.450  -0.563  1.00 41.82  ? 232 ILE C O     1 
ATOM   1073 C CB    . ILE C 3 31 ? 1.465   -6.836  -2.771  1.00 20.72  ? 232 ILE C CB    1 
ATOM   1074 C CG1   . ILE C 3 31 ? 0.696   -6.066  -1.724  1.00 19.36  ? 232 ILE C CG1   1 
ATOM   1075 C CG2   . ILE C 3 31 ? 1.217   -6.294  -4.169  1.00 27.44  ? 232 ILE C CG2   1 
ATOM   1076 C CD1   . ILE C 3 31 ? 1.061   -4.597  -1.737  1.00 25.81  ? 232 ILE C CD1   1 
ATOM   1077 N N     . SER C 3 32 ? 0.160   -9.492  -0.861  1.00 22.18  ? 233 SER C N     1 
ATOM   1078 C CA    . SER C 3 32 ? 0.246   -10.038 0.468   1.00 21.59  ? 233 SER C CA    1 
ATOM   1079 C C     . SER C 3 32 ? 0.532   -9.059  1.576   1.00 29.73  ? 233 SER C C     1 
ATOM   1080 O O     . SER C 3 32 ? 1.346   -9.319  2.429   1.00 44.88  ? 233 SER C O     1 
ATOM   1081 C CB    . SER C 3 32 ? 1.164   -11.228 0.486   1.00 30.14  ? 233 SER C CB    1 
ATOM   1082 O OG    . SER C 3 32 ? 0.861   -11.995 -0.663  1.00 44.44  ? 233 SER C OG    1 
ATOM   1083 N N     . ARG C 3 33 ? -0.189  -7.959  1.612   1.00 29.06  ? 234 ARG C N     1 
ATOM   1084 C CA    . ARG C 3 33 ? -0.052  -6.974  2.652   1.00 25.48  ? 234 ARG C CA    1 
ATOM   1085 C C     . ARG C 3 33 ? -1.414  -6.654  3.238   1.00 33.56  ? 234 ARG C C     1 
ATOM   1086 O O     . ARG C 3 33 ? -2.414  -6.706  2.557   1.00 37.12  ? 234 ARG C O     1 
ATOM   1087 C CB    . ARG C 3 33 ? 0.539   -5.693  2.091   1.00 34.77  ? 234 ARG C CB    1 
ATOM   1088 C CG    . ARG C 3 33 ? 2.042   -5.754  1.897   1.00 50.16  ? 234 ARG C CG    1 
ATOM   1089 C CD    . ARG C 3 33 ? 2.810   -6.288  3.093   1.00 33.85  ? 234 ARG C CD    1 
ATOM   1090 N NE    . ARG C 3 33 ? 4.244   -6.161  2.870   1.00 64.33  ? 234 ARG C NE    1 
ATOM   1091 C CZ    . ARG C 3 33 ? 5.122   -5.651  3.728   1.00 72.28  ? 234 ARG C CZ    1 
ATOM   1092 N NH1   . ARG C 3 33 ? 4.773   -5.203  4.931   1.00 27.24  ? 234 ARG C NH1   1 
ATOM   1093 N NH2   . ARG C 3 33 ? 6.404   -5.581  3.371   1.00 63.01  ? 234 ARG C NH2   1 
ATOM   1094 N N     . SER C 3 34 ? -1.447  -6.307  4.504   1.00 38.98  ? 235 SER C N     1 
ATOM   1095 C CA    . SER C 3 34 ? -2.659  -5.944  5.199   1.00 33.62  ? 235 SER C CA    1 
ATOM   1096 C C     . SER C 3 34 ? -3.311  -4.736  4.523   1.00 44.70  ? 235 SER C C     1 
ATOM   1097 O O     . SER C 3 34 ? -2.663  -3.908  3.875   1.00 46.95  ? 235 SER C O     1 
ATOM   1098 C CB    . SER C 3 34 ? -2.301  -5.586  6.641   1.00 33.95  ? 235 SER C CB    1 
ATOM   1099 O OG    . SER C 3 34 ? -1.733  -4.283  6.704   1.00 53.85  ? 235 SER C OG    1 
ATOM   1100 N N     . ARG C 3 35 ? -4.626  -4.652  4.689   1.00 38.31  ? 236 ARG C N     1 
ATOM   1101 C CA    . ARG C 3 35 ? -5.415  -3.594  4.113   1.00 33.67  ? 236 ARG C CA    1 
ATOM   1102 C C     . ARG C 3 35 ? -5.015  -2.304  4.774   1.00 36.59  ? 236 ARG C C     1 
ATOM   1103 O O     . ARG C 3 35 ? -4.924  -1.260  4.118   1.00 35.10  ? 236 ARG C O     1 
ATOM   1104 C CB    . ARG C 3 35 ? -6.907  -3.904  4.304   1.00 45.70  ? 236 ARG C CB    1 
ATOM   1105 C CG    . ARG C 3 35 ? -7.546  -4.796  3.226   1.00 11.39  ? 236 ARG C CG    1 
ATOM   1106 C CD    . ARG C 3 35 ? -9.046  -5.029  3.381   1.00 34.49  ? 236 ARG C CD    1 
ATOM   1107 N NE    . ARG C 3 35 ? -9.427  -5.560  4.687   1.00 20.42  ? 236 ARG C NE    1 
ATOM   1108 C CZ    . ARG C 3 35 ? -10.276 -4.941  5.486   1.00 40.05  ? 236 ARG C CZ    1 
ATOM   1109 N NH1   . ARG C 3 35 ? -10.859 -3.791  5.108   1.00 32.38  ? 236 ARG C NH1   1 
ATOM   1110 N NH2   . ARG C 3 35 ? -10.562 -5.482  6.674   1.00 21.98  ? 236 ARG C NH2   1 
ATOM   1111 N N     . HIS C 3 36 ? -4.755  -2.468  6.082   1.00 28.71  ? 237 HIS C N     1 
ATOM   1112 C CA    . HIS C 3 36 ? -4.340  -1.413  6.969   1.00 26.60  ? 237 HIS C CA    1 
ATOM   1113 C C     . HIS C 3 36 ? -3.169  -0.648  6.396   1.00 32.99  ? 237 HIS C C     1 
ATOM   1114 O O     . HIS C 3 36 ? -3.235  0.562   6.205   1.00 31.53  ? 237 HIS C O     1 
ATOM   1115 C CB    . HIS C 3 36 ? -4.001  -1.932  8.380   1.00 24.02  ? 237 HIS C CB    1 
ATOM   1116 C CG    . HIS C 3 36 ? -3.921  -0.847  9.416   1.00 23.56  ? 237 HIS C CG    1 
ATOM   1117 N ND1   . HIS C 3 36 ? -3.661  -1.141  10.743  1.00 21.36  ? 237 HIS C ND1   1 
ATOM   1118 C CD2   . HIS C 3 36 ? -4.063  0.505   9.294   1.00 23.41  ? 237 HIS C CD2   1 
ATOM   1119 C CE1   . HIS C 3 36 ? -3.700  0.029   11.392  1.00 25.11  ? 237 HIS C CE1   1 
ATOM   1120 N NE2   . HIS C 3 36 ? -3.943  1.034   10.555  1.00 23.02  ? 237 HIS C NE2   1 
ATOM   1121 N N     . CYS C 3 37 ? -2.061  -1.309  6.114   1.00 27.49  ? 238 CYS C N     1 
ATOM   1122 C CA    . CYS C 3 37 ? -1.014  -0.475  5.595   1.00 32.38  ? 238 CYS C CA    1 
ATOM   1123 C C     . CYS C 3 37 ? -1.431  0.144   4.301   1.00 39.19  ? 238 CYS C C     1 
ATOM   1124 O O     . CYS C 3 37 ? -1.384  1.369   4.104   1.00 42.99  ? 238 CYS C O     1 
ATOM   1125 C CB    . CYS C 3 37 ? 0.370   -1.114  5.499   1.00 38.59  ? 238 CYS C CB    1 
ATOM   1126 S SG    . CYS C 3 37 ? 0.211   -2.788  4.930   1.00 47.95  ? 238 CYS C SG    1 
ATOM   1127 N N     . ILE C 3 38 ? -1.869  -0.730  3.416   1.00 34.97  ? 239 ILE C N     1 
ATOM   1128 C CA    . ILE C 3 38 ? -2.307  -0.271  2.115   1.00 28.38  ? 239 ILE C CA    1 
ATOM   1129 C C     . ILE C 3 38 ? -3.172  0.973   2.198   1.00 26.44  ? 239 ILE C C     1 
ATOM   1130 O O     . ILE C 3 38 ? -2.952  1.971   1.506   1.00 27.56  ? 239 ILE C O     1 
ATOM   1131 C CB    . ILE C 3 38 ? -3.020  -1.383  1.402   1.00 25.91  ? 239 ILE C CB    1 
ATOM   1132 C CG1   . ILE C 3 38 ? -2.156  -2.627  1.443   1.00 24.84  ? 239 ILE C CG1   1 
ATOM   1133 C CG2   . ILE C 3 38 ? -3.225  -0.979  -0.031  1.00 15.11  ? 239 ILE C CG2   1 
ATOM   1134 C CD1   . ILE C 3 38 ? -2.575  -3.614  0.385   1.00 8.96   ? 239 ILE C CD1   1 
ATOM   1135 N N     . ARG C 3 39 ? -4.163  0.912   3.073   1.00 21.81  ? 240 ARG C N     1 
ATOM   1136 C CA    . ARG C 3 39 ? -5.072  2.034   3.233   1.00 22.61  ? 240 ARG C CA    1 
ATOM   1137 C C     . ARG C 3 39 ? -4.320  3.308   3.547   1.00 41.33  ? 240 ARG C C     1 
ATOM   1138 O O     . ARG C 3 39 ? -4.183  4.207   2.701   1.00 40.77  ? 240 ARG C O     1 
ATOM   1139 C CB    . ARG C 3 39 ? -6.110  1.749   4.281   1.00 13.05  ? 240 ARG C CB    1 
ATOM   1140 C CG    . ARG C 3 39 ? -7.446  2.420   4.020   1.00 44.25  ? 240 ARG C CG    1 
ATOM   1141 C CD    . ARG C 3 39 ? -8.414  2.209   5.178   1.00 17.53  ? 240 ARG C CD    1 
ATOM   1142 N NE    . ARG C 3 39 ? -9.119  0.920   5.164   1.00 21.66  ? 240 ARG C NE    1 
ATOM   1143 C CZ    . ARG C 3 39 ? -8.720  -0.160  5.800   1.00 37.44  ? 240 ARG C CZ    1 
ATOM   1144 N NH1   . ARG C 3 39 ? -7.585  -0.150  6.491   1.00 57.63  ? 240 ARG C NH1   1 
ATOM   1145 N NH2   . ARG C 3 39 ? -9.416  -1.272  5.710   1.00 22.22  ? 240 ARG C NH2   1 
ATOM   1146 N N     . VAL C 3 40 ? -3.805  3.337   4.776   1.00 39.34  ? 241 VAL C N     1 
ATOM   1147 C CA    . VAL C 3 40 ? -3.052  4.459   5.290   1.00 36.32  ? 241 VAL C CA    1 
ATOM   1148 C C     . VAL C 3 40 ? -2.134  5.086   4.252   1.00 35.81  ? 241 VAL C C     1 
ATOM   1149 O O     . VAL C 3 40 ? -2.183  6.287   4.029   1.00 43.11  ? 241 VAL C O     1 
ATOM   1150 C CB    . VAL C 3 40 ? -2.262  4.082   6.539   1.00 41.72  ? 241 VAL C CB    1 
ATOM   1151 C CG1   . VAL C 3 40 ? -1.797  5.335   7.252   1.00 45.30  ? 241 VAL C CG1   1 
ATOM   1152 C CG2   . VAL C 3 40 ? -3.097  3.272   7.510   1.00 37.93  ? 241 VAL C CG2   1 
ATOM   1153 N N     . TYR C 3 41 ? -1.316  4.262   3.612   1.00 31.89  ? 242 TYR C N     1 
ATOM   1154 C CA    . TYR C 3 41 ? -0.390  4.719   2.596   1.00 31.14  ? 242 TYR C CA    1 
ATOM   1155 C C     . TYR C 3 41 ? -1.050  5.423   1.430   1.00 38.06  ? 242 TYR C C     1 
ATOM   1156 O O     . TYR C 3 41 ? -0.587  6.467   1.000   1.00 42.35  ? 242 TYR C O     1 
ATOM   1157 C CB    . TYR C 3 41 ? 0.415   3.557   2.007   1.00 33.52  ? 242 TYR C CB    1 
ATOM   1158 C CG    . TYR C 3 41 ? 1.138   3.957   0.729   1.00 32.43  ? 242 TYR C CG    1 
ATOM   1159 C CD1   . TYR C 3 41 ? 2.211   4.841   0.778   1.00 27.48  ? 242 TYR C CD1   1 
ATOM   1160 C CD2   . TYR C 3 41 ? 0.741   3.485   -0.522  1.00 35.46  ? 242 TYR C CD2   1 
ATOM   1161 C CE1   . TYR C 3 41 ? 2.911   5.206   -0.369  1.00 28.04  ? 242 TYR C CE1   1 
ATOM   1162 C CE2   . TYR C 3 41 ? 1.408   3.855   -1.691  1.00 36.96  ? 242 TYR C CE2   1 
ATOM   1163 C CZ    . TYR C 3 41 ? 2.498   4.717   -1.604  1.00 31.34  ? 242 TYR C CZ    1 
ATOM   1164 O OH    . TYR C 3 41 ? 3.162   5.066   -2.731  1.00 53.99  ? 242 TYR C OH    1 
ATOM   1165 N N     . LEU C 3 42 ? -2.098  4.829   0.876   1.00 33.16  ? 243 LEU C N     1 
ATOM   1166 C CA    . LEU C 3 42 ? -2.737  5.438   -0.262  1.00 31.00  ? 243 LEU C CA    1 
ATOM   1167 C C     . LEU C 3 42 ? -3.446  6.721   0.129   1.00 36.17  ? 243 LEU C C     1 
ATOM   1168 O O     . LEU C 3 42 ? -3.714  7.601   -0.697  1.00 32.80  ? 243 LEU C O     1 
ATOM   1169 C CB    . LEU C 3 42 ? -3.691  4.486   -1.034  1.00 28.94  ? 243 LEU C CB    1 
ATOM   1170 C CG    . LEU C 3 42 ? -2.994  3.250   -1.622  1.00 31.90  ? 243 LEU C CG    1 
ATOM   1171 C CD1   . LEU C 3 42 ? -4.033  2.198   -1.974  1.00 25.79  ? 243 LEU C CD1   1 
ATOM   1172 C CD2   . LEU C 3 42 ? -2.316  3.622   -2.923  1.00 30.42  ? 243 LEU C CD2   1 
ATOM   1173 N N     . LYS C 3 43 ? -3.770  6.828   1.405   1.00 32.61  ? 244 LYS C N     1 
ATOM   1174 C CA    . LYS C 3 43 ? -4.492  8.011   1.808   1.00 36.98  ? 244 LYS C CA    1 
ATOM   1175 C C     . LYS C 3 43 ? -3.594  9.229   1.686   1.00 56.03  ? 244 LYS C C     1 
ATOM   1176 O O     . LYS C 3 43 ? -4.036  10.370  1.527   1.00 53.46  ? 244 LYS C O     1 
ATOM   1177 C CB    . LYS C 3 43 ? -5.160  7.810   3.161   1.00 42.11  ? 244 LYS C CB    1 
ATOM   1178 C CG    . LYS C 3 43 ? -5.217  9.065   4.037   1.00 100.00 ? 244 LYS C CG    1 
ATOM   1179 C CD    . LYS C 3 43 ? -5.092  8.806   5.549   1.00 100.00 ? 244 LYS C CD    1 
ATOM   1180 C CE    . LYS C 3 43 ? -5.142  10.061  6.436   1.00 100.00 ? 244 LYS C CE    1 
ATOM   1181 N NZ    . LYS C 3 43 ? -6.503  10.576  6.684   1.00 100.00 ? 244 LYS C NZ    1 
ATOM   1182 N N     . ASP C 3 44 ? -2.300  8.925   1.739   1.00 60.73  ? 245 ASP C N     1 
ATOM   1183 C CA    . ASP C 3 44 ? -1.219  9.883   1.642   1.00 57.35  ? 245 ASP C CA    1 
ATOM   1184 C C     . ASP C 3 44 ? 0.099   9.169   1.548   1.00 59.23  ? 245 ASP C C     1 
ATOM   1185 O O     . ASP C 3 44 ? 0.731   8.878   2.555   1.00 68.92  ? 245 ASP C O     1 
ATOM   1186 C CB    . ASP C 3 44 ? -1.172  10.862  2.812   1.00 55.98  ? 245 ASP C CB    1 
ATOM   1187 C CG    . ASP C 3 44 ? -0.375  12.059  2.392   1.00 70.74  ? 245 ASP C CG    1 
ATOM   1188 O OD1   . ASP C 3 44 ? -0.062  12.274  1.216   1.00 66.14  ? 245 ASP C OD1   1 
ATOM   1189 O OD2   . ASP C 3 44 ? -0.037  12.804  3.408   1.00 81.20  ? 245 ASP C OD2   1 
ATOM   1190 N N     . PRO C 3 45 ? 0.483   8.884   0.332   1.00 48.39  ? 246 PRO C N     1 
ATOM   1191 C CA    . PRO C 3 45 ? 1.701   8.168   0.045   1.00 53.56  ? 246 PRO C CA    1 
ATOM   1192 C C     . PRO C 3 45 ? 2.923   8.999   0.373   1.00 67.35  ? 246 PRO C C     1 
ATOM   1193 O O     . PRO C 3 45 ? 3.950   8.476   0.820   1.00 64.54  ? 246 PRO C O     1 
ATOM   1194 C CB    . PRO C 3 45 ? 1.657   7.859   -1.449  1.00 53.06  ? 246 PRO C CB    1 
ATOM   1195 C CG    . PRO C 3 45 ? 0.500   8.673   -2.010  1.00 51.84  ? 246 PRO C CG    1 
ATOM   1196 C CD    . PRO C 3 45 ? -0.116  9.470   -0.872  1.00 46.03  ? 246 PRO C CD    1 
ATOM   1197 N N     . VAL C 3 46 ? 2.796   10.302  0.146   1.00 68.61  ? 247 VAL C N     1 
ATOM   1198 C CA    . VAL C 3 46 ? 3.882   11.213  0.448   1.00 69.04  ? 247 VAL C CA    1 
ATOM   1199 C C     . VAL C 3 46 ? 4.350   11.032  1.884   1.00 78.56  ? 247 VAL C C     1 
ATOM   1200 O O     . VAL C 3 46 ? 5.471   10.585  2.159   1.00 78.76  ? 247 VAL C O     1 
ATOM   1201 C CB    . VAL C 3 46 ? 3.433   12.656  0.306   1.00 70.15  ? 247 VAL C CB    1 
ATOM   1202 C CG1   . VAL C 3 46 ? 4.521   13.550  0.883   1.00 67.65  ? 247 VAL C CG1   1 
ATOM   1203 C CG2   . VAL C 3 46 ? 3.136   12.986  -1.152  1.00 70.72  ? 247 VAL C CG2   1 
ATOM   1204 N N     . SER C 3 47 ? 3.431   11.393  2.787   1.00 73.41  ? 248 SER C N     1 
ATOM   1205 C CA    . SER C 3 47 ? 3.640   11.342  4.213   1.00 70.08  ? 248 SER C CA    1 
ATOM   1206 C C     . SER C 3 47 ? 4.220   10.051  4.738   1.00 60.80  ? 248 SER C C     1 
ATOM   1207 O O     . SER C 3 47 ? 4.774   10.002  5.843   1.00 58.66  ? 248 SER C O     1 
ATOM   1208 C CB    . SER C 3 47 ? 2.487   11.891  5.020   1.00 74.15  ? 248 SER C CB    1 
ATOM   1209 O OG    . SER C 3 47 ? 2.640   13.300  5.069   1.00 100.00 ? 248 SER C OG    1 
ATOM   1210 N N     . TYR C 3 48 ? 4.120   9.012   3.929   1.00 55.69  ? 249 TYR C N     1 
ATOM   1211 C CA    . TYR C 3 48 ? 4.678   7.732   4.332   1.00 57.04  ? 249 TYR C CA    1 
ATOM   1212 C C     . TYR C 3 48 ? 6.159   7.894   4.549   1.00 67.38  ? 249 TYR C C     1 
ATOM   1213 O O     . TYR C 3 48 ? 6.846   8.468   3.699   1.00 67.93  ? 249 TYR C O     1 
ATOM   1214 C CB    . TYR C 3 48 ? 4.466   6.642   3.271   1.00 50.79  ? 249 TYR C CB    1 
ATOM   1215 C CG    . TYR C 3 48 ? 4.600   5.229   3.792   1.00 31.41  ? 249 TYR C CG    1 
ATOM   1216 C CD1   . TYR C 3 48 ? 3.617   4.671   4.603   1.00 38.08  ? 249 TYR C CD1   1 
ATOM   1217 C CD2   . TYR C 3 48 ? 5.672   4.421   3.436   1.00 26.99  ? 249 TYR C CD2   1 
ATOM   1218 C CE1   . TYR C 3 48 ? 3.695   3.355   5.059   1.00 33.36  ? 249 TYR C CE1   1 
ATOM   1219 C CE2   . TYR C 3 48 ? 5.785   3.109   3.901   1.00 30.36  ? 249 TYR C CE2   1 
ATOM   1220 C CZ    . TYR C 3 48 ? 4.792   2.574   4.718   1.00 21.74  ? 249 TYR C CZ    1 
ATOM   1221 O OH    . TYR C 3 48 ? 4.904   1.286   5.183   1.00 41.81  ? 249 TYR C OH    1 
ATOM   1222 N N     . GLY C 3 49 ? 6.631   7.387   5.682   1.00 75.09  ? 250 GLY C N     1 
ATOM   1223 C CA    . GLY C 3 49 ? 8.042   7.486   6.022   1.00 78.60  ? 250 GLY C CA    1 
ATOM   1224 C C     . GLY C 3 49 ? 8.386   8.767   6.772   1.00 80.87  ? 250 GLY C C     1 
ATOM   1225 O O     . GLY C 3 49 ? 9.526   8.967   7.167   1.00 78.65  ? 250 GLY C O     1 
ATOM   1226 N N     . THR C 3 50 ? 7.394   9.634   6.964   1.00 81.69  ? 251 THR C N     1 
ATOM   1227 C CA    . THR C 3 50 ? 7.594   10.875  7.687   1.00 83.30  ? 251 THR C CA    1 
ATOM   1228 C C     . THR C 3 50 ? 7.201   10.672  9.144   1.00 96.77  ? 251 THR C C     1 
ATOM   1229 O O     . THR C 3 50 ? 6.030   10.788  9.492   1.00 100.00 ? 251 THR C O     1 
ATOM   1230 C CB    . THR C 3 50 ? 6.764   12.022  7.081   1.00 79.83  ? 251 THR C CB    1 
ATOM   1231 O OG1   . THR C 3 50 ? 7.024   12.099  5.697   1.00 52.59  ? 251 THR C OG1   1 
ATOM   1232 C CG2   . THR C 3 50 ? 7.138   13.347  7.741   1.00 100.00 ? 251 THR C CG2   1 
ATOM   1233 N N     . SER C 3 51 ? 8.165   10.346  10.008  1.00 99.83  ? 252 SER C N     1 
ATOM   1234 C CA    . SER C 3 51 ? 7.860   10.113  11.422  1.00 100.00 ? 252 SER C CA    1 
ATOM   1235 C C     . SER C 3 51 ? 9.049   10.347  12.386  1.00 100.00 ? 252 SER C C     1 
ATOM   1236 O O     . SER C 3 51 ? 9.767   9.466   12.905  1.00 94.86  ? 252 SER C O     1 
ATOM   1237 C CB    . SER C 3 51 ? 7.072   8.828   11.654  1.00 100.00 ? 252 SER C CB    1 
ATOM   1238 O OG    . SER C 3 51 ? 5.946   8.794   10.787  1.00 100.00 ? 252 SER C OG    1 
HETATM 1239 O O     . HOH D 4 .  ? -7.249  2.319   9.432   1.00 43.56  ? 302 HOH A O     1 
HETATM 1240 O O     . HOH D 4 .  ? -8.139  -2.728  7.568   1.00 30.43  ? 306 HOH A O     1 
HETATM 1241 O O     . HOH D 4 .  ? -17.008 -12.843 3.993   1.00 60.36  ? 307 HOH A O     1 
HETATM 1242 O O     . HOH D 4 .  ? -13.929 -12.586 3.892   1.00 61.64  ? 308 HOH A O     1 
HETATM 1243 O O     . HOH D 4 .  ? 9.201   1.174   10.294  1.00 36.51  ? 309 HOH A O     1 
HETATM 1244 O O     . HOH D 4 .  ? -12.240 -7.578  -6.892  1.00 50.89  ? 312 HOH A O     1 
HETATM 1245 O O     . HOH D 4 .  ? -3.590  2.773   18.353  1.00 60.45  ? 314 HOH A O     1 
HETATM 1246 O O     . HOH D 4 .  ? -18.166 -1.308  6.396   1.00 32.69  ? 315 HOH A O     1 
HETATM 1247 O O     . HOH D 4 .  ? 13.565  -5.168  17.794  1.00 49.90  ? 316 HOH A O     1 
HETATM 1248 O O     . HOH D 4 .  ? -16.885 -17.236 -5.929  1.00 69.27  ? 318 HOH A O     1 
HETATM 1249 O O     . HOH D 4 .  ? -1.079  -9.968  23.863  1.00 68.67  ? 319 HOH A O     1 
HETATM 1250 O O     . HOH D 4 .  ? -12.581 -10.354 -0.460  1.00 54.02  ? 322 HOH A O     1 
HETATM 1251 O O     . HOH D 4 .  ? 20.570  -0.524  15.746  1.00 57.47  ? 324 HOH A O     1 
HETATM 1252 O O     . HOH D 4 .  ? -14.472 -15.332 4.047   1.00 75.57  ? 326 HOH A O     1 
HETATM 1253 O O     . HOH D 4 .  ? 21.699  9.227   26.389  1.00 63.93  ? 328 HOH A O     1 
HETATM 1254 O O     . HOH D 4 .  ? -10.383 -3.928  18.681  1.00 65.44  ? 329 HOH A O     1 
HETATM 1255 O O     . HOH D 4 .  ? -0.463  -6.588  26.587  1.00 55.91  ? 332 HOH A O     1 
HETATM 1256 O O     . HOH D 4 .  ? -13.196 -14.649 1.492   1.00 32.08  ? 333 HOH A O     1 
HETATM 1257 O O     . HOH D 4 .  ? 11.288  -4.558  19.607  1.00 52.74  ? 334 HOH A O     1 
HETATM 1258 O O     . HOH D 4 .  ? 10.392  0.463   12.831  1.00 59.23  ? 336 HOH A O     1 
HETATM 1259 O O     . HOH D 4 .  ? -9.979  -15.117 -1.604  1.00 53.30  ? 346 HOH A O     1 
HETATM 1260 O O     . HOH E 4 .  ? -26.983 -19.961 -8.966  1.00 43.11  ? 305 HOH B O     1 
HETATM 1261 O O     . HOH E 4 .  ? -16.576 -10.290 9.004   1.00 54.52  ? 310 HOH B O     1 
HETATM 1262 O O     . HOH E 4 .  ? -20.731 -1.681  5.569   1.00 42.90  ? 313 HOH B O     1 
HETATM 1263 O O     . HOH E 4 .  ? -5.994  -11.492 8.760   1.00 49.14  ? 320 HOH B O     1 
HETATM 1264 O O     . HOH E 4 .  ? 2.735   -11.102 11.538  1.00 33.26  ? 323 HOH B O     1 
HETATM 1265 O O     . HOH E 4 .  ? -21.747 -14.824 -4.428  1.00 76.28  ? 339 HOH B O     1 
HETATM 1266 O O     . HOH E 4 .  ? -10.595 -15.715 18.026  1.00 65.96  ? 341 HOH B O     1 
HETATM 1267 O O     . HOH E 4 .  ? -21.933 -1.451  9.876   1.00 100.00 ? 343 HOH B O     1 
HETATM 1268 O O     . HOH E 4 .  ? -11.294 -5.982  18.233  1.00 54.91  ? 344 HOH B O     1 
HETATM 1269 O O     . HOH E 4 .  ? 6.317   1.492   8.649   1.00 52.12  ? 345 HOH B O     1 
HETATM 1270 O O     . HOH F 4 .  ? -10.405 -5.032  -7.931  1.00 24.39  ? 301 HOH C O     1 
HETATM 1271 O O     . HOH F 4 .  ? -6.228  -7.094  5.753   1.00 24.96  ? 303 HOH C O     1 
HETATM 1272 O O     . HOH F 4 .  ? -11.448 -2.890  2.574   1.00 22.58  ? 304 HOH C O     1 
HETATM 1273 O O     . HOH F 4 .  ? 5.229   -6.833  -2.716  1.00 38.63  ? 311 HOH C O     1 
HETATM 1274 O O     . HOH F 4 .  ? -5.769  7.972   -8.665  1.00 51.38  ? 317 HOH C O     1 
HETATM 1275 O O     . HOH F 4 .  ? 6.620   -7.724  7.939   1.00 56.15  ? 321 HOH C O     1 
HETATM 1276 O O     . HOH F 4 .  ? 3.001   -11.382 3.481   1.00 59.22  ? 325 HOH C O     1 
HETATM 1277 O O     . HOH F 4 .  ? -9.477  -11.503 0.801   1.00 46.13  ? 327 HOH C O     1 
HETATM 1278 O O     . HOH F 4 .  ? 10.712  -3.443  2.937   1.00 63.00  ? 330 HOH C O     1 
HETATM 1279 O O     . HOH F 4 .  ? 3.824   -9.645  -6.796  1.00 35.03  ? 331 HOH C O     1 
HETATM 1280 O O     . HOH F 4 .  ? 8.329   3.645   -5.455  1.00 47.12  ? 335 HOH C O     1 
HETATM 1281 O O     . HOH F 4 .  ? -2.542  6.979   -2.581  1.00 52.87  ? 337 HOH C O     1 
HETATM 1282 O O     . HOH F 4 .  ? -8.881  -13.059 -8.954  1.00 65.17  ? 338 HOH C O     1 
HETATM 1283 O O     . HOH F 4 .  ? 5.967   5.110   -4.302  1.00 49.44  ? 340 HOH C O     1 
HETATM 1284 O O     . HOH F 4 .  ? -2.804  -12.995 -1.301  1.00 66.93  ? 342 HOH C O     1 
HETATM 1285 O O     . HOH F 4 .  ? -9.890  6.667   -9.820  1.00 57.60  ? 347 HOH C O     1 
HETATM 1286 O O     . HOH F 4 .  ? 12.696  -2.365  0.300   1.00 63.33  ? 348 HOH C O     1 
HETATM 1287 O O     . HOH F 4 .  ? -6.237  -12.773 -5.350  1.00 71.38  ? 349 HOH C O     1 
# 
